data_8BZQ
# 
_entry.id   8BZQ 
# 
_audit_conform.dict_name       mmcif_pdbx.dic 
_audit_conform.dict_version    5.397 
_audit_conform.dict_location   http://mmcif.pdb.org/dictionaries/ascii/mmcif_pdbx.dic 
# 
loop_
_database_2.database_id 
_database_2.database_code 
_database_2.pdbx_database_accession 
_database_2.pdbx_DOI 
PDB   8BZQ         pdb_00008bzq 10.2210/pdb8bzq/pdb 
WWPDB D_1292127488 ?            ?                   
# 
loop_
_pdbx_audit_revision_history.ordinal 
_pdbx_audit_revision_history.data_content_type 
_pdbx_audit_revision_history.major_revision 
_pdbx_audit_revision_history.minor_revision 
_pdbx_audit_revision_history.revision_date 
1 'Structure model' 1 0 2023-11-22 
2 'Structure model' 1 1 2024-02-14 
3 'Structure model' 1 2 2024-03-13 
4 'Structure model' 1 3 2024-10-23 
# 
_pdbx_audit_revision_details.ordinal             1 
_pdbx_audit_revision_details.revision_ordinal    1 
_pdbx_audit_revision_details.data_content_type   'Structure model' 
_pdbx_audit_revision_details.provider            repository 
_pdbx_audit_revision_details.type                'Initial release' 
_pdbx_audit_revision_details.description         ? 
_pdbx_audit_revision_details.details             ? 
# 
loop_
_pdbx_audit_revision_group.ordinal 
_pdbx_audit_revision_group.revision_ordinal 
_pdbx_audit_revision_group.data_content_type 
_pdbx_audit_revision_group.group 
1 2 'Structure model' 'Database references' 
2 3 'Structure model' 'Database references' 
3 4 'Structure model' 'Structure summary'   
# 
loop_
_pdbx_audit_revision_category.ordinal 
_pdbx_audit_revision_category.revision_ordinal 
_pdbx_audit_revision_category.data_content_type 
_pdbx_audit_revision_category.category 
1 2 'Structure model' citation                  
2 2 'Structure model' citation_author           
3 3 'Structure model' citation                  
4 4 'Structure model' pdbx_entry_details        
5 4 'Structure model' pdbx_modification_feature 
# 
loop_
_pdbx_audit_revision_item.ordinal 
_pdbx_audit_revision_item.revision_ordinal 
_pdbx_audit_revision_item.data_content_type 
_pdbx_audit_revision_item.item 
1  2 'Structure model' '_citation.country'                 
2  2 'Structure model' '_citation.journal_abbrev'          
3  2 'Structure model' '_citation.journal_id_CSD'          
4  2 'Structure model' '_citation.journal_id_ISSN'         
5  2 'Structure model' '_citation.pdbx_database_id_DOI'    
6  2 'Structure model' '_citation.pdbx_database_id_PubMed' 
7  2 'Structure model' '_citation.title'                   
8  2 'Structure model' '_citation.year'                    
9  3 'Structure model' '_citation.journal_volume'          
10 3 'Structure model' '_citation.page_first'              
11 3 'Structure model' '_citation.page_last'               
# 
_pdbx_database_status.status_code                     REL 
_pdbx_database_status.status_code_sf                  REL 
_pdbx_database_status.status_code_mr                  ? 
_pdbx_database_status.entry_id                        8BZQ 
_pdbx_database_status.recvd_initial_deposition_date   2022-12-15 
_pdbx_database_status.SG_entry                        N 
_pdbx_database_status.deposit_site                    PDBE 
_pdbx_database_status.process_site                    PDBE 
_pdbx_database_status.status_code_cs                  ? 
_pdbx_database_status.status_code_nmr_data            ? 
_pdbx_database_status.methods_development_category    ? 
_pdbx_database_status.pdb_format_compatible           Y 
# 
_pdbx_contact_author.id                 2 
_pdbx_contact_author.email              jerry.stahlberg@slu.se 
_pdbx_contact_author.name_first         Jerry 
_pdbx_contact_author.name_last          Stahlberg 
_pdbx_contact_author.name_mi            ? 
_pdbx_contact_author.role               'principal investigator/group leader' 
_pdbx_contact_author.identifier_ORCID   0000-0003-4059-8580 
# 
loop_
_audit_author.name 
_audit_author.pdbx_ordinal 
_audit_author.identifier_ORCID 
'Okmane, L.'    1 0000-0001-8260-6230 
'Fitkin, L.'    2 ?                   
'Stahlberg, J.' 3 0000-0003-4059-8580 
# 
_citation.abstract                  ? 
_citation.abstract_id_CAS           ? 
_citation.book_id_ISBN              ? 
_citation.book_publisher            ? 
_citation.book_publisher_city       ? 
_citation.book_title                ? 
_citation.coordinate_linkage        ? 
_citation.country                   NE 
_citation.database_id_Medline       ? 
_citation.details                   ? 
_citation.id                        primary 
_citation.journal_abbrev            'Febs Open Bio' 
_citation.journal_id_ASTM           ? 
_citation.journal_id_CSD            ? 
_citation.journal_id_ISSN           2211-5463 
_citation.journal_full              ? 
_citation.journal_issue             ? 
_citation.journal_volume            14 
_citation.language                  ? 
_citation.page_first                505 
_citation.page_last                 514 
_citation.title                     
'The first crystal structure of a family 45 glycoside hydrolase from a brown-rot fungus, Gloeophyllum trabeum GtCel45A.' 
_citation.year                      2024 
_citation.database_id_CSD           ? 
_citation.pdbx_database_id_DOI      10.1002/2211-5463.13774 
_citation.pdbx_database_id_PubMed   38311343 
_citation.pdbx_database_id_patent   ? 
_citation.unpublished_flag          ? 
# 
loop_
_citation_author.citation_id 
_citation_author.name 
_citation_author.ordinal 
_citation_author.identifier_ORCID 
primary 'Okmane, L.'    1 0000-0001-8260-6230 
primary 'Fitkin, L.'    2 ?                   
primary 'Sandgren, M.'  3 ?                   
primary 'Stahlberg, J.' 4 0000-0003-4059-8580 
# 
loop_
_entity.id 
_entity.type 
_entity.src_method 
_entity.pdbx_description 
_entity.formula_weight 
_entity.pdbx_number_of_molecules 
_entity.pdbx_ec 
_entity.pdbx_mutation 
_entity.pdbx_fragment 
_entity.details 
1 polymer man 'Endoglucanase V-like protein' 18392.844 1   ? ? ? ? 
2 water   nat water                          18.015    217 ? ? ? ? 
# 
_entity_poly.entity_id                      1 
_entity_poly.type                           'polypeptide(L)' 
_entity_poly.nstd_linkage                   no 
_entity_poly.nstd_monomer                   no 
_entity_poly.pdbx_seq_one_letter_code       
;LEERATGGYVQNPSGSASFTMYSGCGSPACGETASGYTAAMNQLSFGAGPGAGAGDACGRCFALTGTADPYSPSYTGPFH
TIVVKVTDLCPVAGNQEWCGQTTSNPNNQHGEPVHFDICEDTGGAGAFFPSGHGALTGTYREVSCSQWSGSDGSPLWTGA
CLSGESAANWPSTACGNKGTAPS
;
_entity_poly.pdbx_seq_one_letter_code_can   
;LEERATGGYVQNPSGSASFTMYSGCGSPACGETASGYTAAMNQLSFGAGPGAGAGDACGRCFALTGTADPYSPSYTGPFH
TIVVKVTDLCPVAGNQEWCGQTTSNPNNQHGEPVHFDICEDTGGAGAFFPSGHGALTGTYREVSCSQWSGSDGSPLWTGA
CLSGESAANWPSTACGNKGTAPS
;
_entity_poly.pdbx_strand_id                 A 
_entity_poly.pdbx_target_identifier         ? 
# 
_pdbx_entity_nonpoly.entity_id   2 
_pdbx_entity_nonpoly.name        water 
_pdbx_entity_nonpoly.comp_id     HOH 
# 
loop_
_entity_poly_seq.entity_id 
_entity_poly_seq.num 
_entity_poly_seq.mon_id 
_entity_poly_seq.hetero 
1 1   LEU n 
1 2   GLU n 
1 3   GLU n 
1 4   ARG n 
1 5   ALA n 
1 6   THR n 
1 7   GLY n 
1 8   GLY n 
1 9   TYR n 
1 10  VAL n 
1 11  GLN n 
1 12  ASN n 
1 13  PRO n 
1 14  SER n 
1 15  GLY n 
1 16  SER n 
1 17  ALA n 
1 18  SER n 
1 19  PHE n 
1 20  THR n 
1 21  MET n 
1 22  TYR n 
1 23  SER n 
1 24  GLY n 
1 25  CYS n 
1 26  GLY n 
1 27  SER n 
1 28  PRO n 
1 29  ALA n 
1 30  CYS n 
1 31  GLY n 
1 32  GLU n 
1 33  THR n 
1 34  ALA n 
1 35  SER n 
1 36  GLY n 
1 37  TYR n 
1 38  THR n 
1 39  ALA n 
1 40  ALA n 
1 41  MET n 
1 42  ASN n 
1 43  GLN n 
1 44  LEU n 
1 45  SER n 
1 46  PHE n 
1 47  GLY n 
1 48  ALA n 
1 49  GLY n 
1 50  PRO n 
1 51  GLY n 
1 52  ALA n 
1 53  GLY n 
1 54  ALA n 
1 55  GLY n 
1 56  ASP n 
1 57  ALA n 
1 58  CYS n 
1 59  GLY n 
1 60  ARG n 
1 61  CYS n 
1 62  PHE n 
1 63  ALA n 
1 64  LEU n 
1 65  THR n 
1 66  GLY n 
1 67  THR n 
1 68  ALA n 
1 69  ASP n 
1 70  PRO n 
1 71  TYR n 
1 72  SER n 
1 73  PRO n 
1 74  SER n 
1 75  TYR n 
1 76  THR n 
1 77  GLY n 
1 78  PRO n 
1 79  PHE n 
1 80  HIS n 
1 81  THR n 
1 82  ILE n 
1 83  VAL n 
1 84  VAL n 
1 85  LYS n 
1 86  VAL n 
1 87  THR n 
1 88  ASP n 
1 89  LEU n 
1 90  CYS n 
1 91  PRO n 
1 92  VAL n 
1 93  ALA n 
1 94  GLY n 
1 95  ASN n 
1 96  GLN n 
1 97  GLU n 
1 98  TRP n 
1 99  CYS n 
1 100 GLY n 
1 101 GLN n 
1 102 THR n 
1 103 THR n 
1 104 SER n 
1 105 ASN n 
1 106 PRO n 
1 107 ASN n 
1 108 ASN n 
1 109 GLN n 
1 110 HIS n 
1 111 GLY n 
1 112 GLU n 
1 113 PRO n 
1 114 VAL n 
1 115 HIS n 
1 116 PHE n 
1 117 ASP n 
1 118 ILE n 
1 119 CYS n 
1 120 GLU n 
1 121 ASP n 
1 122 THR n 
1 123 GLY n 
1 124 GLY n 
1 125 ALA n 
1 126 GLY n 
1 127 ALA n 
1 128 PHE n 
1 129 PHE n 
1 130 PRO n 
1 131 SER n 
1 132 GLY n 
1 133 HIS n 
1 134 GLY n 
1 135 ALA n 
1 136 LEU n 
1 137 THR n 
1 138 GLY n 
1 139 THR n 
1 140 TYR n 
1 141 ARG n 
1 142 GLU n 
1 143 VAL n 
1 144 SER n 
1 145 CYS n 
1 146 SER n 
1 147 GLN n 
1 148 TRP n 
1 149 SER n 
1 150 GLY n 
1 151 SER n 
1 152 ASP n 
1 153 GLY n 
1 154 SER n 
1 155 PRO n 
1 156 LEU n 
1 157 TRP n 
1 158 THR n 
1 159 GLY n 
1 160 ALA n 
1 161 CYS n 
1 162 LEU n 
1 163 SER n 
1 164 GLY n 
1 165 GLU n 
1 166 SER n 
1 167 ALA n 
1 168 ALA n 
1 169 ASN n 
1 170 TRP n 
1 171 PRO n 
1 172 SER n 
1 173 THR n 
1 174 ALA n 
1 175 CYS n 
1 176 GLY n 
1 177 ASN n 
1 178 LYS n 
1 179 GLY n 
1 180 THR n 
1 181 ALA n 
1 182 PRO n 
1 183 SER n 
# 
_entity_src_gen.entity_id                          1 
_entity_src_gen.pdbx_src_id                        1 
_entity_src_gen.pdbx_alt_source_flag               sample 
_entity_src_gen.pdbx_seq_type                      'Biological sequence' 
_entity_src_gen.pdbx_beg_seq_num                   1 
_entity_src_gen.pdbx_end_seq_num                   183 
_entity_src_gen.gene_src_common_name               ? 
_entity_src_gen.gene_src_genus                     ? 
_entity_src_gen.pdbx_gene_src_gene                 GLOTRDRAFT_59933 
_entity_src_gen.gene_src_species                   ? 
_entity_src_gen.gene_src_strain                    ? 
_entity_src_gen.gene_src_tissue                    ? 
_entity_src_gen.gene_src_tissue_fraction           ? 
_entity_src_gen.gene_src_details                   ? 
_entity_src_gen.pdbx_gene_src_fragment             ? 
_entity_src_gen.pdbx_gene_src_scientific_name      'Gloeophyllum trabeum ATCC 11539' 
_entity_src_gen.pdbx_gene_src_ncbi_taxonomy_id     670483 
_entity_src_gen.pdbx_gene_src_variant              ? 
_entity_src_gen.pdbx_gene_src_cell_line            ? 
_entity_src_gen.pdbx_gene_src_atcc                 11539 
_entity_src_gen.pdbx_gene_src_organ                ? 
_entity_src_gen.pdbx_gene_src_organelle            ? 
_entity_src_gen.pdbx_gene_src_cell                 ? 
_entity_src_gen.pdbx_gene_src_cellular_location    ? 
_entity_src_gen.host_org_common_name               ? 
_entity_src_gen.pdbx_host_org_scientific_name      'Aspergillus nidulans' 
_entity_src_gen.pdbx_host_org_ncbi_taxonomy_id     162425 
_entity_src_gen.host_org_genus                     ? 
_entity_src_gen.pdbx_host_org_gene                 ? 
_entity_src_gen.pdbx_host_org_organ                ? 
_entity_src_gen.host_org_species                   ? 
_entity_src_gen.pdbx_host_org_tissue               ? 
_entity_src_gen.pdbx_host_org_tissue_fraction      ? 
_entity_src_gen.pdbx_host_org_strain               A773 
_entity_src_gen.pdbx_host_org_variant              ? 
_entity_src_gen.pdbx_host_org_cell_line            ? 
_entity_src_gen.pdbx_host_org_atcc                 ? 
_entity_src_gen.pdbx_host_org_culture_collection   ? 
_entity_src_gen.pdbx_host_org_cell                 ? 
_entity_src_gen.pdbx_host_org_organelle            ? 
_entity_src_gen.pdbx_host_org_cellular_location    ? 
_entity_src_gen.pdbx_host_org_vector_type          ? 
_entity_src_gen.pdbx_host_org_vector               ? 
_entity_src_gen.host_org_details                   ? 
_entity_src_gen.expression_system_id               ? 
_entity_src_gen.plasmid_name                       ? 
_entity_src_gen.plasmid_details                    ? 
_entity_src_gen.pdbx_description                   ? 
# 
loop_
_chem_comp.id 
_chem_comp.type 
_chem_comp.mon_nstd_flag 
_chem_comp.name 
_chem_comp.pdbx_synonyms 
_chem_comp.formula 
_chem_comp.formula_weight 
ALA 'L-peptide linking' y ALANINE         ? 'C3 H7 N O2'     89.093  
ARG 'L-peptide linking' y ARGININE        ? 'C6 H15 N4 O2 1' 175.209 
ASN 'L-peptide linking' y ASPARAGINE      ? 'C4 H8 N2 O3'    132.118 
ASP 'L-peptide linking' y 'ASPARTIC ACID' ? 'C4 H7 N O4'     133.103 
CYS 'L-peptide linking' y CYSTEINE        ? 'C3 H7 N O2 S'   121.158 
GLN 'L-peptide linking' y GLUTAMINE       ? 'C5 H10 N2 O3'   146.144 
GLU 'L-peptide linking' y 'GLUTAMIC ACID' ? 'C5 H9 N O4'     147.129 
GLY 'peptide linking'   y GLYCINE         ? 'C2 H5 N O2'     75.067  
HIS 'L-peptide linking' y HISTIDINE       ? 'C6 H10 N3 O2 1' 156.162 
HOH non-polymer         . WATER           ? 'H2 O'           18.015  
ILE 'L-peptide linking' y ISOLEUCINE      ? 'C6 H13 N O2'    131.173 
LEU 'L-peptide linking' y LEUCINE         ? 'C6 H13 N O2'    131.173 
LYS 'L-peptide linking' y LYSINE          ? 'C6 H15 N2 O2 1' 147.195 
MET 'L-peptide linking' y METHIONINE      ? 'C5 H11 N O2 S'  149.211 
PHE 'L-peptide linking' y PHENYLALANINE   ? 'C9 H11 N O2'    165.189 
PRO 'L-peptide linking' y PROLINE         ? 'C5 H9 N O2'     115.130 
SER 'L-peptide linking' y SERINE          ? 'C3 H7 N O3'     105.093 
THR 'L-peptide linking' y THREONINE       ? 'C4 H9 N O3'     119.119 
TRP 'L-peptide linking' y TRYPTOPHAN      ? 'C11 H12 N2 O2'  204.225 
TYR 'L-peptide linking' y TYROSINE        ? 'C9 H11 N O3'    181.189 
VAL 'L-peptide linking' y VALINE          ? 'C5 H11 N O2'    117.146 
# 
loop_
_pdbx_poly_seq_scheme.asym_id 
_pdbx_poly_seq_scheme.entity_id 
_pdbx_poly_seq_scheme.seq_id 
_pdbx_poly_seq_scheme.mon_id 
_pdbx_poly_seq_scheme.ndb_seq_num 
_pdbx_poly_seq_scheme.pdb_seq_num 
_pdbx_poly_seq_scheme.auth_seq_num 
_pdbx_poly_seq_scheme.pdb_mon_id 
_pdbx_poly_seq_scheme.auth_mon_id 
_pdbx_poly_seq_scheme.pdb_strand_id 
_pdbx_poly_seq_scheme.pdb_ins_code 
_pdbx_poly_seq_scheme.hetero 
A 1 1   LEU 1   1   ?   ?   ?   A . n 
A 1 2   GLU 2   2   ?   ?   ?   A . n 
A 1 3   GLU 3   3   ?   ?   ?   A . n 
A 1 4   ARG 4   4   ?   ?   ?   A . n 
A 1 5   ALA 5   5   5   ALA ALA A . n 
A 1 6   THR 6   6   6   THR THR A . n 
A 1 7   GLY 7   7   7   GLY GLY A . n 
A 1 8   GLY 8   8   8   GLY GLY A . n 
A 1 9   TYR 9   9   9   TYR TYR A . n 
A 1 10  VAL 10  10  10  VAL VAL A . n 
A 1 11  GLN 11  11  11  GLN GLN A . n 
A 1 12  ASN 12  12  12  ASN ASN A . n 
A 1 13  PRO 13  13  13  PRO PRO A . n 
A 1 14  SER 14  14  14  SER SER A . n 
A 1 15  GLY 15  15  15  GLY GLY A . n 
A 1 16  SER 16  16  16  SER SER A . n 
A 1 17  ALA 17  17  17  ALA ALA A . n 
A 1 18  SER 18  18  18  SER SER A . n 
A 1 19  PHE 19  19  19  PHE PHE A . n 
A 1 20  THR 20  20  20  THR THR A . n 
A 1 21  MET 21  21  21  MET MET A . n 
A 1 22  TYR 22  22  22  TYR TYR A . n 
A 1 23  SER 23  23  23  SER SER A . n 
A 1 24  GLY 24  24  24  GLY GLY A . n 
A 1 25  CYS 25  25  25  CYS CYS A . n 
A 1 26  GLY 26  26  26  GLY GLY A . n 
A 1 27  SER 27  27  27  SER SER A . n 
A 1 28  PRO 28  28  28  PRO PRO A . n 
A 1 29  ALA 29  29  29  ALA ALA A . n 
A 1 30  CYS 30  30  30  CYS CYS A . n 
A 1 31  GLY 31  31  31  GLY GLY A . n 
A 1 32  GLU 32  32  32  GLU GLU A . n 
A 1 33  THR 33  33  33  THR THR A . n 
A 1 34  ALA 34  34  34  ALA ALA A . n 
A 1 35  SER 35  35  35  SER SER A . n 
A 1 36  GLY 36  36  36  GLY GLY A . n 
A 1 37  TYR 37  37  37  TYR TYR A . n 
A 1 38  THR 38  38  38  THR THR A . n 
A 1 39  ALA 39  39  39  ALA ALA A . n 
A 1 40  ALA 40  40  40  ALA ALA A . n 
A 1 41  MET 41  41  41  MET MET A . n 
A 1 42  ASN 42  42  42  ASN ASN A . n 
A 1 43  GLN 43  43  43  GLN GLN A . n 
A 1 44  LEU 44  44  44  LEU LEU A . n 
A 1 45  SER 45  45  45  SER SER A . n 
A 1 46  PHE 46  46  46  PHE PHE A . n 
A 1 47  GLY 47  47  47  GLY GLY A . n 
A 1 48  ALA 48  48  48  ALA ALA A . n 
A 1 49  GLY 49  49  49  GLY GLY A . n 
A 1 50  PRO 50  50  50  PRO PRO A . n 
A 1 51  GLY 51  51  51  GLY GLY A . n 
A 1 52  ALA 52  52  52  ALA ALA A . n 
A 1 53  GLY 53  53  53  GLY GLY A . n 
A 1 54  ALA 54  54  54  ALA ALA A . n 
A 1 55  GLY 55  55  55  GLY GLY A . n 
A 1 56  ASP 56  56  56  ASP ASP A . n 
A 1 57  ALA 57  57  57  ALA ALA A . n 
A 1 58  CYS 58  58  58  CYS CYS A . n 
A 1 59  GLY 59  59  59  GLY GLY A . n 
A 1 60  ARG 60  60  60  ARG ARG A . n 
A 1 61  CYS 61  61  61  CYS CYS A . n 
A 1 62  PHE 62  62  62  PHE PHE A . n 
A 1 63  ALA 63  63  63  ALA ALA A . n 
A 1 64  LEU 64  64  64  LEU LEU A . n 
A 1 65  THR 65  65  65  THR THR A . n 
A 1 66  GLY 66  66  66  GLY GLY A . n 
A 1 67  THR 67  67  67  THR THR A . n 
A 1 68  ALA 68  68  68  ALA ALA A . n 
A 1 69  ASP 69  69  69  ASP ASP A . n 
A 1 70  PRO 70  70  70  PRO PRO A . n 
A 1 71  TYR 71  71  71  TYR TYR A . n 
A 1 72  SER 72  72  72  SER SER A . n 
A 1 73  PRO 73  73  73  PRO PRO A . n 
A 1 74  SER 74  74  74  SER SER A . n 
A 1 75  TYR 75  75  75  TYR TYR A . n 
A 1 76  THR 76  76  76  THR THR A . n 
A 1 77  GLY 77  77  77  GLY GLY A . n 
A 1 78  PRO 78  78  78  PRO PRO A . n 
A 1 79  PHE 79  79  79  PHE PHE A . n 
A 1 80  HIS 80  80  80  HIS HIS A . n 
A 1 81  THR 81  81  81  THR THR A . n 
A 1 82  ILE 82  82  82  ILE ILE A . n 
A 1 83  VAL 83  83  83  VAL VAL A . n 
A 1 84  VAL 84  84  84  VAL VAL A . n 
A 1 85  LYS 85  85  85  LYS LYS A . n 
A 1 86  VAL 86  86  86  VAL VAL A . n 
A 1 87  THR 87  87  87  THR THR A . n 
A 1 88  ASP 88  88  88  ASP ASP A . n 
A 1 89  LEU 89  89  89  LEU LEU A . n 
A 1 90  CYS 90  90  90  CYS CYS A . n 
A 1 91  PRO 91  91  91  PRO PRO A . n 
A 1 92  VAL 92  92  92  VAL VAL A . n 
A 1 93  ALA 93  93  93  ALA ALA A . n 
A 1 94  GLY 94  94  94  GLY GLY A . n 
A 1 95  ASN 95  95  95  ASN ASN A . n 
A 1 96  GLN 96  96  96  GLN GLN A . n 
A 1 97  GLU 97  97  97  GLU GLU A . n 
A 1 98  TRP 98  98  98  TRP TRP A . n 
A 1 99  CYS 99  99  99  CYS CYS A . n 
A 1 100 GLY 100 100 100 GLY GLY A . n 
A 1 101 GLN 101 101 101 GLN GLN A . n 
A 1 102 THR 102 102 102 THR THR A . n 
A 1 103 THR 103 103 103 THR THR A . n 
A 1 104 SER 104 104 104 SER SER A . n 
A 1 105 ASN 105 105 105 ASN ASN A . n 
A 1 106 PRO 106 106 106 PRO PRO A . n 
A 1 107 ASN 107 107 107 ASN ASN A . n 
A 1 108 ASN 108 108 108 ASN ASN A . n 
A 1 109 GLN 109 109 109 GLN GLN A . n 
A 1 110 HIS 110 110 110 HIS HIS A . n 
A 1 111 GLY 111 111 111 GLY GLY A . n 
A 1 112 GLU 112 112 112 GLU GLU A . n 
A 1 113 PRO 113 113 113 PRO PRO A . n 
A 1 114 VAL 114 114 114 VAL VAL A . n 
A 1 115 HIS 115 115 115 HIS HIS A . n 
A 1 116 PHE 116 116 116 PHE PHE A . n 
A 1 117 ASP 117 117 117 ASP ASP A . n 
A 1 118 ILE 118 118 118 ILE ILE A . n 
A 1 119 CYS 119 119 119 CYS CYS A . n 
A 1 120 GLU 120 120 120 GLU GLU A . n 
A 1 121 ASP 121 121 121 ASP ASP A . n 
A 1 122 THR 122 122 122 THR THR A . n 
A 1 123 GLY 123 123 123 GLY GLY A . n 
A 1 124 GLY 124 124 124 GLY GLY A . n 
A 1 125 ALA 125 125 125 ALA ALA A . n 
A 1 126 GLY 126 126 126 GLY GLY A . n 
A 1 127 ALA 127 127 127 ALA ALA A . n 
A 1 128 PHE 128 128 128 PHE PHE A . n 
A 1 129 PHE 129 129 129 PHE PHE A . n 
A 1 130 PRO 130 130 130 PRO PRO A . n 
A 1 131 SER 131 131 131 SER SER A . n 
A 1 132 GLY 132 132 132 GLY GLY A . n 
A 1 133 HIS 133 133 133 HIS HIS A . n 
A 1 134 GLY 134 134 134 GLY GLY A . n 
A 1 135 ALA 135 135 135 ALA ALA A . n 
A 1 136 LEU 136 136 136 LEU LEU A . n 
A 1 137 THR 137 137 137 THR THR A . n 
A 1 138 GLY 138 138 138 GLY GLY A . n 
A 1 139 THR 139 139 139 THR THR A . n 
A 1 140 TYR 140 140 140 TYR TYR A . n 
A 1 141 ARG 141 141 141 ARG ARG A . n 
A 1 142 GLU 142 142 142 GLU GLU A . n 
A 1 143 VAL 143 143 143 VAL VAL A . n 
A 1 144 SER 144 144 144 SER SER A . n 
A 1 145 CYS 145 145 145 CYS CYS A . n 
A 1 146 SER 146 146 146 SER SER A . n 
A 1 147 GLN 147 147 147 GLN GLN A . n 
A 1 148 TRP 148 148 148 TRP TRP A . n 
A 1 149 SER 149 149 149 SER SER A . n 
A 1 150 GLY 150 150 150 GLY GLY A . n 
A 1 151 SER 151 151 151 SER SER A . n 
A 1 152 ASP 152 152 152 ASP ASP A . n 
A 1 153 GLY 153 153 153 GLY GLY A . n 
A 1 154 SER 154 154 154 SER SER A . n 
A 1 155 PRO 155 155 155 PRO PRO A . n 
A 1 156 LEU 156 156 156 LEU LEU A . n 
A 1 157 TRP 157 157 157 TRP TRP A . n 
A 1 158 THR 158 158 158 THR THR A . n 
A 1 159 GLY 159 159 159 GLY GLY A . n 
A 1 160 ALA 160 160 160 ALA ALA A . n 
A 1 161 CYS 161 161 161 CYS CYS A . n 
A 1 162 LEU 162 162 162 LEU LEU A . n 
A 1 163 SER 163 163 163 SER SER A . n 
A 1 164 GLY 164 164 164 GLY GLY A . n 
A 1 165 GLU 165 165 165 GLU GLU A . n 
A 1 166 SER 166 166 166 SER SER A . n 
A 1 167 ALA 167 167 167 ALA ALA A . n 
A 1 168 ALA 168 168 168 ALA ALA A . n 
A 1 169 ASN 169 169 169 ASN ASN A . n 
A 1 170 TRP 170 170 170 TRP TRP A . n 
A 1 171 PRO 171 171 171 PRO PRO A . n 
A 1 172 SER 172 172 172 SER SER A . n 
A 1 173 THR 173 173 173 THR THR A . n 
A 1 174 ALA 174 174 174 ALA ALA A . n 
A 1 175 CYS 175 175 175 CYS CYS A . n 
A 1 176 GLY 176 176 176 GLY GLY A . n 
A 1 177 ASN 177 177 177 ASN ASN A . n 
A 1 178 LYS 178 178 178 LYS LYS A . n 
A 1 179 GLY 179 179 179 GLY GLY A . n 
A 1 180 THR 180 180 180 THR THR A . n 
A 1 181 ALA 181 181 181 ALA ALA A . n 
A 1 182 PRO 182 182 182 PRO PRO A . n 
A 1 183 SER 183 183 183 SER SER A . n 
# 
loop_
_pdbx_nonpoly_scheme.asym_id 
_pdbx_nonpoly_scheme.entity_id 
_pdbx_nonpoly_scheme.mon_id 
_pdbx_nonpoly_scheme.ndb_seq_num 
_pdbx_nonpoly_scheme.pdb_seq_num 
_pdbx_nonpoly_scheme.auth_seq_num 
_pdbx_nonpoly_scheme.pdb_mon_id 
_pdbx_nonpoly_scheme.auth_mon_id 
_pdbx_nonpoly_scheme.pdb_strand_id 
_pdbx_nonpoly_scheme.pdb_ins_code 
B 2 HOH 1   201 218 HOH HOH A . 
B 2 HOH 2   202 79  HOH HOH A . 
B 2 HOH 3   203 142 HOH HOH A . 
B 2 HOH 4   204 210 HOH HOH A . 
B 2 HOH 5   205 112 HOH HOH A . 
B 2 HOH 6   206 67  HOH HOH A . 
B 2 HOH 7   207 187 HOH HOH A . 
B 2 HOH 8   208 96  HOH HOH A . 
B 2 HOH 9   209 88  HOH HOH A . 
B 2 HOH 10  210 201 HOH HOH A . 
B 2 HOH 11  211 167 HOH HOH A . 
B 2 HOH 12  212 157 HOH HOH A . 
B 2 HOH 13  213 99  HOH HOH A . 
B 2 HOH 14  214 145 HOH HOH A . 
B 2 HOH 15  215 56  HOH HOH A . 
B 2 HOH 16  216 180 HOH HOH A . 
B 2 HOH 17  217 43  HOH HOH A . 
B 2 HOH 18  218 72  HOH HOH A . 
B 2 HOH 19  219 158 HOH HOH A . 
B 2 HOH 20  220 61  HOH HOH A . 
B 2 HOH 21  221 39  HOH HOH A . 
B 2 HOH 22  222 149 HOH HOH A . 
B 2 HOH 23  223 78  HOH HOH A . 
B 2 HOH 24  224 35  HOH HOH A . 
B 2 HOH 25  225 119 HOH HOH A . 
B 2 HOH 26  226 191 HOH HOH A . 
B 2 HOH 27  227 16  HOH HOH A . 
B 2 HOH 28  228 182 HOH HOH A . 
B 2 HOH 29  229 73  HOH HOH A . 
B 2 HOH 30  230 62  HOH HOH A . 
B 2 HOH 31  231 41  HOH HOH A . 
B 2 HOH 32  232 5   HOH HOH A . 
B 2 HOH 33  233 84  HOH HOH A . 
B 2 HOH 34  234 55  HOH HOH A . 
B 2 HOH 35  235 214 HOH HOH A . 
B 2 HOH 36  236 202 HOH HOH A . 
B 2 HOH 37  237 110 HOH HOH A . 
B 2 HOH 38  238 18  HOH HOH A . 
B 2 HOH 39  239 11  HOH HOH A . 
B 2 HOH 40  240 2   HOH HOH A . 
B 2 HOH 41  241 148 HOH HOH A . 
B 2 HOH 42  242 19  HOH HOH A . 
B 2 HOH 43  243 139 HOH HOH A . 
B 2 HOH 44  244 7   HOH HOH A . 
B 2 HOH 45  245 211 HOH HOH A . 
B 2 HOH 46  246 216 HOH HOH A . 
B 2 HOH 47  247 3   HOH HOH A . 
B 2 HOH 48  248 21  HOH HOH A . 
B 2 HOH 49  249 48  HOH HOH A . 
B 2 HOH 50  250 23  HOH HOH A . 
B 2 HOH 51  251 135 HOH HOH A . 
B 2 HOH 52  252 10  HOH HOH A . 
B 2 HOH 53  253 33  HOH HOH A . 
B 2 HOH 54  254 106 HOH HOH A . 
B 2 HOH 55  255 57  HOH HOH A . 
B 2 HOH 56  256 44  HOH HOH A . 
B 2 HOH 57  257 60  HOH HOH A . 
B 2 HOH 58  258 42  HOH HOH A . 
B 2 HOH 59  259 75  HOH HOH A . 
B 2 HOH 60  260 13  HOH HOH A . 
B 2 HOH 61  261 36  HOH HOH A . 
B 2 HOH 62  262 20  HOH HOH A . 
B 2 HOH 63  263 81  HOH HOH A . 
B 2 HOH 64  264 1   HOH HOH A . 
B 2 HOH 65  265 50  HOH HOH A . 
B 2 HOH 66  266 170 HOH HOH A . 
B 2 HOH 67  267 117 HOH HOH A . 
B 2 HOH 68  268 9   HOH HOH A . 
B 2 HOH 69  269 128 HOH HOH A . 
B 2 HOH 70  270 147 HOH HOH A . 
B 2 HOH 71  271 4   HOH HOH A . 
B 2 HOH 72  272 17  HOH HOH A . 
B 2 HOH 73  273 66  HOH HOH A . 
B 2 HOH 74  274 30  HOH HOH A . 
B 2 HOH 75  275 25  HOH HOH A . 
B 2 HOH 76  276 49  HOH HOH A . 
B 2 HOH 77  277 177 HOH HOH A . 
B 2 HOH 78  278 14  HOH HOH A . 
B 2 HOH 79  279 12  HOH HOH A . 
B 2 HOH 80  280 146 HOH HOH A . 
B 2 HOH 81  281 29  HOH HOH A . 
B 2 HOH 82  282 123 HOH HOH A . 
B 2 HOH 83  283 15  HOH HOH A . 
B 2 HOH 84  284 124 HOH HOH A . 
B 2 HOH 85  285 6   HOH HOH A . 
B 2 HOH 86  286 31  HOH HOH A . 
B 2 HOH 87  287 94  HOH HOH A . 
B 2 HOH 88  288 77  HOH HOH A . 
B 2 HOH 89  289 74  HOH HOH A . 
B 2 HOH 90  290 141 HOH HOH A . 
B 2 HOH 91  291 161 HOH HOH A . 
B 2 HOH 92  292 190 HOH HOH A . 
B 2 HOH 93  293 28  HOH HOH A . 
B 2 HOH 94  294 68  HOH HOH A . 
B 2 HOH 95  295 46  HOH HOH A . 
B 2 HOH 96  296 136 HOH HOH A . 
B 2 HOH 97  297 8   HOH HOH A . 
B 2 HOH 98  298 87  HOH HOH A . 
B 2 HOH 99  299 54  HOH HOH A . 
B 2 HOH 100 300 24  HOH HOH A . 
B 2 HOH 101 301 166 HOH HOH A . 
B 2 HOH 102 302 101 HOH HOH A . 
B 2 HOH 103 303 122 HOH HOH A . 
B 2 HOH 104 304 40  HOH HOH A . 
B 2 HOH 105 305 163 HOH HOH A . 
B 2 HOH 106 306 97  HOH HOH A . 
B 2 HOH 107 307 204 HOH HOH A . 
B 2 HOH 108 308 130 HOH HOH A . 
B 2 HOH 109 309 82  HOH HOH A . 
B 2 HOH 110 310 154 HOH HOH A . 
B 2 HOH 111 311 143 HOH HOH A . 
B 2 HOH 112 312 59  HOH HOH A . 
B 2 HOH 113 313 34  HOH HOH A . 
B 2 HOH 114 314 203 HOH HOH A . 
B 2 HOH 115 315 111 HOH HOH A . 
B 2 HOH 116 316 193 HOH HOH A . 
B 2 HOH 117 317 89  HOH HOH A . 
B 2 HOH 118 318 63  HOH HOH A . 
B 2 HOH 119 319 32  HOH HOH A . 
B 2 HOH 120 320 53  HOH HOH A . 
B 2 HOH 121 321 160 HOH HOH A . 
B 2 HOH 122 322 70  HOH HOH A . 
B 2 HOH 123 323 156 HOH HOH A . 
B 2 HOH 124 324 140 HOH HOH A . 
B 2 HOH 125 325 92  HOH HOH A . 
B 2 HOH 126 326 85  HOH HOH A . 
B 2 HOH 127 327 83  HOH HOH A . 
B 2 HOH 128 328 105 HOH HOH A . 
B 2 HOH 129 329 113 HOH HOH A . 
B 2 HOH 130 330 108 HOH HOH A . 
B 2 HOH 131 331 47  HOH HOH A . 
B 2 HOH 132 332 38  HOH HOH A . 
B 2 HOH 133 333 104 HOH HOH A . 
B 2 HOH 134 334 184 HOH HOH A . 
B 2 HOH 135 335 51  HOH HOH A . 
B 2 HOH 136 336 174 HOH HOH A . 
B 2 HOH 137 337 93  HOH HOH A . 
B 2 HOH 138 338 58  HOH HOH A . 
B 2 HOH 139 339 116 HOH HOH A . 
B 2 HOH 140 340 95  HOH HOH A . 
B 2 HOH 141 341 71  HOH HOH A . 
B 2 HOH 142 342 120 HOH HOH A . 
B 2 HOH 143 343 37  HOH HOH A . 
B 2 HOH 144 344 129 HOH HOH A . 
B 2 HOH 145 345 150 HOH HOH A . 
B 2 HOH 146 346 198 HOH HOH A . 
B 2 HOH 147 347 186 HOH HOH A . 
B 2 HOH 148 348 209 HOH HOH A . 
B 2 HOH 149 349 45  HOH HOH A . 
B 2 HOH 150 350 22  HOH HOH A . 
B 2 HOH 151 351 125 HOH HOH A . 
B 2 HOH 152 352 217 HOH HOH A . 
B 2 HOH 153 353 185 HOH HOH A . 
B 2 HOH 154 354 171 HOH HOH A . 
B 2 HOH 155 355 76  HOH HOH A . 
B 2 HOH 156 356 107 HOH HOH A . 
B 2 HOH 157 357 69  HOH HOH A . 
B 2 HOH 158 358 219 HOH HOH A . 
B 2 HOH 159 359 91  HOH HOH A . 
B 2 HOH 160 360 212 HOH HOH A . 
B 2 HOH 161 361 173 HOH HOH A . 
B 2 HOH 162 362 197 HOH HOH A . 
B 2 HOH 163 363 196 HOH HOH A . 
B 2 HOH 164 364 188 HOH HOH A . 
B 2 HOH 165 365 121 HOH HOH A . 
B 2 HOH 166 366 205 HOH HOH A . 
B 2 HOH 167 367 144 HOH HOH A . 
B 2 HOH 168 368 199 HOH HOH A . 
B 2 HOH 169 369 152 HOH HOH A . 
B 2 HOH 170 370 109 HOH HOH A . 
B 2 HOH 171 371 195 HOH HOH A . 
B 2 HOH 172 372 131 HOH HOH A . 
B 2 HOH 173 373 127 HOH HOH A . 
B 2 HOH 174 374 213 HOH HOH A . 
B 2 HOH 175 375 134 HOH HOH A . 
B 2 HOH 176 376 159 HOH HOH A . 
B 2 HOH 177 377 98  HOH HOH A . 
B 2 HOH 178 378 80  HOH HOH A . 
B 2 HOH 179 379 90  HOH HOH A . 
B 2 HOH 180 380 153 HOH HOH A . 
B 2 HOH 181 381 103 HOH HOH A . 
B 2 HOH 182 382 102 HOH HOH A . 
B 2 HOH 183 383 115 HOH HOH A . 
B 2 HOH 184 384 178 HOH HOH A . 
B 2 HOH 185 385 168 HOH HOH A . 
B 2 HOH 186 386 208 HOH HOH A . 
B 2 HOH 187 387 151 HOH HOH A . 
B 2 HOH 188 388 172 HOH HOH A . 
B 2 HOH 189 389 194 HOH HOH A . 
B 2 HOH 190 390 206 HOH HOH A . 
B 2 HOH 191 391 86  HOH HOH A . 
B 2 HOH 192 392 26  HOH HOH A . 
B 2 HOH 193 393 215 HOH HOH A . 
B 2 HOH 194 394 118 HOH HOH A . 
B 2 HOH 195 395 114 HOH HOH A . 
B 2 HOH 196 396 100 HOH HOH A . 
B 2 HOH 197 397 138 HOH HOH A . 
B 2 HOH 198 398 169 HOH HOH A . 
B 2 HOH 199 399 200 HOH HOH A . 
B 2 HOH 200 400 133 HOH HOH A . 
B 2 HOH 201 401 179 HOH HOH A . 
B 2 HOH 202 402 165 HOH HOH A . 
B 2 HOH 203 403 207 HOH HOH A . 
B 2 HOH 204 404 27  HOH HOH A . 
B 2 HOH 205 405 176 HOH HOH A . 
B 2 HOH 206 406 181 HOH HOH A . 
B 2 HOH 207 407 126 HOH HOH A . 
B 2 HOH 208 408 189 HOH HOH A . 
B 2 HOH 209 409 183 HOH HOH A . 
B 2 HOH 210 410 162 HOH HOH A . 
B 2 HOH 211 411 52  HOH HOH A . 
B 2 HOH 212 412 137 HOH HOH A . 
B 2 HOH 213 413 164 HOH HOH A . 
B 2 HOH 214 414 192 HOH HOH A . 
B 2 HOH 215 415 175 HOH HOH A . 
B 2 HOH 216 416 132 HOH HOH A . 
B 2 HOH 217 417 65  HOH HOH A . 
# 
loop_
_pdbx_unobs_or_zero_occ_atoms.id 
_pdbx_unobs_or_zero_occ_atoms.PDB_model_num 
_pdbx_unobs_or_zero_occ_atoms.polymer_flag 
_pdbx_unobs_or_zero_occ_atoms.occupancy_flag 
_pdbx_unobs_or_zero_occ_atoms.auth_asym_id 
_pdbx_unobs_or_zero_occ_atoms.auth_comp_id 
_pdbx_unobs_or_zero_occ_atoms.auth_seq_id 
_pdbx_unobs_or_zero_occ_atoms.PDB_ins_code 
_pdbx_unobs_or_zero_occ_atoms.auth_atom_id 
_pdbx_unobs_or_zero_occ_atoms.label_alt_id 
_pdbx_unobs_or_zero_occ_atoms.label_asym_id 
_pdbx_unobs_or_zero_occ_atoms.label_comp_id 
_pdbx_unobs_or_zero_occ_atoms.label_seq_id 
_pdbx_unobs_or_zero_occ_atoms.label_atom_id 
1 1 Y 0 A SER 183 ? O  ? A SER 183 O  
2 1 Y 0 A SER 183 ? OG ? A SER 183 OG 
# 
loop_
_software.citation_id 
_software.classification 
_software.compiler_name 
_software.compiler_version 
_software.contact_author 
_software.contact_author_email 
_software.date 
_software.description 
_software.dependencies 
_software.hardware 
_software.language 
_software.location 
_software.mods 
_software.name 
_software.os 
_software.os_version 
_software.type 
_software.version 
_software.pdbx_ordinal 
? refinement       ? ? ? ? ? ? ? ? ? ? ? PHENIX ? ? ? 1.19.2_4158 1 
? 'data reduction' ? ? ? ? ? ? ? ? ? ? ? XDS    ? ? ? .           2 
? 'data scaling'   ? ? ? ? ? ? ? ? ? ? ? XSCALE ? ? ? .           3 
? phasing          ? ? ? ? ? ? ? ? ? ? ? PHENIX ? ? ? 1.19.2_4158 4 
# 
_cell.angle_alpha                  90.000 
_cell.angle_alpha_esd              ? 
_cell.angle_beta                   92.207 
_cell.angle_beta_esd               ? 
_cell.angle_gamma                  90.000 
_cell.angle_gamma_esd              ? 
_cell.entry_id                     8BZQ 
_cell.details                      ? 
_cell.formula_units_Z              ? 
_cell.length_a                     28.970 
_cell.length_a_esd                 ? 
_cell.length_b                     48.410 
_cell.length_b_esd                 ? 
_cell.length_c                     45.790 
_cell.length_c_esd                 ? 
_cell.volume                       64169.987 
_cell.volume_esd                   ? 
_cell.Z_PDB                        2 
_cell.reciprocal_angle_alpha       ? 
_cell.reciprocal_angle_beta        ? 
_cell.reciprocal_angle_gamma       ? 
_cell.reciprocal_angle_alpha_esd   ? 
_cell.reciprocal_angle_beta_esd    ? 
_cell.reciprocal_angle_gamma_esd   ? 
_cell.reciprocal_length_a          ? 
_cell.reciprocal_length_b          ? 
_cell.reciprocal_length_c          ? 
_cell.reciprocal_length_a_esd      ? 
_cell.reciprocal_length_b_esd      ? 
_cell.reciprocal_length_c_esd      ? 
_cell.pdbx_unique_axis             ? 
_cell.pdbx_esd_method              ? 
# 
_symmetry.entry_id                         8BZQ 
_symmetry.cell_setting                     ? 
_symmetry.Int_Tables_number                4 
_symmetry.space_group_name_Hall            'P 2yb' 
_symmetry.space_group_name_H-M             'P 1 21 1' 
_symmetry.pdbx_full_space_group_name_H-M   ? 
# 
_exptl.absorpt_coefficient_mu     ? 
_exptl.absorpt_correction_T_max   ? 
_exptl.absorpt_correction_T_min   ? 
_exptl.absorpt_correction_type    ? 
_exptl.absorpt_process_details    ? 
_exptl.entry_id                   8BZQ 
_exptl.crystals_number            1 
_exptl.details                    ? 
_exptl.method                     'X-RAY DIFFRACTION' 
_exptl.method_details             ? 
# 
_exptl_crystal.colour                       ? 
_exptl_crystal.density_diffrn               ? 
_exptl_crystal.density_Matthews             1.74 
_exptl_crystal.density_method               ? 
_exptl_crystal.density_percent_sol          29.49 
_exptl_crystal.description                  ? 
_exptl_crystal.F_000                        ? 
_exptl_crystal.id                           1 
_exptl_crystal.preparation                  ? 
_exptl_crystal.size_max                     ? 
_exptl_crystal.size_mid                     ? 
_exptl_crystal.size_min                     ? 
_exptl_crystal.size_rad                     ? 
_exptl_crystal.colour_lustre                ? 
_exptl_crystal.colour_modifier              ? 
_exptl_crystal.colour_primary               ? 
_exptl_crystal.density_meas                 ? 
_exptl_crystal.density_meas_esd             ? 
_exptl_crystal.density_meas_gt              ? 
_exptl_crystal.density_meas_lt              ? 
_exptl_crystal.density_meas_temp            ? 
_exptl_crystal.density_meas_temp_esd        ? 
_exptl_crystal.density_meas_temp_gt         ? 
_exptl_crystal.density_meas_temp_lt         ? 
_exptl_crystal.pdbx_crystal_image_url       ? 
_exptl_crystal.pdbx_crystal_image_format    ? 
_exptl_crystal.pdbx_mosaicity               ? 
_exptl_crystal.pdbx_mosaicity_esd           ? 
_exptl_crystal.pdbx_mosaic_method           ? 
_exptl_crystal.pdbx_mosaic_block_size       ? 
_exptl_crystal.pdbx_mosaic_block_size_esd   ? 
# 
_exptl_crystal_grow.apparatus       ? 
_exptl_crystal_grow.atmosphere      ? 
_exptl_crystal_grow.crystal_id      1 
_exptl_crystal_grow.details         ? 
_exptl_crystal_grow.method          'VAPOR DIFFUSION, HANGING DROP' 
_exptl_crystal_grow.method_ref      ? 
_exptl_crystal_grow.pH              7.5 
_exptl_crystal_grow.pressure        ? 
_exptl_crystal_grow.pressure_esd    ? 
_exptl_crystal_grow.seeding         ? 
_exptl_crystal_grow.seeding_ref     ? 
_exptl_crystal_grow.temp_details    ? 
_exptl_crystal_grow.temp_esd        ? 
_exptl_crystal_grow.time            ? 
_exptl_crystal_grow.pdbx_details    '0.1M HEPES 7.5, 20% PEG 3350, 3mM NiCl2, protein 14 mg/mL' 
_exptl_crystal_grow.pdbx_pH_range   ? 
_exptl_crystal_grow.temp            298 
# 
_diffrn.ambient_environment              ? 
_diffrn.ambient_temp                     100 
_diffrn.ambient_temp_details             ? 
_diffrn.ambient_temp_esd                 ? 
_diffrn.crystal_id                       1 
_diffrn.crystal_support                  ? 
_diffrn.crystal_treatment                ? 
_diffrn.details                          ? 
_diffrn.id                               1 
_diffrn.ambient_pressure                 ? 
_diffrn.ambient_pressure_esd             ? 
_diffrn.ambient_pressure_gt              ? 
_diffrn.ambient_pressure_lt              ? 
_diffrn.ambient_temp_gt                  ? 
_diffrn.ambient_temp_lt                  ? 
_diffrn.pdbx_serial_crystal_experiment   N 
# 
_diffrn_detector.details                      ? 
_diffrn_detector.detector                     PIXEL 
_diffrn_detector.diffrn_id                    1 
_diffrn_detector.type                         'DECTRIS PILATUS3 6M' 
_diffrn_detector.area_resol_mean              ? 
_diffrn_detector.dtime                        ? 
_diffrn_detector.pdbx_frames_total            ? 
_diffrn_detector.pdbx_collection_time_total   ? 
_diffrn_detector.pdbx_collection_date         2021-06-30 
_diffrn_detector.pdbx_frequency               ? 
# 
_diffrn_radiation.collimation                      ? 
_diffrn_radiation.diffrn_id                        1 
_diffrn_radiation.filter_edge                      ? 
_diffrn_radiation.inhomogeneity                    ? 
_diffrn_radiation.monochromator                    ? 
_diffrn_radiation.polarisn_norm                    ? 
_diffrn_radiation.polarisn_ratio                   ? 
_diffrn_radiation.probe                            ? 
_diffrn_radiation.type                             ? 
_diffrn_radiation.xray_symbol                      ? 
_diffrn_radiation.wavelength_id                    1 
_diffrn_radiation.pdbx_monochromatic_or_laue_m_l   M 
_diffrn_radiation.pdbx_wavelength_list             ? 
_diffrn_radiation.pdbx_wavelength                  ? 
_diffrn_radiation.pdbx_diffrn_protocol             'SINGLE WAVELENGTH' 
_diffrn_radiation.pdbx_analyzer                    ? 
_diffrn_radiation.pdbx_scattering_type             x-ray 
# 
_diffrn_radiation_wavelength.id           1 
_diffrn_radiation_wavelength.wavelength   0.976254 
_diffrn_radiation_wavelength.wt           1.0 
# 
_diffrn_source.current                     ? 
_diffrn_source.details                     ? 
_diffrn_source.diffrn_id                   1 
_diffrn_source.power                       ? 
_diffrn_source.size                        ? 
_diffrn_source.source                      SYNCHROTRON 
_diffrn_source.target                      ? 
_diffrn_source.type                        'ESRF BEAMLINE ID30B' 
_diffrn_source.voltage                     ? 
_diffrn_source.take-off_angle              ? 
_diffrn_source.pdbx_wavelength_list        0.976254 
_diffrn_source.pdbx_wavelength             ? 
_diffrn_source.pdbx_synchrotron_beamline   ID30B 
_diffrn_source.pdbx_synchrotron_site       ESRF 
# 
_reflns.B_iso_Wilson_estimate                          9.63 
_reflns.entry_id                                       8BZQ 
_reflns.data_reduction_details                         ? 
_reflns.data_reduction_method                          ? 
_reflns.d_resolution_high                              1.30 
_reflns.d_resolution_low                               45.76 
_reflns.details                                        ? 
_reflns.limit_h_max                                    ? 
_reflns.limit_h_min                                    ? 
_reflns.limit_k_max                                    ? 
_reflns.limit_k_min                                    ? 
_reflns.limit_l_max                                    ? 
_reflns.limit_l_min                                    ? 
_reflns.number_all                                     ? 
_reflns.number_obs                                     31123 
_reflns.observed_criterion                             ? 
_reflns.observed_criterion_F_max                       ? 
_reflns.observed_criterion_F_min                       ? 
_reflns.observed_criterion_I_max                       ? 
_reflns.observed_criterion_I_min                       ? 
_reflns.observed_criterion_sigma_F                     ? 
_reflns.observed_criterion_sigma_I                     ? 
_reflns.percent_possible_obs                           99.7 
_reflns.R_free_details                                 ? 
_reflns.Rmerge_F_all                                   ? 
_reflns.Rmerge_F_obs                                   ? 
_reflns.Friedel_coverage                               ? 
_reflns.number_gt                                      ? 
_reflns.threshold_expression                           ? 
_reflns.pdbx_redundancy                                12.84 
_reflns.pdbx_netI_over_av_sigmaI                       ? 
_reflns.pdbx_netI_over_sigmaI                          8.9 
_reflns.pdbx_res_netI_over_av_sigmaI_2                 ? 
_reflns.pdbx_res_netI_over_sigmaI_2                    ? 
_reflns.pdbx_chi_squared                               ? 
_reflns.pdbx_scaling_rejects                           ? 
_reflns.pdbx_d_res_high_opt                            ? 
_reflns.pdbx_d_res_low_opt                             ? 
_reflns.pdbx_d_res_opt_method                          ? 
_reflns.phase_calculation_details                      ? 
_reflns.pdbx_Rrim_I_all                                0.18 
_reflns.pdbx_Rpim_I_all                                ? 
_reflns.pdbx_d_opt                                     ? 
_reflns.pdbx_number_measured_all                       ? 
_reflns.pdbx_diffrn_id                                 1 
_reflns.pdbx_ordinal                                   1 
_reflns.pdbx_CC_half                                   0.98 
_reflns.pdbx_CC_star                                   ? 
_reflns.pdbx_R_split                                   ? 
_reflns.pdbx_Rmerge_I_obs                              ? 
_reflns.pdbx_Rmerge_I_all                              ? 
_reflns.pdbx_Rsym_value                                ? 
_reflns.pdbx_CC_split_method                           ? 
_reflns.pdbx_aniso_diffraction_limit_axis_1_ortho[1]   ? 
_reflns.pdbx_aniso_diffraction_limit_axis_1_ortho[2]   ? 
_reflns.pdbx_aniso_diffraction_limit_axis_1_ortho[3]   ? 
_reflns.pdbx_aniso_diffraction_limit_axis_2_ortho[1]   ? 
_reflns.pdbx_aniso_diffraction_limit_axis_2_ortho[2]   ? 
_reflns.pdbx_aniso_diffraction_limit_axis_2_ortho[3]   ? 
_reflns.pdbx_aniso_diffraction_limit_axis_3_ortho[1]   ? 
_reflns.pdbx_aniso_diffraction_limit_axis_3_ortho[2]   ? 
_reflns.pdbx_aniso_diffraction_limit_axis_3_ortho[3]   ? 
_reflns.pdbx_aniso_diffraction_limit_1                 ? 
_reflns.pdbx_aniso_diffraction_limit_2                 ? 
_reflns.pdbx_aniso_diffraction_limit_3                 ? 
_reflns.pdbx_aniso_B_tensor_eigenvector_1_ortho[1]     ? 
_reflns.pdbx_aniso_B_tensor_eigenvector_1_ortho[2]     ? 
_reflns.pdbx_aniso_B_tensor_eigenvector_1_ortho[3]     ? 
_reflns.pdbx_aniso_B_tensor_eigenvector_2_ortho[1]     ? 
_reflns.pdbx_aniso_B_tensor_eigenvector_2_ortho[2]     ? 
_reflns.pdbx_aniso_B_tensor_eigenvector_2_ortho[3]     ? 
_reflns.pdbx_aniso_B_tensor_eigenvector_3_ortho[1]     ? 
_reflns.pdbx_aniso_B_tensor_eigenvector_3_ortho[2]     ? 
_reflns.pdbx_aniso_B_tensor_eigenvector_3_ortho[3]     ? 
_reflns.pdbx_aniso_B_tensor_eigenvalue_1               ? 
_reflns.pdbx_aniso_B_tensor_eigenvalue_2               ? 
_reflns.pdbx_aniso_B_tensor_eigenvalue_3               ? 
_reflns.pdbx_orthogonalization_convention              ? 
_reflns.pdbx_percent_possible_ellipsoidal              ? 
_reflns.pdbx_percent_possible_spherical                ? 
_reflns.pdbx_percent_possible_ellipsoidal_anomalous    ? 
_reflns.pdbx_percent_possible_spherical_anomalous      ? 
_reflns.pdbx_redundancy_anomalous                      ? 
_reflns.pdbx_CC_half_anomalous                         ? 
_reflns.pdbx_absDiff_over_sigma_anomalous              ? 
_reflns.pdbx_percent_possible_anomalous                ? 
_reflns.pdbx_observed_signal_threshold                 ? 
_reflns.pdbx_signal_type                               ? 
_reflns.pdbx_signal_details                            ? 
_reflns.pdbx_signal_software_id                        ? 
# 
_reflns_shell.d_res_high                                    1.30 
_reflns_shell.d_res_low                                     1.346 
_reflns_shell.meanI_over_sigI_all                           ? 
_reflns_shell.meanI_over_sigI_obs                           9.51 
_reflns_shell.number_measured_all                           ? 
_reflns_shell.number_measured_obs                           ? 
_reflns_shell.number_possible                               ? 
_reflns_shell.number_unique_all                             ? 
_reflns_shell.number_unique_obs                             3078 
_reflns_shell.percent_possible_obs                          ? 
_reflns_shell.Rmerge_F_all                                  ? 
_reflns_shell.Rmerge_F_obs                                  ? 
_reflns_shell.meanI_over_sigI_gt                            ? 
_reflns_shell.meanI_over_uI_all                             ? 
_reflns_shell.meanI_over_uI_gt                              ? 
_reflns_shell.number_measured_gt                            ? 
_reflns_shell.number_unique_gt                              ? 
_reflns_shell.percent_possible_gt                           ? 
_reflns_shell.Rmerge_F_gt                                   ? 
_reflns_shell.Rmerge_I_gt                                   ? 
_reflns_shell.pdbx_redundancy                               6.9 
_reflns_shell.pdbx_chi_squared                              ? 
_reflns_shell.pdbx_netI_over_sigmaI_all                     ? 
_reflns_shell.pdbx_netI_over_sigmaI_obs                     ? 
_reflns_shell.pdbx_Rrim_I_all                               0.187 
_reflns_shell.pdbx_Rpim_I_all                               ? 
_reflns_shell.pdbx_rejects                                  ? 
_reflns_shell.pdbx_ordinal                                  1 
_reflns_shell.pdbx_diffrn_id                                1 
_reflns_shell.pdbx_CC_half                                  0.97 
_reflns_shell.pdbx_CC_star                                  ? 
_reflns_shell.pdbx_R_split                                  ? 
_reflns_shell.percent_possible_all                          99.26 
_reflns_shell.Rmerge_I_all                                  ? 
_reflns_shell.Rmerge_I_obs                                  ? 
_reflns_shell.pdbx_Rsym_value                               ? 
_reflns_shell.pdbx_percent_possible_ellipsoidal             ? 
_reflns_shell.pdbx_percent_possible_spherical               ? 
_reflns_shell.pdbx_percent_possible_ellipsoidal_anomalous   ? 
_reflns_shell.pdbx_percent_possible_spherical_anomalous     ? 
_reflns_shell.pdbx_redundancy_anomalous                     ? 
_reflns_shell.pdbx_CC_half_anomalous                        ? 
_reflns_shell.pdbx_absDiff_over_sigma_anomalous             ? 
_reflns_shell.pdbx_percent_possible_anomalous               ? 
# 
_refine.aniso_B[1][1]                            ? 
_refine.aniso_B[1][2]                            ? 
_refine.aniso_B[1][3]                            ? 
_refine.aniso_B[2][2]                            ? 
_refine.aniso_B[2][3]                            ? 
_refine.aniso_B[3][3]                            ? 
_refine.B_iso_max                                ? 
_refine.B_iso_mean                               13.27 
_refine.B_iso_min                                ? 
_refine.correlation_coeff_Fo_to_Fc               ? 
_refine.correlation_coeff_Fo_to_Fc_free          ? 
_refine.details                                  ? 
_refine.diff_density_max                         ? 
_refine.diff_density_max_esd                     ? 
_refine.diff_density_min                         ? 
_refine.diff_density_min_esd                     ? 
_refine.diff_density_rms                         ? 
_refine.diff_density_rms_esd                     ? 
_refine.entry_id                                 8BZQ 
_refine.pdbx_refine_id                           'X-RAY DIFFRACTION' 
_refine.ls_abs_structure_details                 ? 
_refine.ls_abs_structure_Flack                   ? 
_refine.ls_abs_structure_Flack_esd               ? 
_refine.ls_abs_structure_Rogers                  ? 
_refine.ls_abs_structure_Rogers_esd              ? 
_refine.ls_d_res_high                            1.30 
_refine.ls_d_res_low                             45.76 
_refine.ls_extinction_coef                       ? 
_refine.ls_extinction_coef_esd                   ? 
_refine.ls_extinction_expression                 ? 
_refine.ls_extinction_method                     ? 
_refine.ls_goodness_of_fit_all                   ? 
_refine.ls_goodness_of_fit_all_esd               ? 
_refine.ls_goodness_of_fit_obs                   ? 
_refine.ls_goodness_of_fit_obs_esd               ? 
_refine.ls_hydrogen_treatment                    ? 
_refine.ls_matrix_type                           ? 
_refine.ls_number_constraints                    ? 
_refine.ls_number_parameters                     ? 
_refine.ls_number_reflns_all                     ? 
_refine.ls_number_reflns_obs                     31109 
_refine.ls_number_reflns_R_free                  974 
_refine.ls_number_reflns_R_work                  30135 
_refine.ls_number_restraints                     ? 
_refine.ls_percent_reflns_obs                    99.70 
_refine.ls_percent_reflns_R_free                 3.13 
_refine.ls_R_factor_all                          ? 
_refine.ls_R_factor_obs                          0.1663 
_refine.ls_R_factor_R_free                       0.1826 
_refine.ls_R_factor_R_free_error                 ? 
_refine.ls_R_factor_R_free_error_details         ? 
_refine.ls_R_factor_R_work                       0.1657 
_refine.ls_R_Fsqd_factor_obs                     ? 
_refine.ls_R_I_factor_obs                        ? 
_refine.ls_redundancy_reflns_all                 ? 
_refine.ls_redundancy_reflns_obs                 ? 
_refine.ls_restrained_S_all                      ? 
_refine.ls_restrained_S_obs                      ? 
_refine.ls_shift_over_esd_max                    ? 
_refine.ls_shift_over_esd_mean                   ? 
_refine.ls_structure_factor_coef                 ? 
_refine.ls_weighting_details                     ? 
_refine.ls_weighting_scheme                      ? 
_refine.ls_wR_factor_all                         ? 
_refine.ls_wR_factor_obs                         ? 
_refine.ls_wR_factor_R_free                      ? 
_refine.ls_wR_factor_R_work                      ? 
_refine.occupancy_max                            ? 
_refine.occupancy_min                            ? 
_refine.solvent_model_details                    'FLAT BULK SOLVENT MODEL' 
_refine.solvent_model_param_bsol                 ? 
_refine.solvent_model_param_ksol                 ? 
_refine.pdbx_R_complete                          ? 
_refine.ls_R_factor_gt                           ? 
_refine.ls_goodness_of_fit_gt                    ? 
_refine.ls_goodness_of_fit_ref                   ? 
_refine.ls_shift_over_su_max                     ? 
_refine.ls_shift_over_su_max_lt                  ? 
_refine.ls_shift_over_su_mean                    ? 
_refine.ls_shift_over_su_mean_lt                 ? 
_refine.pdbx_ls_sigma_I                          ? 
_refine.pdbx_ls_sigma_F                          1.44 
_refine.pdbx_ls_sigma_Fsqd                       ? 
_refine.pdbx_data_cutoff_high_absF               ? 
_refine.pdbx_data_cutoff_high_rms_absF           ? 
_refine.pdbx_data_cutoff_low_absF                ? 
_refine.pdbx_isotropic_thermal_model             ? 
_refine.pdbx_ls_cross_valid_method               'FREE R-VALUE' 
_refine.pdbx_method_to_determine_struct          'MOLECULAR REPLACEMENT' 
_refine.pdbx_starting_model                      5KJO 
_refine.pdbx_stereochemistry_target_values       'GeoStd + Monomer Library + CDL v1.2' 
_refine.pdbx_R_Free_selection_details            ? 
_refine.pdbx_stereochem_target_val_spec_case     ? 
_refine.pdbx_overall_ESU_R                       ? 
_refine.pdbx_overall_ESU_R_Free                  ? 
_refine.pdbx_solvent_vdw_probe_radii             1.1100 
_refine.pdbx_solvent_ion_probe_radii             ? 
_refine.pdbx_solvent_shrinkage_radii             0.9000 
_refine.pdbx_real_space_R                        ? 
_refine.pdbx_density_correlation                 ? 
_refine.pdbx_pd_number_of_powder_patterns        ? 
_refine.pdbx_pd_number_of_points                 ? 
_refine.pdbx_pd_meas_number_of_points            ? 
_refine.pdbx_pd_proc_ls_prof_R_factor            ? 
_refine.pdbx_pd_proc_ls_prof_wR_factor           ? 
_refine.pdbx_pd_Marquardt_correlation_coeff      ? 
_refine.pdbx_pd_Fsqrd_R_factor                   ? 
_refine.pdbx_pd_ls_matrix_band_width             ? 
_refine.pdbx_overall_phase_error                 17.1646 
_refine.pdbx_overall_SU_R_free_Cruickshank_DPI   ? 
_refine.pdbx_overall_SU_R_free_Blow_DPI          ? 
_refine.pdbx_overall_SU_R_Blow_DPI               ? 
_refine.pdbx_TLS_residual_ADP_flag               ? 
_refine.pdbx_diffrn_id                           1 
_refine.overall_SU_B                             ? 
_refine.overall_SU_ML                            0.0630 
_refine.overall_SU_R_Cruickshank_DPI             ? 
_refine.overall_SU_R_free                        ? 
_refine.overall_FOM_free_R_set                   ? 
_refine.overall_FOM_work_R_set                   ? 
_refine.pdbx_average_fsc_overall                 ? 
_refine.pdbx_average_fsc_work                    ? 
_refine.pdbx_average_fsc_free                    ? 
# 
_refine_hist.pdbx_refine_id                   'X-RAY DIFFRACTION' 
_refine_hist.cycle_id                         LAST 
_refine_hist.details                          ? 
_refine_hist.d_res_high                       1.30 
_refine_hist.d_res_low                        45.76 
_refine_hist.number_atoms_solvent             217 
_refine_hist.number_atoms_total               1467 
_refine_hist.number_reflns_all                ? 
_refine_hist.number_reflns_obs                ? 
_refine_hist.number_reflns_R_free             ? 
_refine_hist.number_reflns_R_work             ? 
_refine_hist.R_factor_all                     ? 
_refine_hist.R_factor_obs                     ? 
_refine_hist.R_factor_R_free                  ? 
_refine_hist.R_factor_R_work                  ? 
_refine_hist.pdbx_number_residues_total       ? 
_refine_hist.pdbx_B_iso_mean_ligand           ? 
_refine_hist.pdbx_B_iso_mean_solvent          ? 
_refine_hist.pdbx_number_atoms_protein        1250 
_refine_hist.pdbx_number_atoms_nucleic_acid   0 
_refine_hist.pdbx_number_atoms_ligand         0 
_refine_hist.pdbx_number_atoms_lipid          ? 
_refine_hist.pdbx_number_atoms_carb           ? 
_refine_hist.pdbx_pseudo_atom_details         ? 
# 
loop_
_refine_ls_restr.pdbx_refine_id 
_refine_ls_restr.criterion 
_refine_ls_restr.dev_ideal 
_refine_ls_restr.dev_ideal_target 
_refine_ls_restr.number 
_refine_ls_restr.rejects 
_refine_ls_restr.type 
_refine_ls_restr.weight 
_refine_ls_restr.pdbx_restraint_function 
'X-RAY DIFFRACTION' ? 0.0055 ? 1304 ? f_bond_d           ? ? 
'X-RAY DIFFRACTION' ? 0.9258 ? 1787 ? f_angle_d          ? ? 
'X-RAY DIFFRACTION' ? 0.0801 ? 184  ? f_chiral_restr     ? ? 
'X-RAY DIFFRACTION' ? 0.0069 ? 245  ? f_plane_restr      ? ? 
'X-RAY DIFFRACTION' ? 6.3723 ? 193  ? f_dihedral_angle_d ? ? 
# 
loop_
_refine_ls_shell.pdbx_refine_id 
_refine_ls_shell.d_res_high 
_refine_ls_shell.d_res_low 
_refine_ls_shell.number_reflns_all 
_refine_ls_shell.number_reflns_obs 
_refine_ls_shell.number_reflns_R_free 
_refine_ls_shell.number_reflns_R_work 
_refine_ls_shell.percent_reflns_obs 
_refine_ls_shell.percent_reflns_R_free 
_refine_ls_shell.R_factor_all 
_refine_ls_shell.R_factor_obs 
_refine_ls_shell.R_factor_R_free_error 
_refine_ls_shell.R_factor_R_work 
_refine_ls_shell.redundancy_reflns_all 
_refine_ls_shell.redundancy_reflns_obs 
_refine_ls_shell.wR_factor_all 
_refine_ls_shell.wR_factor_obs 
_refine_ls_shell.wR_factor_R_free 
_refine_ls_shell.wR_factor_R_work 
_refine_ls_shell.pdbx_R_complete 
_refine_ls_shell.pdbx_total_number_of_bins_used 
_refine_ls_shell.pdbx_phase_error 
_refine_ls_shell.pdbx_fsc_work 
_refine_ls_shell.pdbx_fsc_free 
_refine_ls_shell.R_factor_R_free 
'X-RAY DIFFRACTION' 1.30 1.37 . . 144 4248 99.28  . . . . 0.1689 . . . . . . . . . . . 0.1701 
'X-RAY DIFFRACTION' 1.37 1.45 . . 140 4285 99.68  . . . . 0.1682 . . . . . . . . . . . 0.1999 
'X-RAY DIFFRACTION' 1.45 1.57 . . 144 4305 99.87  . . . . 0.1617 . . . . . . . . . . . 0.1753 
'X-RAY DIFFRACTION' 1.57 1.72 . . 134 4291 99.95  . . . . 0.1669 . . . . . . . . . . . 0.1774 
'X-RAY DIFFRACTION' 1.72 1.97 . . 142 4306 100.00 . . . . 0.1695 . . . . . . . . . . . 0.1943 
'X-RAY DIFFRACTION' 1.97 2.49 . . 135 4328 99.91  . . . . 0.1716 . . . . . . . . . . . 0.2044 
# 
_struct.entry_id                     8BZQ 
_struct.title                        'Beta-1,4-D-endoglucanase Cel45A from Gloeophyllum trabeum' 
_struct.pdbx_model_details           ? 
_struct.pdbx_formula_weight          ? 
_struct.pdbx_formula_weight_method   ? 
_struct.pdbx_model_type_details      ? 
_struct.pdbx_CASP_flag               N 
# 
_struct_keywords.entry_id        8BZQ 
_struct_keywords.text            'ENDOGLUCANASE, GTCEL45A, GH45 FAMILY, CELLULASE, BROWN ROT, HYDROLASE' 
_struct_keywords.pdbx_keywords   HYDROLASE 
# 
loop_
_struct_asym.id 
_struct_asym.pdbx_blank_PDB_chainid_flag 
_struct_asym.pdbx_modified 
_struct_asym.entity_id 
_struct_asym.details 
A N N 1 ? 
B N N 2 ? 
# 
_struct_ref.id                         1 
_struct_ref.db_name                    UNP 
_struct_ref.db_code                    S7QB86_GLOTA 
_struct_ref.pdbx_db_accession          S7QB86 
_struct_ref.pdbx_db_isoform            ? 
_struct_ref.entity_id                  1 
_struct_ref.pdbx_seq_one_letter_code   
;LEERATGGYVQNPSGSASFTMYSGCGSPACGETASGYTAAMNQLSFGAGPGAGAGDACGRCFALTGTADPYSPSYTGPFH
TIVVKVTDLCPVAGNQEWCGQTTSNPNNQHGEPVHFDICEDTGGAGAFFPSGHGALTGTYREVSCSQWSGSDGSPLWTGA
CLSGESAANWPSTACGNKGTAPS
;
_struct_ref.pdbx_align_begin           22 
# 
_struct_ref_seq.align_id                      1 
_struct_ref_seq.ref_id                        1 
_struct_ref_seq.pdbx_PDB_id_code              8BZQ 
_struct_ref_seq.pdbx_strand_id                A 
_struct_ref_seq.seq_align_beg                 1 
_struct_ref_seq.pdbx_seq_align_beg_ins_code   ? 
_struct_ref_seq.seq_align_end                 183 
_struct_ref_seq.pdbx_seq_align_end_ins_code   ? 
_struct_ref_seq.pdbx_db_accession             S7QB86 
_struct_ref_seq.db_align_beg                  22 
_struct_ref_seq.pdbx_db_align_beg_ins_code    ? 
_struct_ref_seq.db_align_end                  204 
_struct_ref_seq.pdbx_db_align_end_ins_code    ? 
_struct_ref_seq.pdbx_auth_seq_align_beg       1 
_struct_ref_seq.pdbx_auth_seq_align_end       183 
# 
_pdbx_struct_assembly.id                   1 
_pdbx_struct_assembly.details              author_and_software_defined_assembly 
_pdbx_struct_assembly.method_details       PISA 
_pdbx_struct_assembly.oligomeric_details   monomeric 
_pdbx_struct_assembly.oligomeric_count     1 
# 
loop_
_pdbx_struct_assembly_prop.biol_id 
_pdbx_struct_assembly_prop.type 
_pdbx_struct_assembly_prop.value 
_pdbx_struct_assembly_prop.details 
1 'ABSA (A^2)' 0    ? 
1 MORE         0    ? 
1 'SSA (A^2)'  7250 ? 
# 
_pdbx_struct_assembly_gen.assembly_id       1 
_pdbx_struct_assembly_gen.oper_expression   1 
_pdbx_struct_assembly_gen.asym_id_list      A,B 
# 
_pdbx_struct_assembly_auth_evidence.id                     1 
_pdbx_struct_assembly_auth_evidence.assembly_id            1 
_pdbx_struct_assembly_auth_evidence.experimental_support   none 
_pdbx_struct_assembly_auth_evidence.details                ? 
# 
_pdbx_struct_oper_list.id                   1 
_pdbx_struct_oper_list.type                 'identity operation' 
_pdbx_struct_oper_list.name                 1_555 
_pdbx_struct_oper_list.symmetry_operation   x,y,z 
_pdbx_struct_oper_list.matrix[1][1]         1.0000000000 
_pdbx_struct_oper_list.matrix[1][2]         0.0000000000 
_pdbx_struct_oper_list.matrix[1][3]         0.0000000000 
_pdbx_struct_oper_list.vector[1]            0.0000000000 
_pdbx_struct_oper_list.matrix[2][1]         0.0000000000 
_pdbx_struct_oper_list.matrix[2][2]         1.0000000000 
_pdbx_struct_oper_list.matrix[2][3]         0.0000000000 
_pdbx_struct_oper_list.vector[2]            0.0000000000 
_pdbx_struct_oper_list.matrix[3][1]         0.0000000000 
_pdbx_struct_oper_list.matrix[3][2]         0.0000000000 
_pdbx_struct_oper_list.matrix[3][3]         1.0000000000 
_pdbx_struct_oper_list.vector[3]            0.0000000000 
# 
loop_
_struct_conf.conf_type_id 
_struct_conf.id 
_struct_conf.pdbx_PDB_helix_id 
_struct_conf.beg_label_comp_id 
_struct_conf.beg_label_asym_id 
_struct_conf.beg_label_seq_id 
_struct_conf.pdbx_beg_PDB_ins_code 
_struct_conf.end_label_comp_id 
_struct_conf.end_label_asym_id 
_struct_conf.end_label_seq_id 
_struct_conf.pdbx_end_PDB_ins_code 
_struct_conf.beg_auth_comp_id 
_struct_conf.beg_auth_asym_id 
_struct_conf.beg_auth_seq_id 
_struct_conf.end_auth_comp_id 
_struct_conf.end_auth_asym_id 
_struct_conf.end_auth_seq_id 
_struct_conf.pdbx_PDB_helix_class 
_struct_conf.details 
_struct_conf.pdbx_PDB_helix_length 
HELX_P HELX_P1 AA1 ALA A 5   ? TYR A 9   ? ALA A 5   TYR A 9   5 ? 5 
HELX_P HELX_P2 AA2 GLN A 43  ? GLY A 47  ? GLN A 43  GLY A 47  1 ? 5 
HELX_P HELX_P3 AA3 ASN A 95  ? GLY A 100 ? ASN A 95  GLY A 100 1 ? 6 
HELX_P HELX_P4 AA4 GLY A 123 ? PHE A 129 ? GLY A 123 PHE A 129 1 ? 7 
HELX_P HELX_P5 AA5 SER A 144 ? TRP A 148 ? SER A 144 TRP A 148 5 ? 5 
HELX_P HELX_P6 AA6 LEU A 162 ? ALA A 167 ? LEU A 162 ALA A 167 5 ? 6 
# 
_struct_conf_type.id          HELX_P 
_struct_conf_type.criteria    ? 
_struct_conf_type.reference   ? 
# 
loop_
_struct_conn.id 
_struct_conn.conn_type_id 
_struct_conn.pdbx_leaving_atom_flag 
_struct_conn.pdbx_PDB_id 
_struct_conn.ptnr1_label_asym_id 
_struct_conn.ptnr1_label_comp_id 
_struct_conn.ptnr1_label_seq_id 
_struct_conn.ptnr1_label_atom_id 
_struct_conn.pdbx_ptnr1_label_alt_id 
_struct_conn.pdbx_ptnr1_PDB_ins_code 
_struct_conn.pdbx_ptnr1_standard_comp_id 
_struct_conn.ptnr1_symmetry 
_struct_conn.ptnr2_label_asym_id 
_struct_conn.ptnr2_label_comp_id 
_struct_conn.ptnr2_label_seq_id 
_struct_conn.ptnr2_label_atom_id 
_struct_conn.pdbx_ptnr2_label_alt_id 
_struct_conn.pdbx_ptnr2_PDB_ins_code 
_struct_conn.ptnr1_auth_asym_id 
_struct_conn.ptnr1_auth_comp_id 
_struct_conn.ptnr1_auth_seq_id 
_struct_conn.ptnr2_auth_asym_id 
_struct_conn.ptnr2_auth_comp_id 
_struct_conn.ptnr2_auth_seq_id 
_struct_conn.ptnr2_symmetry 
_struct_conn.pdbx_ptnr3_label_atom_id 
_struct_conn.pdbx_ptnr3_label_seq_id 
_struct_conn.pdbx_ptnr3_label_comp_id 
_struct_conn.pdbx_ptnr3_label_asym_id 
_struct_conn.pdbx_ptnr3_label_alt_id 
_struct_conn.pdbx_ptnr3_PDB_ins_code 
_struct_conn.details 
_struct_conn.pdbx_dist_value 
_struct_conn.pdbx_value_order 
_struct_conn.pdbx_role 
disulf1 disulf ? ? A CYS 25  SG ? ? ? 1_555 A CYS 119 SG ? ? A CYS 25  A CYS 119 1_555 ? ? ? ? ? ? ? 2.055 ? ? 
disulf2 disulf ? ? A CYS 30  SG ? ? ? 1_555 A CYS 58  SG ? ? A CYS 30  A CYS 58  1_555 ? ? ? ? ? ? ? 2.035 ? ? 
disulf3 disulf ? ? A CYS 61  SG ? ? ? 1_555 A CYS 145 SG ? ? A CYS 61  A CYS 145 1_555 ? ? ? ? ? ? ? 2.071 ? ? 
disulf4 disulf ? ? A CYS 90  SG ? ? ? 1_555 A CYS 99  SG ? ? A CYS 90  A CYS 99  1_555 ? ? ? ? ? ? ? 2.053 ? ? 
disulf5 disulf ? ? A CYS 161 SG ? ? ? 1_555 A CYS 175 SG ? ? A CYS 161 A CYS 175 1_555 ? ? ? ? ? ? ? 2.040 ? ? 
# 
_struct_conn_type.id          disulf 
_struct_conn_type.criteria    ? 
_struct_conn_type.reference   ? 
# 
loop_
_pdbx_modification_feature.ordinal 
_pdbx_modification_feature.label_comp_id 
_pdbx_modification_feature.label_asym_id 
_pdbx_modification_feature.label_seq_id 
_pdbx_modification_feature.label_alt_id 
_pdbx_modification_feature.modified_residue_label_comp_id 
_pdbx_modification_feature.modified_residue_label_asym_id 
_pdbx_modification_feature.modified_residue_label_seq_id 
_pdbx_modification_feature.modified_residue_label_alt_id 
_pdbx_modification_feature.auth_comp_id 
_pdbx_modification_feature.auth_asym_id 
_pdbx_modification_feature.auth_seq_id 
_pdbx_modification_feature.PDB_ins_code 
_pdbx_modification_feature.symmetry 
_pdbx_modification_feature.modified_residue_auth_comp_id 
_pdbx_modification_feature.modified_residue_auth_asym_id 
_pdbx_modification_feature.modified_residue_auth_seq_id 
_pdbx_modification_feature.modified_residue_PDB_ins_code 
_pdbx_modification_feature.modified_residue_symmetry 
_pdbx_modification_feature.comp_id_linking_atom 
_pdbx_modification_feature.modified_residue_id_linking_atom 
_pdbx_modification_feature.modified_residue_id 
_pdbx_modification_feature.ref_pcm_id 
_pdbx_modification_feature.ref_comp_id 
_pdbx_modification_feature.type 
_pdbx_modification_feature.category 
1 CYS A 25  ? CYS A 119 ? CYS A 25  ? 1_555 CYS A 119 ? 1_555 SG SG . . . None 'Disulfide bridge' 
2 CYS A 30  ? CYS A 58  ? CYS A 30  ? 1_555 CYS A 58  ? 1_555 SG SG . . . None 'Disulfide bridge' 
3 CYS A 61  ? CYS A 145 ? CYS A 61  ? 1_555 CYS A 145 ? 1_555 SG SG . . . None 'Disulfide bridge' 
4 CYS A 90  ? CYS A 99  ? CYS A 90  ? 1_555 CYS A 99  ? 1_555 SG SG . . . None 'Disulfide bridge' 
5 CYS A 161 ? CYS A 175 ? CYS A 161 ? 1_555 CYS A 175 ? 1_555 SG SG . . . None 'Disulfide bridge' 
# 
loop_
_struct_mon_prot_cis.pdbx_id 
_struct_mon_prot_cis.label_comp_id 
_struct_mon_prot_cis.label_seq_id 
_struct_mon_prot_cis.label_asym_id 
_struct_mon_prot_cis.label_alt_id 
_struct_mon_prot_cis.pdbx_PDB_ins_code 
_struct_mon_prot_cis.auth_comp_id 
_struct_mon_prot_cis.auth_seq_id 
_struct_mon_prot_cis.auth_asym_id 
_struct_mon_prot_cis.pdbx_label_comp_id_2 
_struct_mon_prot_cis.pdbx_label_seq_id_2 
_struct_mon_prot_cis.pdbx_label_asym_id_2 
_struct_mon_prot_cis.pdbx_PDB_ins_code_2 
_struct_mon_prot_cis.pdbx_auth_comp_id_2 
_struct_mon_prot_cis.pdbx_auth_seq_id_2 
_struct_mon_prot_cis.pdbx_auth_asym_id_2 
_struct_mon_prot_cis.pdbx_PDB_model_num 
_struct_mon_prot_cis.pdbx_omega_angle 
1 GLY 77  A . ? GLY 77  A PRO 78  A ? PRO 78  A 1 4.04 
2 TRP 170 A . ? TRP 170 A PRO 171 A ? PRO 171 A 1 2.27 
# 
_struct_sheet.id               AA1 
_struct_sheet.type             ? 
_struct_sheet.number_strands   7 
_struct_sheet.details          ? 
# 
loop_
_struct_sheet_order.sheet_id 
_struct_sheet_order.range_id_1 
_struct_sheet_order.range_id_2 
_struct_sheet_order.offset 
_struct_sheet_order.sense 
AA1 1 2 ? parallel      
AA1 2 3 ? anti-parallel 
AA1 3 4 ? parallel      
AA1 4 5 ? anti-parallel 
AA1 5 6 ? anti-parallel 
AA1 6 7 ? anti-parallel 
# 
loop_
_struct_sheet_range.sheet_id 
_struct_sheet_range.id 
_struct_sheet_range.beg_label_comp_id 
_struct_sheet_range.beg_label_asym_id 
_struct_sheet_range.beg_label_seq_id 
_struct_sheet_range.pdbx_beg_PDB_ins_code 
_struct_sheet_range.end_label_comp_id 
_struct_sheet_range.end_label_asym_id 
_struct_sheet_range.end_label_seq_id 
_struct_sheet_range.pdbx_end_PDB_ins_code 
_struct_sheet_range.beg_auth_comp_id 
_struct_sheet_range.beg_auth_asym_id 
_struct_sheet_range.beg_auth_seq_id 
_struct_sheet_range.end_auth_comp_id 
_struct_sheet_range.end_auth_asym_id 
_struct_sheet_range.end_auth_seq_id 
AA1 1 SER A 14  ? TYR A 22  ? SER A 14  TYR A 22  
AA1 2 HIS A 115 ? CYS A 119 ? HIS A 115 CYS A 119 
AA1 3 THR A 38  ? ASN A 42  ? THR A 38  ASN A 42  
AA1 4 THR A 81  ? CYS A 90  ? THR A 81  CYS A 90  
AA1 5 CYS A 61  ? ALA A 68  ? CYS A 61  ALA A 68  
AA1 6 LEU A 136 ? VAL A 143 ? LEU A 136 VAL A 143 
AA1 7 SER A 14  ? TYR A 22  ? SER A 14  TYR A 22  
# 
loop_
_pdbx_struct_sheet_hbond.sheet_id 
_pdbx_struct_sheet_hbond.range_id_1 
_pdbx_struct_sheet_hbond.range_id_2 
_pdbx_struct_sheet_hbond.range_1_label_atom_id 
_pdbx_struct_sheet_hbond.range_1_label_comp_id 
_pdbx_struct_sheet_hbond.range_1_label_asym_id 
_pdbx_struct_sheet_hbond.range_1_label_seq_id 
_pdbx_struct_sheet_hbond.range_1_PDB_ins_code 
_pdbx_struct_sheet_hbond.range_1_auth_atom_id 
_pdbx_struct_sheet_hbond.range_1_auth_comp_id 
_pdbx_struct_sheet_hbond.range_1_auth_asym_id 
_pdbx_struct_sheet_hbond.range_1_auth_seq_id 
_pdbx_struct_sheet_hbond.range_2_label_atom_id 
_pdbx_struct_sheet_hbond.range_2_label_comp_id 
_pdbx_struct_sheet_hbond.range_2_label_asym_id 
_pdbx_struct_sheet_hbond.range_2_label_seq_id 
_pdbx_struct_sheet_hbond.range_2_PDB_ins_code 
_pdbx_struct_sheet_hbond.range_2_auth_atom_id 
_pdbx_struct_sheet_hbond.range_2_auth_comp_id 
_pdbx_struct_sheet_hbond.range_2_auth_asym_id 
_pdbx_struct_sheet_hbond.range_2_auth_seq_id 
AA1 1 2 N THR A 20  ? N THR A 20  O ILE A 118 ? O ILE A 118 
AA1 2 3 O ASP A 117 ? O ASP A 117 N ALA A 40  ? N ALA A 40  
AA1 3 4 N MET A 41  ? N MET A 41  O CYS A 90  ? O CYS A 90  
AA1 4 5 O ILE A 82  ? O ILE A 82  N LEU A 64  ? N LEU A 64  
AA1 5 6 N THR A 67  ? N THR A 67  O THR A 137 ? O THR A 137 
AA1 6 7 O LEU A 136 ? O LEU A 136 N PHE A 19  ? N PHE A 19  
# 
_pdbx_entry_details.entry_id                   8BZQ 
_pdbx_entry_details.compound_details           ? 
_pdbx_entry_details.source_details             ? 
_pdbx_entry_details.nonpolymer_details         ? 
_pdbx_entry_details.sequence_details           ? 
_pdbx_entry_details.has_ligand_of_interest     ? 
_pdbx_entry_details.has_protein_modification   Y 
# 
_pdbx_validate_close_contact.id               1 
_pdbx_validate_close_contact.PDB_model_num    1 
_pdbx_validate_close_contact.auth_atom_id_1   O 
_pdbx_validate_close_contact.auth_asym_id_1   A 
_pdbx_validate_close_contact.auth_comp_id_1   HOH 
_pdbx_validate_close_contact.auth_seq_id_1    334 
_pdbx_validate_close_contact.PDB_ins_code_1   ? 
_pdbx_validate_close_contact.label_alt_id_1   ? 
_pdbx_validate_close_contact.auth_atom_id_2   O 
_pdbx_validate_close_contact.auth_asym_id_2   A 
_pdbx_validate_close_contact.auth_comp_id_2   HOH 
_pdbx_validate_close_contact.auth_seq_id_2    403 
_pdbx_validate_close_contact.PDB_ins_code_2   ? 
_pdbx_validate_close_contact.label_alt_id_2   ? 
_pdbx_validate_close_contact.dist             2.16 
# 
loop_
_pdbx_validate_torsion.id 
_pdbx_validate_torsion.PDB_model_num 
_pdbx_validate_torsion.auth_comp_id 
_pdbx_validate_torsion.auth_asym_id 
_pdbx_validate_torsion.auth_seq_id 
_pdbx_validate_torsion.PDB_ins_code 
_pdbx_validate_torsion.label_alt_id 
_pdbx_validate_torsion.phi 
_pdbx_validate_torsion.psi 
1 1 SER A 72  ? ? -153.26 82.90  
2 1 ASN A 95  ? ? -155.12 70.02  
3 1 SER A 172 ? ? 175.98  172.85 
4 1 ALA A 174 ? ? -114.25 -93.82 
# 
loop_
_space_group_symop.id 
_space_group_symop.operation_xyz 
1 x,y,z       
2 -x,y+1/2,-z 
# 
loop_
_pdbx_unobs_or_zero_occ_residues.id 
_pdbx_unobs_or_zero_occ_residues.PDB_model_num 
_pdbx_unobs_or_zero_occ_residues.polymer_flag 
_pdbx_unobs_or_zero_occ_residues.occupancy_flag 
_pdbx_unobs_or_zero_occ_residues.auth_asym_id 
_pdbx_unobs_or_zero_occ_residues.auth_comp_id 
_pdbx_unobs_or_zero_occ_residues.auth_seq_id 
_pdbx_unobs_or_zero_occ_residues.PDB_ins_code 
_pdbx_unobs_or_zero_occ_residues.label_asym_id 
_pdbx_unobs_or_zero_occ_residues.label_comp_id 
_pdbx_unobs_or_zero_occ_residues.label_seq_id 
1 1 Y 1 A LEU 1 ? A LEU 1 
2 1 Y 1 A GLU 2 ? A GLU 2 
3 1 Y 1 A GLU 3 ? A GLU 3 
4 1 Y 1 A ARG 4 ? A ARG 4 
# 
loop_
_chem_comp_atom.comp_id 
_chem_comp_atom.atom_id 
_chem_comp_atom.type_symbol 
_chem_comp_atom.pdbx_aromatic_flag 
_chem_comp_atom.pdbx_stereo_config 
_chem_comp_atom.pdbx_ordinal 
ALA N    N N N 1   
ALA CA   C N S 2   
ALA C    C N N 3   
ALA O    O N N 4   
ALA CB   C N N 5   
ALA OXT  O N N 6   
ALA H    H N N 7   
ALA H2   H N N 8   
ALA HA   H N N 9   
ALA HB1  H N N 10  
ALA HB2  H N N 11  
ALA HB3  H N N 12  
ALA HXT  H N N 13  
ARG N    N N N 14  
ARG CA   C N S 15  
ARG C    C N N 16  
ARG O    O N N 17  
ARG CB   C N N 18  
ARG CG   C N N 19  
ARG CD   C N N 20  
ARG NE   N N N 21  
ARG CZ   C N N 22  
ARG NH1  N N N 23  
ARG NH2  N N N 24  
ARG OXT  O N N 25  
ARG H    H N N 26  
ARG H2   H N N 27  
ARG HA   H N N 28  
ARG HB2  H N N 29  
ARG HB3  H N N 30  
ARG HG2  H N N 31  
ARG HG3  H N N 32  
ARG HD2  H N N 33  
ARG HD3  H N N 34  
ARG HE   H N N 35  
ARG HH11 H N N 36  
ARG HH12 H N N 37  
ARG HH21 H N N 38  
ARG HH22 H N N 39  
ARG HXT  H N N 40  
ASN N    N N N 41  
ASN CA   C N S 42  
ASN C    C N N 43  
ASN O    O N N 44  
ASN CB   C N N 45  
ASN CG   C N N 46  
ASN OD1  O N N 47  
ASN ND2  N N N 48  
ASN OXT  O N N 49  
ASN H    H N N 50  
ASN H2   H N N 51  
ASN HA   H N N 52  
ASN HB2  H N N 53  
ASN HB3  H N N 54  
ASN HD21 H N N 55  
ASN HD22 H N N 56  
ASN HXT  H N N 57  
ASP N    N N N 58  
ASP CA   C N S 59  
ASP C    C N N 60  
ASP O    O N N 61  
ASP CB   C N N 62  
ASP CG   C N N 63  
ASP OD1  O N N 64  
ASP OD2  O N N 65  
ASP OXT  O N N 66  
ASP H    H N N 67  
ASP H2   H N N 68  
ASP HA   H N N 69  
ASP HB2  H N N 70  
ASP HB3  H N N 71  
ASP HD2  H N N 72  
ASP HXT  H N N 73  
CYS N    N N N 74  
CYS CA   C N R 75  
CYS C    C N N 76  
CYS O    O N N 77  
CYS CB   C N N 78  
CYS SG   S N N 79  
CYS OXT  O N N 80  
CYS H    H N N 81  
CYS H2   H N N 82  
CYS HA   H N N 83  
CYS HB2  H N N 84  
CYS HB3  H N N 85  
CYS HG   H N N 86  
CYS HXT  H N N 87  
GLN N    N N N 88  
GLN CA   C N S 89  
GLN C    C N N 90  
GLN O    O N N 91  
GLN CB   C N N 92  
GLN CG   C N N 93  
GLN CD   C N N 94  
GLN OE1  O N N 95  
GLN NE2  N N N 96  
GLN OXT  O N N 97  
GLN H    H N N 98  
GLN H2   H N N 99  
GLN HA   H N N 100 
GLN HB2  H N N 101 
GLN HB3  H N N 102 
GLN HG2  H N N 103 
GLN HG3  H N N 104 
GLN HE21 H N N 105 
GLN HE22 H N N 106 
GLN HXT  H N N 107 
GLU N    N N N 108 
GLU CA   C N S 109 
GLU C    C N N 110 
GLU O    O N N 111 
GLU CB   C N N 112 
GLU CG   C N N 113 
GLU CD   C N N 114 
GLU OE1  O N N 115 
GLU OE2  O N N 116 
GLU OXT  O N N 117 
GLU H    H N N 118 
GLU H2   H N N 119 
GLU HA   H N N 120 
GLU HB2  H N N 121 
GLU HB3  H N N 122 
GLU HG2  H N N 123 
GLU HG3  H N N 124 
GLU HE2  H N N 125 
GLU HXT  H N N 126 
GLY N    N N N 127 
GLY CA   C N N 128 
GLY C    C N N 129 
GLY O    O N N 130 
GLY OXT  O N N 131 
GLY H    H N N 132 
GLY H2   H N N 133 
GLY HA2  H N N 134 
GLY HA3  H N N 135 
GLY HXT  H N N 136 
HIS N    N N N 137 
HIS CA   C N S 138 
HIS C    C N N 139 
HIS O    O N N 140 
HIS CB   C N N 141 
HIS CG   C Y N 142 
HIS ND1  N Y N 143 
HIS CD2  C Y N 144 
HIS CE1  C Y N 145 
HIS NE2  N Y N 146 
HIS OXT  O N N 147 
HIS H    H N N 148 
HIS H2   H N N 149 
HIS HA   H N N 150 
HIS HB2  H N N 151 
HIS HB3  H N N 152 
HIS HD1  H N N 153 
HIS HD2  H N N 154 
HIS HE1  H N N 155 
HIS HE2  H N N 156 
HIS HXT  H N N 157 
HOH O    O N N 158 
HOH H1   H N N 159 
HOH H2   H N N 160 
ILE N    N N N 161 
ILE CA   C N S 162 
ILE C    C N N 163 
ILE O    O N N 164 
ILE CB   C N S 165 
ILE CG1  C N N 166 
ILE CG2  C N N 167 
ILE CD1  C N N 168 
ILE OXT  O N N 169 
ILE H    H N N 170 
ILE H2   H N N 171 
ILE HA   H N N 172 
ILE HB   H N N 173 
ILE HG12 H N N 174 
ILE HG13 H N N 175 
ILE HG21 H N N 176 
ILE HG22 H N N 177 
ILE HG23 H N N 178 
ILE HD11 H N N 179 
ILE HD12 H N N 180 
ILE HD13 H N N 181 
ILE HXT  H N N 182 
LEU N    N N N 183 
LEU CA   C N S 184 
LEU C    C N N 185 
LEU O    O N N 186 
LEU CB   C N N 187 
LEU CG   C N N 188 
LEU CD1  C N N 189 
LEU CD2  C N N 190 
LEU OXT  O N N 191 
LEU H    H N N 192 
LEU H2   H N N 193 
LEU HA   H N N 194 
LEU HB2  H N N 195 
LEU HB3  H N N 196 
LEU HG   H N N 197 
LEU HD11 H N N 198 
LEU HD12 H N N 199 
LEU HD13 H N N 200 
LEU HD21 H N N 201 
LEU HD22 H N N 202 
LEU HD23 H N N 203 
LEU HXT  H N N 204 
LYS N    N N N 205 
LYS CA   C N S 206 
LYS C    C N N 207 
LYS O    O N N 208 
LYS CB   C N N 209 
LYS CG   C N N 210 
LYS CD   C N N 211 
LYS CE   C N N 212 
LYS NZ   N N N 213 
LYS OXT  O N N 214 
LYS H    H N N 215 
LYS H2   H N N 216 
LYS HA   H N N 217 
LYS HB2  H N N 218 
LYS HB3  H N N 219 
LYS HG2  H N N 220 
LYS HG3  H N N 221 
LYS HD2  H N N 222 
LYS HD3  H N N 223 
LYS HE2  H N N 224 
LYS HE3  H N N 225 
LYS HZ1  H N N 226 
LYS HZ2  H N N 227 
LYS HZ3  H N N 228 
LYS HXT  H N N 229 
MET N    N N N 230 
MET CA   C N S 231 
MET C    C N N 232 
MET O    O N N 233 
MET CB   C N N 234 
MET CG   C N N 235 
MET SD   S N N 236 
MET CE   C N N 237 
MET OXT  O N N 238 
MET H    H N N 239 
MET H2   H N N 240 
MET HA   H N N 241 
MET HB2  H N N 242 
MET HB3  H N N 243 
MET HG2  H N N 244 
MET HG3  H N N 245 
MET HE1  H N N 246 
MET HE2  H N N 247 
MET HE3  H N N 248 
MET HXT  H N N 249 
PHE N    N N N 250 
PHE CA   C N S 251 
PHE C    C N N 252 
PHE O    O N N 253 
PHE CB   C N N 254 
PHE CG   C Y N 255 
PHE CD1  C Y N 256 
PHE CD2  C Y N 257 
PHE CE1  C Y N 258 
PHE CE2  C Y N 259 
PHE CZ   C Y N 260 
PHE OXT  O N N 261 
PHE H    H N N 262 
PHE H2   H N N 263 
PHE HA   H N N 264 
PHE HB2  H N N 265 
PHE HB3  H N N 266 
PHE HD1  H N N 267 
PHE HD2  H N N 268 
PHE HE1  H N N 269 
PHE HE2  H N N 270 
PHE HZ   H N N 271 
PHE HXT  H N N 272 
PRO N    N N N 273 
PRO CA   C N S 274 
PRO C    C N N 275 
PRO O    O N N 276 
PRO CB   C N N 277 
PRO CG   C N N 278 
PRO CD   C N N 279 
PRO OXT  O N N 280 
PRO H    H N N 281 
PRO HA   H N N 282 
PRO HB2  H N N 283 
PRO HB3  H N N 284 
PRO HG2  H N N 285 
PRO HG3  H N N 286 
PRO HD2  H N N 287 
PRO HD3  H N N 288 
PRO HXT  H N N 289 
SER N    N N N 290 
SER CA   C N S 291 
SER C    C N N 292 
SER O    O N N 293 
SER CB   C N N 294 
SER OG   O N N 295 
SER OXT  O N N 296 
SER H    H N N 297 
SER H2   H N N 298 
SER HA   H N N 299 
SER HB2  H N N 300 
SER HB3  H N N 301 
SER HG   H N N 302 
SER HXT  H N N 303 
THR N    N N N 304 
THR CA   C N S 305 
THR C    C N N 306 
THR O    O N N 307 
THR CB   C N R 308 
THR OG1  O N N 309 
THR CG2  C N N 310 
THR OXT  O N N 311 
THR H    H N N 312 
THR H2   H N N 313 
THR HA   H N N 314 
THR HB   H N N 315 
THR HG1  H N N 316 
THR HG21 H N N 317 
THR HG22 H N N 318 
THR HG23 H N N 319 
THR HXT  H N N 320 
TRP N    N N N 321 
TRP CA   C N S 322 
TRP C    C N N 323 
TRP O    O N N 324 
TRP CB   C N N 325 
TRP CG   C Y N 326 
TRP CD1  C Y N 327 
TRP CD2  C Y N 328 
TRP NE1  N Y N 329 
TRP CE2  C Y N 330 
TRP CE3  C Y N 331 
TRP CZ2  C Y N 332 
TRP CZ3  C Y N 333 
TRP CH2  C Y N 334 
TRP OXT  O N N 335 
TRP H    H N N 336 
TRP H2   H N N 337 
TRP HA   H N N 338 
TRP HB2  H N N 339 
TRP HB3  H N N 340 
TRP HD1  H N N 341 
TRP HE1  H N N 342 
TRP HE3  H N N 343 
TRP HZ2  H N N 344 
TRP HZ3  H N N 345 
TRP HH2  H N N 346 
TRP HXT  H N N 347 
TYR N    N N N 348 
TYR CA   C N S 349 
TYR C    C N N 350 
TYR O    O N N 351 
TYR CB   C N N 352 
TYR CG   C Y N 353 
TYR CD1  C Y N 354 
TYR CD2  C Y N 355 
TYR CE1  C Y N 356 
TYR CE2  C Y N 357 
TYR CZ   C Y N 358 
TYR OH   O N N 359 
TYR OXT  O N N 360 
TYR H    H N N 361 
TYR H2   H N N 362 
TYR HA   H N N 363 
TYR HB2  H N N 364 
TYR HB3  H N N 365 
TYR HD1  H N N 366 
TYR HD2  H N N 367 
TYR HE1  H N N 368 
TYR HE2  H N N 369 
TYR HH   H N N 370 
TYR HXT  H N N 371 
VAL N    N N N 372 
VAL CA   C N S 373 
VAL C    C N N 374 
VAL O    O N N 375 
VAL CB   C N N 376 
VAL CG1  C N N 377 
VAL CG2  C N N 378 
VAL OXT  O N N 379 
VAL H    H N N 380 
VAL H2   H N N 381 
VAL HA   H N N 382 
VAL HB   H N N 383 
VAL HG11 H N N 384 
VAL HG12 H N N 385 
VAL HG13 H N N 386 
VAL HG21 H N N 387 
VAL HG22 H N N 388 
VAL HG23 H N N 389 
VAL HXT  H N N 390 
# 
loop_
_chem_comp_bond.comp_id 
_chem_comp_bond.atom_id_1 
_chem_comp_bond.atom_id_2 
_chem_comp_bond.value_order 
_chem_comp_bond.pdbx_aromatic_flag 
_chem_comp_bond.pdbx_stereo_config 
_chem_comp_bond.pdbx_ordinal 
ALA N   CA   sing N N 1   
ALA N   H    sing N N 2   
ALA N   H2   sing N N 3   
ALA CA  C    sing N N 4   
ALA CA  CB   sing N N 5   
ALA CA  HA   sing N N 6   
ALA C   O    doub N N 7   
ALA C   OXT  sing N N 8   
ALA CB  HB1  sing N N 9   
ALA CB  HB2  sing N N 10  
ALA CB  HB3  sing N N 11  
ALA OXT HXT  sing N N 12  
ARG N   CA   sing N N 13  
ARG N   H    sing N N 14  
ARG N   H2   sing N N 15  
ARG CA  C    sing N N 16  
ARG CA  CB   sing N N 17  
ARG CA  HA   sing N N 18  
ARG C   O    doub N N 19  
ARG C   OXT  sing N N 20  
ARG CB  CG   sing N N 21  
ARG CB  HB2  sing N N 22  
ARG CB  HB3  sing N N 23  
ARG CG  CD   sing N N 24  
ARG CG  HG2  sing N N 25  
ARG CG  HG3  sing N N 26  
ARG CD  NE   sing N N 27  
ARG CD  HD2  sing N N 28  
ARG CD  HD3  sing N N 29  
ARG NE  CZ   sing N N 30  
ARG NE  HE   sing N N 31  
ARG CZ  NH1  sing N N 32  
ARG CZ  NH2  doub N N 33  
ARG NH1 HH11 sing N N 34  
ARG NH1 HH12 sing N N 35  
ARG NH2 HH21 sing N N 36  
ARG NH2 HH22 sing N N 37  
ARG OXT HXT  sing N N 38  
ASN N   CA   sing N N 39  
ASN N   H    sing N N 40  
ASN N   H2   sing N N 41  
ASN CA  C    sing N N 42  
ASN CA  CB   sing N N 43  
ASN CA  HA   sing N N 44  
ASN C   O    doub N N 45  
ASN C   OXT  sing N N 46  
ASN CB  CG   sing N N 47  
ASN CB  HB2  sing N N 48  
ASN CB  HB3  sing N N 49  
ASN CG  OD1  doub N N 50  
ASN CG  ND2  sing N N 51  
ASN ND2 HD21 sing N N 52  
ASN ND2 HD22 sing N N 53  
ASN OXT HXT  sing N N 54  
ASP N   CA   sing N N 55  
ASP N   H    sing N N 56  
ASP N   H2   sing N N 57  
ASP CA  C    sing N N 58  
ASP CA  CB   sing N N 59  
ASP CA  HA   sing N N 60  
ASP C   O    doub N N 61  
ASP C   OXT  sing N N 62  
ASP CB  CG   sing N N 63  
ASP CB  HB2  sing N N 64  
ASP CB  HB3  sing N N 65  
ASP CG  OD1  doub N N 66  
ASP CG  OD2  sing N N 67  
ASP OD2 HD2  sing N N 68  
ASP OXT HXT  sing N N 69  
CYS N   CA   sing N N 70  
CYS N   H    sing N N 71  
CYS N   H2   sing N N 72  
CYS CA  C    sing N N 73  
CYS CA  CB   sing N N 74  
CYS CA  HA   sing N N 75  
CYS C   O    doub N N 76  
CYS C   OXT  sing N N 77  
CYS CB  SG   sing N N 78  
CYS CB  HB2  sing N N 79  
CYS CB  HB3  sing N N 80  
CYS SG  HG   sing N N 81  
CYS OXT HXT  sing N N 82  
GLN N   CA   sing N N 83  
GLN N   H    sing N N 84  
GLN N   H2   sing N N 85  
GLN CA  C    sing N N 86  
GLN CA  CB   sing N N 87  
GLN CA  HA   sing N N 88  
GLN C   O    doub N N 89  
GLN C   OXT  sing N N 90  
GLN CB  CG   sing N N 91  
GLN CB  HB2  sing N N 92  
GLN CB  HB3  sing N N 93  
GLN CG  CD   sing N N 94  
GLN CG  HG2  sing N N 95  
GLN CG  HG3  sing N N 96  
GLN CD  OE1  doub N N 97  
GLN CD  NE2  sing N N 98  
GLN NE2 HE21 sing N N 99  
GLN NE2 HE22 sing N N 100 
GLN OXT HXT  sing N N 101 
GLU N   CA   sing N N 102 
GLU N   H    sing N N 103 
GLU N   H2   sing N N 104 
GLU CA  C    sing N N 105 
GLU CA  CB   sing N N 106 
GLU CA  HA   sing N N 107 
GLU C   O    doub N N 108 
GLU C   OXT  sing N N 109 
GLU CB  CG   sing N N 110 
GLU CB  HB2  sing N N 111 
GLU CB  HB3  sing N N 112 
GLU CG  CD   sing N N 113 
GLU CG  HG2  sing N N 114 
GLU CG  HG3  sing N N 115 
GLU CD  OE1  doub N N 116 
GLU CD  OE2  sing N N 117 
GLU OE2 HE2  sing N N 118 
GLU OXT HXT  sing N N 119 
GLY N   CA   sing N N 120 
GLY N   H    sing N N 121 
GLY N   H2   sing N N 122 
GLY CA  C    sing N N 123 
GLY CA  HA2  sing N N 124 
GLY CA  HA3  sing N N 125 
GLY C   O    doub N N 126 
GLY C   OXT  sing N N 127 
GLY OXT HXT  sing N N 128 
HIS N   CA   sing N N 129 
HIS N   H    sing N N 130 
HIS N   H2   sing N N 131 
HIS CA  C    sing N N 132 
HIS CA  CB   sing N N 133 
HIS CA  HA   sing N N 134 
HIS C   O    doub N N 135 
HIS C   OXT  sing N N 136 
HIS CB  CG   sing N N 137 
HIS CB  HB2  sing N N 138 
HIS CB  HB3  sing N N 139 
HIS CG  ND1  sing Y N 140 
HIS CG  CD2  doub Y N 141 
HIS ND1 CE1  doub Y N 142 
HIS ND1 HD1  sing N N 143 
HIS CD2 NE2  sing Y N 144 
HIS CD2 HD2  sing N N 145 
HIS CE1 NE2  sing Y N 146 
HIS CE1 HE1  sing N N 147 
HIS NE2 HE2  sing N N 148 
HIS OXT HXT  sing N N 149 
HOH O   H1   sing N N 150 
HOH O   H2   sing N N 151 
ILE N   CA   sing N N 152 
ILE N   H    sing N N 153 
ILE N   H2   sing N N 154 
ILE CA  C    sing N N 155 
ILE CA  CB   sing N N 156 
ILE CA  HA   sing N N 157 
ILE C   O    doub N N 158 
ILE C   OXT  sing N N 159 
ILE CB  CG1  sing N N 160 
ILE CB  CG2  sing N N 161 
ILE CB  HB   sing N N 162 
ILE CG1 CD1  sing N N 163 
ILE CG1 HG12 sing N N 164 
ILE CG1 HG13 sing N N 165 
ILE CG2 HG21 sing N N 166 
ILE CG2 HG22 sing N N 167 
ILE CG2 HG23 sing N N 168 
ILE CD1 HD11 sing N N 169 
ILE CD1 HD12 sing N N 170 
ILE CD1 HD13 sing N N 171 
ILE OXT HXT  sing N N 172 
LEU N   CA   sing N N 173 
LEU N   H    sing N N 174 
LEU N   H2   sing N N 175 
LEU CA  C    sing N N 176 
LEU CA  CB   sing N N 177 
LEU CA  HA   sing N N 178 
LEU C   O    doub N N 179 
LEU C   OXT  sing N N 180 
LEU CB  CG   sing N N 181 
LEU CB  HB2  sing N N 182 
LEU CB  HB3  sing N N 183 
LEU CG  CD1  sing N N 184 
LEU CG  CD2  sing N N 185 
LEU CG  HG   sing N N 186 
LEU CD1 HD11 sing N N 187 
LEU CD1 HD12 sing N N 188 
LEU CD1 HD13 sing N N 189 
LEU CD2 HD21 sing N N 190 
LEU CD2 HD22 sing N N 191 
LEU CD2 HD23 sing N N 192 
LEU OXT HXT  sing N N 193 
LYS N   CA   sing N N 194 
LYS N   H    sing N N 195 
LYS N   H2   sing N N 196 
LYS CA  C    sing N N 197 
LYS CA  CB   sing N N 198 
LYS CA  HA   sing N N 199 
LYS C   O    doub N N 200 
LYS C   OXT  sing N N 201 
LYS CB  CG   sing N N 202 
LYS CB  HB2  sing N N 203 
LYS CB  HB3  sing N N 204 
LYS CG  CD   sing N N 205 
LYS CG  HG2  sing N N 206 
LYS CG  HG3  sing N N 207 
LYS CD  CE   sing N N 208 
LYS CD  HD2  sing N N 209 
LYS CD  HD3  sing N N 210 
LYS CE  NZ   sing N N 211 
LYS CE  HE2  sing N N 212 
LYS CE  HE3  sing N N 213 
LYS NZ  HZ1  sing N N 214 
LYS NZ  HZ2  sing N N 215 
LYS NZ  HZ3  sing N N 216 
LYS OXT HXT  sing N N 217 
MET N   CA   sing N N 218 
MET N   H    sing N N 219 
MET N   H2   sing N N 220 
MET CA  C    sing N N 221 
MET CA  CB   sing N N 222 
MET CA  HA   sing N N 223 
MET C   O    doub N N 224 
MET C   OXT  sing N N 225 
MET CB  CG   sing N N 226 
MET CB  HB2  sing N N 227 
MET CB  HB3  sing N N 228 
MET CG  SD   sing N N 229 
MET CG  HG2  sing N N 230 
MET CG  HG3  sing N N 231 
MET SD  CE   sing N N 232 
MET CE  HE1  sing N N 233 
MET CE  HE2  sing N N 234 
MET CE  HE3  sing N N 235 
MET OXT HXT  sing N N 236 
PHE N   CA   sing N N 237 
PHE N   H    sing N N 238 
PHE N   H2   sing N N 239 
PHE CA  C    sing N N 240 
PHE CA  CB   sing N N 241 
PHE CA  HA   sing N N 242 
PHE C   O    doub N N 243 
PHE C   OXT  sing N N 244 
PHE CB  CG   sing N N 245 
PHE CB  HB2  sing N N 246 
PHE CB  HB3  sing N N 247 
PHE CG  CD1  doub Y N 248 
PHE CG  CD2  sing Y N 249 
PHE CD1 CE1  sing Y N 250 
PHE CD1 HD1  sing N N 251 
PHE CD2 CE2  doub Y N 252 
PHE CD2 HD2  sing N N 253 
PHE CE1 CZ   doub Y N 254 
PHE CE1 HE1  sing N N 255 
PHE CE2 CZ   sing Y N 256 
PHE CE2 HE2  sing N N 257 
PHE CZ  HZ   sing N N 258 
PHE OXT HXT  sing N N 259 
PRO N   CA   sing N N 260 
PRO N   CD   sing N N 261 
PRO N   H    sing N N 262 
PRO CA  C    sing N N 263 
PRO CA  CB   sing N N 264 
PRO CA  HA   sing N N 265 
PRO C   O    doub N N 266 
PRO C   OXT  sing N N 267 
PRO CB  CG   sing N N 268 
PRO CB  HB2  sing N N 269 
PRO CB  HB3  sing N N 270 
PRO CG  CD   sing N N 271 
PRO CG  HG2  sing N N 272 
PRO CG  HG3  sing N N 273 
PRO CD  HD2  sing N N 274 
PRO CD  HD3  sing N N 275 
PRO OXT HXT  sing N N 276 
SER N   CA   sing N N 277 
SER N   H    sing N N 278 
SER N   H2   sing N N 279 
SER CA  C    sing N N 280 
SER CA  CB   sing N N 281 
SER CA  HA   sing N N 282 
SER C   O    doub N N 283 
SER C   OXT  sing N N 284 
SER CB  OG   sing N N 285 
SER CB  HB2  sing N N 286 
SER CB  HB3  sing N N 287 
SER OG  HG   sing N N 288 
SER OXT HXT  sing N N 289 
THR N   CA   sing N N 290 
THR N   H    sing N N 291 
THR N   H2   sing N N 292 
THR CA  C    sing N N 293 
THR CA  CB   sing N N 294 
THR CA  HA   sing N N 295 
THR C   O    doub N N 296 
THR C   OXT  sing N N 297 
THR CB  OG1  sing N N 298 
THR CB  CG2  sing N N 299 
THR CB  HB   sing N N 300 
THR OG1 HG1  sing N N 301 
THR CG2 HG21 sing N N 302 
THR CG2 HG22 sing N N 303 
THR CG2 HG23 sing N N 304 
THR OXT HXT  sing N N 305 
TRP N   CA   sing N N 306 
TRP N   H    sing N N 307 
TRP N   H2   sing N N 308 
TRP CA  C    sing N N 309 
TRP CA  CB   sing N N 310 
TRP CA  HA   sing N N 311 
TRP C   O    doub N N 312 
TRP C   OXT  sing N N 313 
TRP CB  CG   sing N N 314 
TRP CB  HB2  sing N N 315 
TRP CB  HB3  sing N N 316 
TRP CG  CD1  doub Y N 317 
TRP CG  CD2  sing Y N 318 
TRP CD1 NE1  sing Y N 319 
TRP CD1 HD1  sing N N 320 
TRP CD2 CE2  doub Y N 321 
TRP CD2 CE3  sing Y N 322 
TRP NE1 CE2  sing Y N 323 
TRP NE1 HE1  sing N N 324 
TRP CE2 CZ2  sing Y N 325 
TRP CE3 CZ3  doub Y N 326 
TRP CE3 HE3  sing N N 327 
TRP CZ2 CH2  doub Y N 328 
TRP CZ2 HZ2  sing N N 329 
TRP CZ3 CH2  sing Y N 330 
TRP CZ3 HZ3  sing N N 331 
TRP CH2 HH2  sing N N 332 
TRP OXT HXT  sing N N 333 
TYR N   CA   sing N N 334 
TYR N   H    sing N N 335 
TYR N   H2   sing N N 336 
TYR CA  C    sing N N 337 
TYR CA  CB   sing N N 338 
TYR CA  HA   sing N N 339 
TYR C   O    doub N N 340 
TYR C   OXT  sing N N 341 
TYR CB  CG   sing N N 342 
TYR CB  HB2  sing N N 343 
TYR CB  HB3  sing N N 344 
TYR CG  CD1  doub Y N 345 
TYR CG  CD2  sing Y N 346 
TYR CD1 CE1  sing Y N 347 
TYR CD1 HD1  sing N N 348 
TYR CD2 CE2  doub Y N 349 
TYR CD2 HD2  sing N N 350 
TYR CE1 CZ   doub Y N 351 
TYR CE1 HE1  sing N N 352 
TYR CE2 CZ   sing Y N 353 
TYR CE2 HE2  sing N N 354 
TYR CZ  OH   sing N N 355 
TYR OH  HH   sing N N 356 
TYR OXT HXT  sing N N 357 
VAL N   CA   sing N N 358 
VAL N   H    sing N N 359 
VAL N   H2   sing N N 360 
VAL CA  C    sing N N 361 
VAL CA  CB   sing N N 362 
VAL CA  HA   sing N N 363 
VAL C   O    doub N N 364 
VAL C   OXT  sing N N 365 
VAL CB  CG1  sing N N 366 
VAL CB  CG2  sing N N 367 
VAL CB  HB   sing N N 368 
VAL CG1 HG11 sing N N 369 
VAL CG1 HG12 sing N N 370 
VAL CG1 HG13 sing N N 371 
VAL CG2 HG21 sing N N 372 
VAL CG2 HG22 sing N N 373 
VAL CG2 HG23 sing N N 374 
VAL OXT HXT  sing N N 375 
# 
_pdbx_audit_support.funding_organization   'Other government' 
_pdbx_audit_support.country                Sweden 
_pdbx_audit_support.grant_number           2017-01130 
_pdbx_audit_support.ordinal                1 
# 
_pdbx_initial_refinement_model.id               1 
_pdbx_initial_refinement_model.entity_id_list   ? 
_pdbx_initial_refinement_model.type             'experimental model' 
_pdbx_initial_refinement_model.source_name      PDB 
_pdbx_initial_refinement_model.accession_code   5kjo 
_pdbx_initial_refinement_model.details          ? 
# 
_space_group.name_H-M_alt     'P 1 21 1' 
_space_group.name_Hall        'P 2yb' 
_space_group.IT_number        4 
_space_group.crystal_system   monoclinic 
_space_group.id               1 
# 
_atom_sites.entry_id                    8BZQ 
_atom_sites.Cartn_transf_matrix[1][1]   ? 
_atom_sites.Cartn_transf_matrix[1][2]   ? 
_atom_sites.Cartn_transf_matrix[1][3]   ? 
_atom_sites.Cartn_transf_matrix[2][1]   ? 
_atom_sites.Cartn_transf_matrix[2][2]   ? 
_atom_sites.Cartn_transf_matrix[2][3]   ? 
_atom_sites.Cartn_transf_matrix[3][1]   ? 
_atom_sites.Cartn_transf_matrix[3][2]   ? 
_atom_sites.Cartn_transf_matrix[3][3]   ? 
_atom_sites.Cartn_transf_vector[1]      ? 
_atom_sites.Cartn_transf_vector[2]      ? 
_atom_sites.Cartn_transf_vector[3]      ? 
_atom_sites.fract_transf_matrix[1][1]   -0.01157306 
_atom_sites.fract_transf_matrix[1][2]   0.03222781 
_atom_sites.fract_transf_matrix[1][3]   -0.00454903 
_atom_sites.fract_transf_matrix[2][1]   -0.01863099 
_atom_sites.fract_transf_matrix[2][2]   -0.00572450 
_atom_sites.fract_transf_matrix[2][3]   0.00684310 
_atom_sites.fract_transf_matrix[3][1]   0.00567069 
_atom_sites.fract_transf_matrix[3][2]   0.00580271 
_atom_sites.fract_transf_matrix[3][3]   0.02029317 
_atom_sites.fract_transf_vector[1]      -0.240326 
_atom_sites.fract_transf_vector[2]      0.234555 
_atom_sites.fract_transf_vector[3]      -0.240526 
_atom_sites.solution_primary            ? 
_atom_sites.solution_secondary          ? 
_atom_sites.solution_hydrogens          ? 
_atom_sites.special_details             ? 
# 
loop_
_atom_type.symbol 
_atom_type.scat_dispersion_real 
_atom_type.scat_dispersion_imag 
_atom_type.scat_Cromer_Mann_a1 
_atom_type.scat_Cromer_Mann_a2 
_atom_type.scat_Cromer_Mann_a3 
_atom_type.scat_Cromer_Mann_a4 
_atom_type.scat_Cromer_Mann_b1 
_atom_type.scat_Cromer_Mann_b2 
_atom_type.scat_Cromer_Mann_b3 
_atom_type.scat_Cromer_Mann_b4 
_atom_type.scat_Cromer_Mann_c 
_atom_type.scat_source 
_atom_type.scat_dispersion_source 
C ? ? 3.54356 2.42580 ? ? 25.62398 1.50364  ? ? 0.0 
;2-Gaussian fit: Grosse-Kunstleve RW, Sauter NK, Adams PD: Newsletter of the IUCr Commission on Crystallographic Computing 2004, 3, 22-31.
;
? 
N ? ? 4.01032 2.96436 ? ? 19.97189 1.75589  ? ? 0.0 
;2-Gaussian fit: Grosse-Kunstleve RW, Sauter NK, Adams PD: Newsletter of the IUCr Commission on Crystallographic Computing 2004, 3, 22-31.
;
? 
O ? ? 4.49882 3.47563 ? ? 15.80542 1.70748  ? ? 0.0 
;2-Gaussian fit: Grosse-Kunstleve RW, Sauter NK, Adams PD: Newsletter of the IUCr Commission on Crystallographic Computing 2004, 3, 22-31.
;
? 
S ? ? 9.55732 6.39887 ? ? 1.23737  29.19336 ? ? 0.0 
;2-Gaussian fit: Grosse-Kunstleve RW, Sauter NK, Adams PD: Newsletter of the IUCr Commission on Crystallographic Computing 2004, 3, 22-31.
;
? 
# 
loop_
_atom_site.group_PDB 
_atom_site.id 
_atom_site.type_symbol 
_atom_site.label_atom_id 
_atom_site.label_alt_id 
_atom_site.label_comp_id 
_atom_site.label_asym_id 
_atom_site.label_entity_id 
_atom_site.label_seq_id 
_atom_site.pdbx_PDB_ins_code 
_atom_site.Cartn_x 
_atom_site.Cartn_y 
_atom_site.Cartn_z 
_atom_site.occupancy 
_atom_site.B_iso_or_equiv 
_atom_site.pdbx_formal_charge 
_atom_site.auth_seq_id 
_atom_site.auth_comp_id 
_atom_site.auth_asym_id 
_atom_site.auth_atom_id 
_atom_site.pdbx_PDB_model_num 
ATOM   1    N N   . ALA A 1 5   ? -6.94121  9.73133   11.14726  1.000 17.13377 ? 5   ALA A N   1 
ATOM   2    C CA  . ALA A 1 5   ? -8.25004  9.25521   10.73130  1.000 14.68715 ? 5   ALA A CA  1 
ATOM   3    C C   . ALA A 1 5   ? -8.83302  8.46918   11.88582  1.000 15.22131 ? 5   ALA A C   1 
ATOM   4    O O   . ALA A 1 5   ? -8.12599  8.20162   12.86052  1.000 16.99397 ? 5   ALA A O   1 
ATOM   5    C CB  . ALA A 1 5   ? -8.12425  8.37232   9.51414   1.000 14.96966 ? 5   ALA A CB  1 
ATOM   6    N N   . THR A 1 6   ? -10.10765 8.08942   11.78468  1.000 14.84968 ? 6   THR A N   1 
ATOM   7    C CA  . THR A 1 6   ? -10.74225 7.34643   12.86652  1.000 15.56393 ? 6   THR A CA  1 
ATOM   8    C C   . THR A 1 6   ? -9.99696  6.04326   13.12848  1.000 14.77612 ? 6   THR A C   1 
ATOM   9    O O   . THR A 1 6   ? -9.45807  5.40881   12.21316  1.000 14.35621 ? 6   THR A O   1 
ATOM   10   C CB  . THR A 1 6   ? -12.22597 7.07864   12.57864  1.000 17.35140 ? 6   THR A CB  1 
ATOM   11   O OG1 . THR A 1 6   ? -12.86029 6.60478   13.77263  1.000 16.11670 ? 6   THR A OG1 1 
ATOM   12   C CG2 . THR A 1 6   ? -12.41161 6.02742   11.48596  1.000 15.06210 ? 6   THR A CG2 1 
ATOM   13   N N   . GLY A 1 7   ? -9.96255  5.65123   14.40102  1.000 15.90532 ? 7   GLY A N   1 
ATOM   14   C CA  . GLY A 1 7   ? -9.17331  4.53166   14.84663  1.000 14.68112 ? 7   GLY A CA  1 
ATOM   15   C C   . GLY A 1 7   ? -7.72782  4.85564   15.14200  1.000 12.62889 ? 7   GLY A C   1 
ATOM   16   O O   . GLY A 1 7   ? -7.00576  3.98100   15.63655  1.000 16.27169 ? 7   GLY A O   1 
ATOM   17   N N   . GLY A 1 8   ? -7.28106  6.07770   14.87523  1.000 16.19241 ? 8   GLY A N   1 
ATOM   18   C CA  . GLY A 1 8   ? -5.88760  6.42325   15.06293  1.000 16.40475 ? 8   GLY A CA  1 
ATOM   19   C C   . GLY A 1 8   ? -4.99499  6.07253   13.89543  1.000 14.81596 ? 8   GLY A C   1 
ATOM   20   O O   . GLY A 1 8   ? -3.77006  6.21640   13.99952  1.000 16.53556 ? 8   GLY A O   1 
ATOM   21   N N   . TYR A 1 9   ? -5.56503  5.59178   12.79578  1.000 11.73602 ? 9   TYR A N   1 
ATOM   22   C CA  . TYR A 1 9   ? -4.78102  5.27547   11.61737  1.000 9.58035  ? 9   TYR A CA  1 
ATOM   23   C C   . TYR A 1 9   ? -4.25833  6.55486   10.98517  1.000 10.57496 ? 9   TYR A C   1 
ATOM   24   O O   . TYR A 1 9   ? -4.85743  7.62860   11.10963  1.000 13.41234 ? 9   TYR A O   1 
ATOM   25   C CB  . TYR A 1 9   ? -5.64352  4.50468   10.62696  1.000 9.47558  ? 9   TYR A CB  1 
ATOM   26   C CG  . TYR A 1 9   ? -6.02046  3.12682   11.10482  1.000 8.69318  ? 9   TYR A CG  1 
ATOM   27   C CD1 . TYR A 1 9   ? -5.11897  2.07423   11.01535  1.000 9.61677  ? 9   TYR A CD1 1 
ATOM   28   C CD2 . TYR A 1 9   ? -7.28478  2.86908   11.63461  1.000 10.97067 ? 9   TYR A CD2 1 
ATOM   29   C CE1 . TYR A 1 9   ? -5.45557  0.81373   11.42807  1.000 8.41704  ? 9   TYR A CE1 1 
ATOM   30   C CE2 . TYR A 1 9   ? -7.62942  1.60850   12.06512  1.000 9.61394  ? 9   TYR A CE2 1 
ATOM   31   C CZ  . TYR A 1 9   ? -6.70787  0.58074   11.96121  1.000 9.58428  ? 9   TYR A CZ  1 
ATOM   32   O OH  . TYR A 1 9   ? -7.00058  -0.69977  12.34571  1.000 10.30957 ? 9   TYR A OH  1 
ATOM   33   N N   . VAL A 1 10  ? -3.10944  6.43859   10.32726  1.000 8.95906  ? 10  VAL A N   1 
ATOM   34   C CA  . VAL A 1 10  ? -2.41685  7.56118   9.71266   1.000 12.13490 ? 10  VAL A CA  1 
ATOM   35   C C   . VAL A 1 10  ? -2.66755  7.46269   8.22004   1.000 11.30128 ? 10  VAL A C   1 
ATOM   36   O O   . VAL A 1 10  ? -2.11590  6.58725   7.54027   1.000 12.08233 ? 10  VAL A O   1 
ATOM   37   C CB  . VAL A 1 10  ? -0.91869  7.52964   10.03360  1.000 13.07370 ? 10  VAL A CB  1 
ATOM   38   C CG1 . VAL A 1 10  ? -0.21058  8.69999   9.37327   1.000 16.58291 ? 10  VAL A CG1 1 
ATOM   39   C CG2 . VAL A 1 10  ? -0.72028  7.55836   11.54109  1.000 14.03239 ? 10  VAL A CG2 1 
ATOM   40   N N   . GLN A 1 11  ? -3.51547  8.34886   7.70324   1.000 8.33401  ? 11  GLN A N   1 
ATOM   41   C CA  . GLN A 1 11  ? -4.03823  8.22356   6.35423   1.000 9.13592  ? 11  GLN A CA  1 
ATOM   42   C C   . GLN A 1 11  ? -3.97978  9.58145   5.66028   1.000 9.79317  ? 11  GLN A C   1 
ATOM   43   O O   . GLN A 1 11  ? -4.98090  10.26733  5.46972   1.000 11.21527 ? 11  GLN A O   1 
ATOM   44   C CB  . GLN A 1 11  ? -5.44027  7.61841   6.36992   1.000 8.69366  ? 11  GLN A CB  1 
ATOM   45   C CG  . GLN A 1 11  ? -5.37552  6.16540   6.76487   1.000 8.31702  ? 11  GLN A CG  1 
ATOM   46   C CD  . GLN A 1 11  ? -6.71479  5.52565   6.94699   1.000 8.16740  ? 11  GLN A CD  1 
ATOM   47   O OE1 . GLN A 1 11  ? -7.68179  6.19211   7.31813   1.000 10.43613 ? 11  GLN A OE1 1 
ATOM   48   N NE2 . GLN A 1 11  ? -6.78239  4.22167   6.74692   1.000 7.77928  ? 11  GLN A NE2 1 
ATOM   49   N N   . ASN A 1 12  ? -2.77510  9.96974   5.28126   1.000 10.37206 ? 12  ASN A N   1 
ATOM   50   C CA  . ASN A 1 12  ? -2.55654  11.21895  4.57962   1.000 11.31272 ? 12  ASN A CA  1 
ATOM   51   C C   . ASN A 1 12  ? -2.49614  10.95144  3.08668   1.000 10.71030 ? 12  ASN A C   1 
ATOM   52   O O   . ASN A 1 12  ? -1.97687  9.91292   2.66472   1.000 11.09741 ? 12  ASN A O   1 
ATOM   53   C CB  . ASN A 1 12  ? -1.23954  11.85175  5.02306   1.000 13.60497 ? 12  ASN A CB  1 
ATOM   54   C CG  . ASN A 1 12  ? -1.27064  12.26834  6.46442   1.000 19.73922 ? 12  ASN A CG  1 
ATOM   55   O OD1 . ASN A 1 12  ? -2.13524  13.04310  6.87585   1.000 24.30405 ? 12  ASN A OD1 1 
ATOM   56   N ND2 . ASN A 1 12  ? -0.34177  11.73685  7.25532   1.000 22.19128 ? 12  ASN A ND2 1 
ATOM   57   N N   . PRO A 1 13  ? -3.02774  11.84060  2.25126   1.000 9.45762  ? 13  PRO A N   1 
ATOM   58   C CA  . PRO A 1 13  ? -3.06907  11.53515  0.82035   1.000 10.11322 ? 13  PRO A CA  1 
ATOM   59   C C   . PRO A 1 13  ? -1.70949  11.53752  0.15272   1.000 11.59782 ? 13  PRO A C   1 
ATOM   60   O O   . PRO A 1 13  ? -1.56651  10.88219  -0.88593  1.000 13.87124 ? 13  PRO A O   1 
ATOM   61   C CB  . PRO A 1 13  ? -3.99748  12.61590  0.25336   1.000 13.48701 ? 13  PRO A CB  1 
ATOM   62   C CG  . PRO A 1 13  ? -3.86212  13.75036  1.21143   1.000 13.95326 ? 13  PRO A CG  1 
ATOM   63   C CD  . PRO A 1 13  ? -3.71117  13.11096  2.56389   1.000 11.30727 ? 13  PRO A CD  1 
ATOM   64   N N   . SER A 1 14  ? -0.70449  12.21284  0.70801   1.000 8.02551  ? 14  SER A N   1 
ATOM   65   C CA  . SER A 1 14  ? 0.62329   12.19087  0.11249   1.000 9.38444  ? 14  SER A CA  1 
ATOM   66   C C   . SER A 1 14  ? 1.67505   12.19336  1.20877   1.000 8.57515  ? 14  SER A C   1 
ATOM   67   O O   . SER A 1 14  ? 1.40965   12.58921  2.34509   1.000 10.00349 ? 14  SER A O   1 
ATOM   68   C CB  . SER A 1 14  ? 0.85342   13.39588  -0.79929  1.000 11.03216 ? 14  SER A CB  1 
ATOM   69   O OG  . SER A 1 14  ? 0.76579   14.59258  -0.04560  1.000 14.18346 ? 14  SER A OG  1 
ATOM   70   N N   . GLY A 1 15  ? 2.88855   11.80184  0.84438   1.000 7.38264  ? 15  GLY A N   1 
ATOM   71   C CA  . GLY A 1 15  ? 3.95806   11.80242  1.82381   1.000 9.97063  ? 15  GLY A CA  1 
ATOM   72   C C   . GLY A 1 15  ? 5.11819   10.94145  1.35934   1.000 7.71304  ? 15  GLY A C   1 
ATOM   73   O O   . GLY A 1 15  ? 5.26334   10.65035  0.17550   1.000 8.57317  ? 15  GLY A O   1 
ATOM   74   N N   . SER A 1 16  ? 5.92752   10.55310  2.33075   1.000 8.18593  ? 16  SER A N   1 
ATOM   75   C CA  . SER A 1 16  ? 7.11825   9.74478   2.13647   1.000 8.72941  ? 16  SER A CA  1 
ATOM   76   C C   . SER A 1 16  ? 6.79966   8.28792   2.43289   1.000 7.42895  ? 16  SER A C   1 
ATOM   77   O O   . SER A 1 16  ? 6.00651   7.98811   3.32154   1.000 7.99767  ? 16  SER A O   1 
ATOM   78   C CB  . SER A 1 16  ? 8.18451   10.23471  3.11827   1.000 9.79570  ? 16  SER A CB  1 
ATOM   79   O OG  . SER A 1 16  ? 9.49183   9.86898   2.73265   1.000 17.22791 ? 16  SER A OG  1 
ATOM   80   N N   . ALA A 1 17  ? 7.43888   7.37796   1.70543   1.000 7.06212  ? 17  ALA A N   1 
ATOM   81   C CA  . ALA A 1 17  ? 7.20748   5.96632   1.96020   1.000 6.01624  ? 17  ALA A CA  1 
ATOM   82   C C   . ALA A 1 17  ? 8.43600   5.15822   1.59123   1.000 5.58438  ? 17  ALA A C   1 
ATOM   83   O O   . ALA A 1 17  ? 9.30490   5.61161   0.84304   1.000 6.69782  ? 17  ALA A O   1 
ATOM   84   C CB  . ALA A 1 17  ? 6.00578   5.42489   1.17553   1.000 7.88557  ? 17  ALA A CB  1 
ATOM   85   N N   . SER A 1 18  ? 8.49567   3.94726   2.13575   1.000 6.50564  ? 18  SER A N   1 
ATOM   86   C CA  . SER A 1 18  ? 9.41406   2.93369   1.64504   1.000 5.70177  ? 18  SER A CA  1 
ATOM   87   C C   . SER A 1 18  ? 8.64303   1.90825   0.81366   1.000 4.95892  ? 18  SER A C   1 
ATOM   88   O O   . SER A 1 18  ? 7.40484   1.85541   0.82589   1.000 5.62470  ? 18  SER A O   1 
ATOM   89   C CB  . SER A 1 18  ? 10.19556  2.28569   2.79314   1.000 6.30996  ? 18  SER A CB  1 
ATOM   90   O OG  . SER A 1 18  ? 9.33662   1.92053   3.84985   1.000 6.96197  ? 18  SER A OG  1 
ATOM   91   N N   . PHE A 1 19  ? 9.39800   1.08499   0.07876   1.000 5.57892  ? 19  PHE A N   1 
ATOM   92   C CA  . PHE A 1 19  ? 8.84778   0.17961   -0.91901  1.000 5.19560  ? 19  PHE A CA  1 
ATOM   93   C C   . PHE A 1 19  ? 9.63656   -1.11484  -0.93735  1.000 5.36850  ? 19  PHE A C   1 
ATOM   94   O O   . PHE A 1 19  ? 10.87490  -1.08724  -0.99958  1.000 6.14923  ? 19  PHE A O   1 
ATOM   95   C CB  . PHE A 1 19  ? 8.95957   0.79484   -2.31236  1.000 7.13284  ? 19  PHE A CB  1 
ATOM   96   C CG  . PHE A 1 19  ? 8.37249   2.15948   -2.42277  1.000 5.80384  ? 19  PHE A CG  1 
ATOM   97   C CD1 . PHE A 1 19  ? 7.00523   2.30716   -2.49582  1.000 6.97529  ? 19  PHE A CD1 1 
ATOM   98   C CD2 . PHE A 1 19  ? 9.16956   3.29020   -2.48498  1.000 7.69876  ? 19  PHE A CD2 1 
ATOM   99   C CE1 . PHE A 1 19  ? 6.42757   3.55381   -2.58800  1.000 6.33471  ? 19  PHE A CE1 1 
ATOM   100  C CE2 . PHE A 1 19  ? 8.58255   4.54394   -2.60142  1.000 8.50682  ? 19  PHE A CE2 1 
ATOM   101  C CZ  . PHE A 1 19  ? 7.20423   4.66492   -2.64234  1.000 7.23370  ? 19  PHE A CZ  1 
ATOM   102  N N   . THR A 1 20  ? 8.91077   -2.23732  -0.94489  1.000 5.53893  ? 20  THR A N   1 
ATOM   103  C CA  . THR A 1 20  ? 9.47102   -3.56650  -1.20883  1.000 6.43197  ? 20  THR A CA  1 
ATOM   104  C C   . THR A 1 20  ? 8.49580   -4.28428  -2.13508  1.000 6.31103  ? 20  THR A C   1 
ATOM   105  O O   . THR A 1 20  ? 7.52234   -3.69722  -2.61121  1.000 5.84972  ? 20  THR A O   1 
ATOM   106  C CB  . THR A 1 20  ? 9.69718   -4.38186  0.07611   1.000 6.91393  ? 20  THR A CB  1 
ATOM   107  O OG1 . THR A 1 20  ? 8.46820   -4.45120  0.80331   1.000 7.92917  ? 20  THR A OG1 1 
ATOM   108  C CG2 . THR A 1 20  ? 10.79730  -3.77468  0.95186   1.000 8.79591  ? 20  THR A CG2 1 
ATOM   109  N N   . MET A 1 21  ? 8.74974   -5.56200  -2.40266  1.000 6.62659  ? 21  MET A N   1 
ATOM   110  C CA  A MET A 1 21  ? 7.86642   -6.36623  -3.23414  0.808 8.12939  ? 21  MET A CA  1 
ATOM   111  C CA  B MET A 1 21  ? 7.88786   -6.37557  -3.24515  0.192 8.16327  ? 21  MET A CA  1 
ATOM   112  C C   . MET A 1 21  ? 7.53945   -7.67083  -2.52663  1.000 7.69501  ? 21  MET A C   1 
ATOM   113  O O   . MET A 1 21  ? 8.28922   -8.14279  -1.66632  1.000 8.32969  ? 21  MET A O   1 
ATOM   114  C CB  A MET A 1 21  ? 8.50118   -6.67741  -4.59288  0.808 10.12759 ? 21  MET A CB  1 
ATOM   115  C CB  B MET A 1 21  ? 8.56063   -6.68023  -4.59342  0.192 10.13241 ? 21  MET A CB  1 
ATOM   116  C CG  A MET A 1 21  ? 9.60130   -7.72358  -4.53349  0.808 9.02331  ? 21  MET A CG  1 
ATOM   117  C CG  B MET A 1 21  ? 10.07955  -6.76007  -4.51059  0.192 12.15281 ? 21  MET A CG  1 
ATOM   118  S SD  A MET A 1 21  ? 10.41043  -7.98103  -6.11990  0.808 13.15219 ? 21  MET A SD  1 
ATOM   119  S SD  B MET A 1 21  ? 10.93975  -6.85814  -6.09361  0.192 16.88479 ? 21  MET A SD  1 
ATOM   120  C CE  A MET A 1 21  ? 11.37589  -6.47095  -6.24435  0.808 15.78650 ? 21  MET A CE  1 
ATOM   121  C CE  B MET A 1 21  ? 10.79036  -8.60517  -6.45282  0.192 19.92470 ? 21  MET A CE  1 
ATOM   122  N N   . TYR A 1 22  ? 6.39795   -8.24154  -2.89020  1.000 7.43783  ? 22  TYR A N   1 
ATOM   123  C CA  . TYR A 1 22  ? 5.99714   -9.53037  -2.35700  1.000 7.32852  ? 22  TYR A CA  1 
ATOM   124  C C   . TYR A 1 22  ? 5.26383   -10.29694 -3.43751  1.000 7.38981  ? 22  TYR A C   1 
ATOM   125  O O   . TYR A 1 22  ? 4.72006   -9.72036  -4.37556  1.000 7.38854  ? 22  TYR A O   1 
ATOM   126  C CB  . TYR A 1 22  ? 5.14067   -9.40979  -1.09738  1.000 8.75546  ? 22  TYR A CB  1 
ATOM   127  C CG  . TYR A 1 22  ? 3.70068   -8.99187  -1.28869  1.000 7.74471  ? 22  TYR A CG  1 
ATOM   128  C CD1 . TYR A 1 22  ? 3.36898   -7.72693  -1.75085  1.000 7.24329  ? 22  TYR A CD1 1 
ATOM   129  C CD2 . TYR A 1 22  ? 2.66528   -9.85098  -0.94538  1.000 10.60539 ? 22  TYR A CD2 1 
ATOM   130  C CE1 . TYR A 1 22  ? 2.05907   -7.32916  -1.87528  1.000 8.91015  ? 22  TYR A CE1 1 
ATOM   131  C CE2 . TYR A 1 22  ? 1.33654   -9.46462  -1.07254  1.000 10.12371 ? 22  TYR A CE2 1 
ATOM   132  C CZ  . TYR A 1 22  ? 1.04585   -8.20093  -1.54590  1.000 8.12901  ? 22  TYR A CZ  1 
ATOM   133  O OH  . TYR A 1 22  ? -0.25513  -7.77362  -1.67515  1.000 9.16361  ? 22  TYR A OH  1 
ATOM   134  N N   . SER A 1 23  ? 5.25217   -11.61955 -3.28496  1.000 9.16497  ? 23  SER A N   1 
ATOM   135  C CA  . SER A 1 23  ? 4.53286   -12.52121 -4.16703  1.000 9.59479  ? 23  SER A CA  1 
ATOM   136  C C   . SER A 1 23  ? 3.45884   -13.22729 -3.35365  1.000 10.78011 ? 23  SER A C   1 
ATOM   137  O O   . SER A 1 23  ? 3.73021   -13.71278 -2.24880  1.000 9.82499  ? 23  SER A O   1 
ATOM   138  C CB  . SER A 1 23  ? 5.48898   -13.54388 -4.79064  1.000 9.69503  ? 23  SER A CB  1 
ATOM   139  O OG  . SER A 1 23  ? 4.78165   -14.58630 -5.44130  1.000 10.04735 ? 23  SER A OG  1 
ATOM   140  N N   . GLY A 1 24  ? 2.24596   -13.27243 -3.90192  1.000 10.49061 ? 24  GLY A N   1 
ATOM   141  C CA  . GLY A 1 24  ? 1.12374   -13.92762 -3.25787  1.000 13.90621 ? 24  GLY A CA  1 
ATOM   142  C C   . GLY A 1 24  ? 0.08227   -12.93143 -2.79578  1.000 11.21596 ? 24  GLY A C   1 
ATOM   143  O O   . GLY A 1 24  ? -0.03986  -12.67649 -1.60023  1.000 14.26345 ? 24  GLY A O   1 
ATOM   144  N N   . CYS A 1 25  ? -0.67481  -12.35339 -3.72754  1.000 12.12027 ? 25  CYS A N   1 
ATOM   145  C CA  . CYS A 1 25  ? -1.73360  -11.41011 -3.37111  1.000 12.02039 ? 25  CYS A CA  1 
ATOM   146  C C   . CYS A 1 25  ? -3.08167  -11.84294 -3.93425  1.000 12.17561 ? 25  CYS A C   1 
ATOM   147  O O   . CYS A 1 25  ? -3.95978  -11.01353 -4.18628  1.000 12.45921 ? 25  CYS A O   1 
ATOM   148  C CB  . CYS A 1 25  ? -1.39603  -9.95976  -3.73912  1.000 16.86765 ? 25  CYS A CB  1 
ATOM   149  S SG  . CYS A 1 25  ? -1.00125  -9.62066  -5.47186  1.000 15.78939 ? 25  CYS A SG  1 
ATOM   150  N N   . GLY A 1 26  ? -3.26920  -13.15153 -4.11419  1.000 13.64559 ? 26  GLY A N   1 
ATOM   151  C CA  . GLY A 1 26  ? -4.52090  -13.68140 -4.62112  1.000 12.15757 ? 26  GLY A CA  1 
ATOM   152  C C   . GLY A 1 26  ? -5.61101  -13.82535 -3.59337  1.000 13.92295 ? 26  GLY A C   1 
ATOM   153  O O   . GLY A 1 26  ? -6.76478  -14.04756 -3.97242  1.000 12.95592 ? 26  GLY A O   1 
ATOM   154  N N   . SER A 1 27  ? -5.28263  -13.69853 -2.31111  1.000 10.23762 ? 27  SER A N   1 
ATOM   155  C CA  . SER A 1 27  ? -6.27177  -13.69772 -1.23200  1.000 11.45572 ? 27  SER A CA  1 
ATOM   156  C C   . SER A 1 27  ? -6.01622  -12.50706 -0.31633  1.000 10.36374 ? 27  SER A C   1 
ATOM   157  O O   . SER A 1 27  ? -5.72324  -12.66739 0.87251   1.000 12.18317 ? 27  SER A O   1 
ATOM   158  C CB  . SER A 1 27  ? -6.20727  -15.00671 -0.45177  1.000 15.60689 ? 27  SER A CB  1 
ATOM   159  O OG  . SER A 1 27  ? -6.54325  -16.09723 -1.29138  1.000 21.63371 ? 27  SER A OG  1 
ATOM   160  N N   . PRO A 1 28  ? -6.12764  -11.28915 -0.83950  1.000 10.24994 ? 28  PRO A N   1 
ATOM   161  C CA  . PRO A 1 28  ? -5.64561  -10.11589 -0.10497  1.000 9.89567  ? 28  PRO A CA  1 
ATOM   162  C C   . PRO A 1 28  ? -6.66540  -9.62916  0.91600   1.000 8.79015  ? 28  PRO A C   1 
ATOM   163  O O   . PRO A 1 28  ? -7.84759  -9.97795  0.87918   1.000 8.79363  ? 28  PRO A O   1 
ATOM   164  C CB  . PRO A 1 28  ? -5.45534  -9.08194  -1.21484  1.000 12.77556 ? 28  PRO A CB  1 
ATOM   165  C CG  . PRO A 1 28  ? -6.53099  -9.40945  -2.18638  1.000 8.85362  ? 28  PRO A CG  1 
ATOM   166  C CD  . PRO A 1 28  ? -6.66318  -10.92157 -2.16382  1.000 10.05222 ? 28  PRO A CD  1 
ATOM   167  N N   . ALA A 1 29  ? -6.20183  -8.72718  1.78390   1.000 7.98993  ? 29  ALA A N   1 
ATOM   168  C CA  . ALA A 1 29  ? -6.97895  -8.34087  2.95637   1.000 8.60040  ? 29  ALA A CA  1 
ATOM   169  C C   . ALA A 1 29  ? -8.22114  -7.54537  2.59501   1.000 7.83725  ? 29  ALA A C   1 
ATOM   170  O O   . ALA A 1 29  ? -9.19513  -7.55399  3.36005   1.000 9.12853  ? 29  ALA A O   1 
ATOM   171  C CB  . ALA A 1 29  ? -6.11838  -7.53770  3.93019   1.000 8.41020  ? 29  ALA A CB  1 
ATOM   172  N N   . CYS A 1 30  ? -8.21083  -6.83202  1.46941   1.000 7.36660  ? 30  CYS A N   1 
ATOM   173  C CA  . CYS A 1 30  ? -9.43032  -6.15506  1.04458   1.000 7.69461  ? 30  CYS A CA  1 
ATOM   174  C C   . CYS A 1 30  ? -10.50014 -7.12337  0.55759   1.000 8.08857  ? 30  CYS A C   1 
ATOM   175  O O   . CYS A 1 30  ? -11.65734 -6.72098  0.39988   1.000 9.30984  ? 30  CYS A O   1 
ATOM   176  C CB  . CYS A 1 30  ? -9.14984  -5.12871  -0.04194  1.000 8.04783  ? 30  CYS A CB  1 
ATOM   177  S SG  . CYS A 1 30  ? -7.97760  -3.84972  0.45501   1.000 7.26936  ? 30  CYS A SG  1 
ATOM   178  N N   . GLY A 1 31  ? -10.14336 -8.37546  0.30218   1.000 7.98278  ? 31  GLY A N   1 
ATOM   179  C CA  . GLY A 1 31  ? -11.10187 -9.37291  -0.12630  1.000 9.53674  ? 31  GLY A CA  1 
ATOM   180  C C   . GLY A 1 31  ? -11.34463 -9.42259  -1.61025  1.000 9.85180  ? 31  GLY A C   1 
ATOM   181  O O   . GLY A 1 31  ? -12.28179 -10.10474 -2.05391  1.000 10.43745 ? 31  GLY A O   1 
ATOM   182  N N   . GLU A 1 32  ? -10.53638 -8.72671  -2.39888  1.000 9.72295  ? 32  GLU A N   1 
ATOM   183  C CA  . GLU A 1 32  ? -10.75908 -8.67359  -3.82978  1.000 10.31560 ? 32  GLU A CA  1 
ATOM   184  C C   . GLU A 1 32  ? -9.44105  -8.27401  -4.46483  1.000 9.78292  ? 32  GLU A C   1 
ATOM   185  O O   . GLU A 1 32  ? -8.75653  -7.37788  -3.95966  1.000 9.39320  ? 32  GLU A O   1 
ATOM   186  C CB  . GLU A 1 32  ? -11.87395 -7.67235  -4.11424  1.000 10.98755 ? 32  GLU A CB  1 
ATOM   187  C CG  . GLU A 1 32  ? -12.29551 -7.56462  -5.54242  1.000 14.15688 ? 32  GLU A CG  1 
ATOM   188  C CD  . GLU A 1 32  ? -13.60360 -6.81339  -5.66605  1.000 18.17783 ? 32  GLU A CD  1 
ATOM   189  O OE1 . GLU A 1 32  ? -13.69544 -5.90939  -6.52167  1.000 21.06777 ? 32  GLU A OE1 1 
ATOM   190  O OE2 . GLU A 1 32  ? -14.56675 -7.17794  -4.95004  1.000 19.47043 ? 32  GLU A OE2 1 
ATOM   191  N N   . THR A 1 33  ? -9.06415  -8.98137  -5.51735  1.000 9.29037  ? 33  THR A N   1 
ATOM   192  C CA  . THR A 1 33  ? -7.83759  -8.72527  -6.24542  1.000 8.77621  ? 33  THR A CA  1 
ATOM   193  C C   . THR A 1 33  ? -8.12817  -7.71586  -7.35124  1.000 9.57233  ? 33  THR A C   1 
ATOM   194  O O   . THR A 1 33  ? -9.26472  -7.29264  -7.56618  1.000 9.74466  ? 33  THR A O   1 
ATOM   195  C CB  . THR A 1 33  ? -7.32207  -10.01639 -6.87929  1.000 11.11989 ? 33  THR A CB  1 
ATOM   196  O OG1 . THR A 1 33  ? -8.28196  -10.46887 -7.84000  1.000 14.19983 ? 33  THR A OG1 1 
ATOM   197  C CG2 . THR A 1 33  ? -7.12496  -11.11660 -5.82086  1.000 12.63273 ? 33  THR A CG2 1 
ATOM   198  N N   . ALA A 1 34  ? -7.08232  -7.34390  -8.07719  1.000 9.24120  ? 34  ALA A N   1 
ATOM   199  C CA  . ALA A 1 34  ? -7.23511  -6.54616  -9.28203  1.000 10.09338 ? 34  ALA A CA  1 
ATOM   200  C C   . ALA A 1 34  ? -6.13703  -6.93494  -10.25590 1.000 10.72327 ? 34  ALA A C   1 
ATOM   201  O O   . ALA A 1 34  ? -5.08032  -7.42152  -9.85581  1.000 10.60859 ? 34  ALA A O   1 
ATOM   202  C CB  . ALA A 1 34  ? -7.21413  -5.04494  -8.98166  1.000 10.70028 ? 34  ALA A CB  1 
ATOM   203  N N   . SER A 1 35  ? -6.40134  -6.72805  -11.54534 1.000 9.78823  ? 35  SER A N   1 
ATOM   204  C CA  . SER A 1 35  ? -5.51311  -7.21939  -12.58896 1.000 10.69569 ? 35  SER A CA  1 
ATOM   205  C C   . SER A 1 35  ? -4.39384  -6.24829  -12.92973 1.000 9.50898  ? 35  SER A C   1 
ATOM   206  O O   . SER A 1 35  ? -3.39743  -6.66154  -13.53146 1.000 10.73115 ? 35  SER A O   1 
ATOM   207  C CB  . SER A 1 35  ? -6.32308  -7.54557  -13.84614 1.000 13.51805 ? 35  SER A CB  1 
ATOM   208  O OG  . SER A 1 35  ? -6.74314  -6.35455  -14.47909 1.000 12.42420 ? 35  SER A OG  1 
ATOM   209  N N   . GLY A 1 36  ? -4.53989  -4.97671  -12.56983 1.000 9.76827  ? 36  GLY A N   1 
ATOM   210  C CA  . GLY A 1 36  ? -3.49114  -3.99258  -12.72808 1.000 8.41289  ? 36  GLY A CA  1 
ATOM   211  C C   . GLY A 1 36  ? -2.49612  -4.08279  -11.59205 1.000 6.96601  ? 36  GLY A C   1 
ATOM   212  O O   . GLY A 1 36  ? -2.49853  -5.02051  -10.79602 1.000 8.26097  ? 36  GLY A O   1 
ATOM   213  N N   . TYR A 1 37  ? -1.61717  -3.09160  -11.52706 1.000 7.12716  ? 37  TYR A N   1 
ATOM   214  C CA  . TYR A 1 37  ? -0.60693  -3.06059  -10.47520 1.000 6.69222  ? 37  TYR A CA  1 
ATOM   215  C C   . TYR A 1 37  ? -1.26549  -2.86955  -9.11698  1.000 5.92625  ? 37  TYR A C   1 
ATOM   216  O O   . TYR A 1 37  ? -2.14049  -2.01202  -8.95669  1.000 6.46509  ? 37  TYR A O   1 
ATOM   217  C CB  . TYR A 1 37  ? 0.37937   -1.92118  -10.71009 1.000 6.70472  ? 37  TYR A CB  1 
ATOM   218  C CG  . TYR A 1 37  ? 1.10853   -1.97146  -12.01660 1.000 7.68393  ? 37  TYR A CG  1 
ATOM   219  C CD1 . TYR A 1 37  ? 1.32815   -3.17691  -12.68066 1.000 7.54066  ? 37  TYR A CD1 1 
ATOM   220  C CD2 . TYR A 1 37  ? 1.66333   -0.82433  -12.54696 1.000 8.72905  ? 37  TYR A CD2 1 
ATOM   221  C CE1 . TYR A 1 37  ? 2.04723   -3.22020  -13.86895 1.000 10.55953 ? 37  TYR A CE1 1 
ATOM   222  C CE2 . TYR A 1 37  ? 2.37884   -0.85694  -13.73919 1.000 9.38215  ? 37  TYR A CE2 1 
ATOM   223  C CZ  . TYR A 1 37  ? 2.56320   -2.06018  -14.38456 1.000 10.69471 ? 37  TYR A CZ  1 
ATOM   224  O OH  . TYR A 1 37  ? 3.28160   -2.08363  -15.56228 1.000 14.13845 ? 37  TYR A OH  1 
ATOM   225  N N   . THR A 1 38  ? -0.87090  -3.67424  -8.13632  1.000 6.28458  ? 38  THR A N   1 
ATOM   226  C CA  . THR A 1 38  ? -1.47108  -3.59288  -6.81305  1.000 6.24367  ? 38  THR A CA  1 
ATOM   227  C C   . THR A 1 38  ? -0.39296  -3.56350  -5.74363  1.000 6.06739  ? 38  THR A C   1 
ATOM   228  O O   . THR A 1 38  ? 0.75899   -3.93929  -5.97452  1.000 6.77523  ? 38  THR A O   1 
ATOM   229  C CB  . THR A 1 38  ? -2.45503  -4.73888  -6.50872  1.000 7.62342  ? 38  THR A CB  1 
ATOM   230  O OG1 . THR A 1 38  ? -1.75966  -5.98944  -6.47910  1.000 9.77705  ? 38  THR A OG1 1 
ATOM   231  C CG2 . THR A 1 38  ? -3.55359  -4.80188  -7.53032  1.000 9.46102  ? 38  THR A CG2 1 
ATOM   232  N N   . ALA A 1 39  ? -0.79131  -3.12482  -4.55238  1.000 5.87181  ? 39  ALA A N   1 
ATOM   233  C CA  . ALA A 1 39  ? 0.13312   -3.07696  -3.44016  1.000 5.71594  ? 39  ALA A CA  1 
ATOM   234  C C   . ALA A 1 39  ? -0.59577  -3.38296  -2.14557  1.000 5.20672  ? 39  ALA A C   1 
ATOM   235  O O   . ALA A 1 39  ? -1.81737  -3.24807  -2.03682  1.000 6.08383  ? 39  ALA A O   1 
ATOM   236  C CB  . ALA A 1 39  ? 0.83503   -1.72780  -3.34661  1.000 6.92872  ? 39  ALA A CB  1 
ATOM   237  N N   . ALA A 1 40  ? 0.18751   -3.80630  -1.16656  1.000 5.78257  ? 40  ALA A N   1 
ATOM   238  C CA  . ALA A 1 40  ? -0.21287  -3.83683  0.22660   1.000 6.16114  ? 40  ALA A CA  1 
ATOM   239  C C   . ALA A 1 40  ? 0.33315   -2.59061  0.90898   1.000 5.48561  ? 40  ALA A C   1 
ATOM   240  O O   . ALA A 1 40  ? 1.41831   -2.10738  0.56853   1.000 9.10168  ? 40  ALA A O   1 
ATOM   241  C CB  . ALA A 1 40  ? 0.37578   -5.08177  0.89043   1.000 7.04045  ? 40  ALA A CB  1 
ATOM   242  N N   . MET A 1 41  ? -0.41391  -2.06436  1.86259   1.000 6.42785  ? 41  MET A N   1 
ATOM   243  C CA  . MET A 1 41  ? 0.03169   -0.89433  2.59610   1.000 5.97098  ? 41  MET A CA  1 
ATOM   244  C C   . MET A 1 41  ? 0.20942   -1.27318  4.06320   1.000 6.47569  ? 41  MET A C   1 
ATOM   245  O O   . MET A 1 41  ? -0.50643  -2.12815  4.58508   1.000 6.03583  ? 41  MET A O   1 
ATOM   246  C CB  . MET A 1 41  ? -0.96854  0.23439   2.33628   1.000 9.57132  ? 41  MET A CB  1 
ATOM   247  C CG  . MET A 1 41  ? -0.52149  1.63947   2.64143   1.000 10.38705 ? 41  MET A CG  1 
ATOM   248  S SD  . MET A 1 41  ? -1.89199  2.76311   2.32307   1.000 12.68160 ? 41  MET A SD  1 
ATOM   249  C CE  . MET A 1 41  ? -0.99431  4.30884   2.31065   1.000 12.72000 ? 41  MET A CE  1 
ATOM   250  N N   . ASN A 1 42  ? 1.19380   -0.67376  4.72090   1.000 5.96318  ? 42  ASN A N   1 
ATOM   251  C CA  . ASN A 1 42  ? 1.43752   -0.99421  6.11911   1.000 5.82121  ? 42  ASN A CA  1 
ATOM   252  C C   . ASN A 1 42  ? 0.18179   -0.74900  6.94885   1.000 5.99494  ? 42  ASN A C   1 
ATOM   253  O O   . ASN A 1 42  ? -0.60965  0.15697   6.68265   1.000 5.75470  ? 42  ASN A O   1 
ATOM   254  C CB  . ASN A 1 42  ? 2.59114   -0.15587  6.67139   1.000 6.47987  ? 42  ASN A CB  1 
ATOM   255  C CG  . ASN A 1 42  ? 2.24335   1.30202   6.77536   1.000 6.59916  ? 42  ASN A CG  1 
ATOM   256  O OD1 . ASN A 1 42  ? 2.14412   1.99600   5.76567   1.000 7.15448  ? 42  ASN A OD1 1 
ATOM   257  N ND2 . ASN A 1 42  ? 2.04792   1.78528   8.00342   1.000 7.56822  ? 42  ASN A ND2 1 
ATOM   258  N N   . GLN A 1 43  ? 0.04736   -1.56192  7.99382   1.000 6.44654  ? 43  GLN A N   1 
ATOM   259  C CA  . GLN A 1 43  ? -1.16400  -1.60861  8.80057   1.000 6.40905  ? 43  GLN A CA  1 
ATOM   260  C C   . GLN A 1 43  ? -1.62797  -0.24168  9.28807   1.000 7.81728  ? 43  GLN A C   1 
ATOM   261  O O   . GLN A 1 43  ? -2.82880  0.04638   9.27522   1.000 7.31400  ? 43  GLN A O   1 
ATOM   262  C CB  . GLN A 1 43  ? -0.88557  -2.52714  9.97865   1.000 7.03611  ? 43  GLN A CB  1 
ATOM   263  C CG  . GLN A 1 43  ? -2.08490  -2.78864  10.83422  1.000 8.31541  ? 43  GLN A CG  1 
ATOM   264  C CD  . GLN A 1 43  ? -1.85266  -3.96587  11.75075  1.000 8.98545  ? 43  GLN A CD  1 
ATOM   265  O OE1 . GLN A 1 43  ? -1.00051  -4.81470  11.49004  1.000 9.91430  ? 43  GLN A OE1 1 
ATOM   266  N NE2 . GLN A 1 43  ? -2.59911  -4.01980  12.84601  1.000 11.50826 ? 43  GLN A NE2 1 
ATOM   267  N N   . LEU A 1 44  ? -0.70241  0.59791   9.74803   1.000 7.14094  ? 44  LEU A N   1 
ATOM   268  C CA  . LEU A 1 44  ? -1.07944  1.87705   10.33644  1.000 7.20781  ? 44  LEU A CA  1 
ATOM   269  C C   . LEU A 1 44  ? -1.74785  2.79914   9.32792   1.000 7.66737  ? 44  LEU A C   1 
ATOM   270  O O   . LEU A 1 44  ? -2.53549  3.67550   9.72098   1.000 7.63189  ? 44  LEU A O   1 
ATOM   271  C CB  . LEU A 1 44  ? 0.12850   2.54242   10.99410  1.000 7.58302  ? 44  LEU A CB  1 
ATOM   272  C CG  . LEU A 1 44  ? -0.13144  3.83639   11.76491  1.000 8.11852  ? 44  LEU A CG  1 
ATOM   273  C CD1 . LEU A 1 44  ? -1.12640  3.61103   12.86736  1.000 10.66160 ? 44  LEU A CD1 1 
ATOM   274  C CD2 . LEU A 1 44  ? 1.17162   4.37311   12.33180  1.000 10.16141 ? 44  LEU A CD2 1 
ATOM   275  N N   . SER A 1 45  ? -1.45499  2.62609   8.02825   1.000 7.32194  ? 45  SER A N   1 
ATOM   276  C CA  . SER A 1 45  ? -2.18997  3.35845   7.00251   1.000 7.25572  ? 45  SER A CA  1 
ATOM   277  C C   . SER A 1 45  ? -3.29617  2.55523   6.32954   1.000 5.58238  ? 45  SER A C   1 
ATOM   278  O O   . SER A 1 45  ? -4.23250  3.15795   5.78943   1.000 6.90469  ? 45  SER A O   1 
ATOM   279  C CB  . SER A 1 45  ? -1.23945  3.88711   5.92565   1.000 8.78981  ? 45  SER A CB  1 
ATOM   280  O OG  . SER A 1 45  ? -0.41959  4.91569   6.45740   1.000 11.28259 ? 45  SER A OG  1 
ATOM   281  N N   . PHE A 1 46  ? -3.20290  1.22739   6.33210   1.000 6.63565  ? 46  PHE A N   1 
ATOM   282  C CA  . PHE A 1 46  ? -4.21109  0.39948   5.67618   1.000 5.41438  ? 46  PHE A CA  1 
ATOM   283  C C   . PHE A 1 46  ? -5.58408  0.61609   6.28558   1.000 7.43042  ? 46  PHE A C   1 
ATOM   284  O O   . PHE A 1 46  ? -6.59358  0.65953   5.56695   1.000 6.93222  ? 46  PHE A O   1 
ATOM   285  C CB  . PHE A 1 46  ? -3.80362  -1.07289  5.77039   1.000 7.20810  ? 46  PHE A CB  1 
ATOM   286  C CG  . PHE A 1 46  ? -4.75149  -2.01585  5.08232   1.000 6.62011  ? 46  PHE A CG  1 
ATOM   287  C CD1 . PHE A 1 46  ? -4.77063  -2.10693  3.70197   1.000 6.39284  ? 46  PHE A CD1 1 
ATOM   288  C CD2 . PHE A 1 46  ? -5.61470  -2.82704  5.81797   1.000 7.90203  ? 46  PHE A CD2 1 
ATOM   289  C CE1 . PHE A 1 46  ? -5.62659  -2.97279  3.06739   1.000 7.26983  ? 46  PHE A CE1 1 
ATOM   290  C CE2 . PHE A 1 46  ? -6.48704  -3.68865  5.18130   1.000 6.98300  ? 46  PHE A CE2 1 
ATOM   291  C CZ  . PHE A 1 46  ? -6.49647  -3.75860  3.80663   1.000 6.40788  ? 46  PHE A CZ  1 
ATOM   292  N N   . GLY A 1 47  ? -5.64877  0.71770   7.60992   1.000 7.02057  ? 47  GLY A N   1 
ATOM   293  C CA  . GLY A 1 47  ? -6.89995  0.96321   8.28639   1.000 8.81282  ? 47  GLY A CA  1 
ATOM   294  C C   . GLY A 1 47  ? -7.58639  -0.25459  8.85030   1.000 8.51175  ? 47  GLY A C   1 
ATOM   295  O O   . GLY A 1 47  ? -8.76829  -0.16379  9.20543   1.000 9.73429  ? 47  GLY A O   1 
ATOM   296  N N   . ALA A 1 48  ? -6.89671  -1.38508  8.94155   1.000 7.66555  ? 48  ALA A N   1 
ATOM   297  C CA  . ALA A 1 48  ? -7.45341  -2.57648  9.56085   1.000 8.87463  ? 48  ALA A CA  1 
ATOM   298  C C   . ALA A 1 48  ? -6.30264  -3.48283  9.95276   1.000 10.76833 ? 48  ALA A C   1 
ATOM   299  O O   . ALA A 1 48  ? -5.24531  -3.47273  9.31306   1.000 12.09293 ? 48  ALA A O   1 
ATOM   300  C CB  . ALA A 1 48  ? -8.42178  -3.30891  8.62125   1.000 9.70620  ? 48  ALA A CB  1 
ATOM   301  N N   . GLY A 1 49  ? -6.51096  -4.24309  11.03241  1.000 12.54712 ? 49  GLY A N   1 
ATOM   302  C CA  . GLY A 1 49  ? -5.57229  -5.26951  11.42515  1.000 14.67331 ? 49  GLY A CA  1 
ATOM   303  C C   . GLY A 1 49  ? -5.79868  -6.54405  10.65275  1.000 14.05262 ? 49  GLY A C   1 
ATOM   304  O O   . GLY A 1 49  ? -6.77412  -6.69340  9.89505   1.000 13.99807 ? 49  GLY A O   1 
ATOM   305  N N   . PRO A 1 50  ? -4.87625  -7.49534  10.81535  1.000 17.97833 ? 50  PRO A N   1 
ATOM   306  C CA  . PRO A 1 50  ? -5.04554  -8.79276  10.14881  1.000 17.12245 ? 50  PRO A CA  1 
ATOM   307  C C   . PRO A 1 50  ? -6.33701  -9.46828  10.59174  1.000 20.40592 ? 50  PRO A C   1 
ATOM   308  O O   . PRO A 1 50  ? -6.73387  -9.39051  11.75596  1.000 20.22715 ? 50  PRO A O   1 
ATOM   309  C CB  . PRO A 1 50  ? -3.81039  -9.59084  10.58638  1.000 25.77821 ? 50  PRO A CB  1 
ATOM   310  C CG  . PRO A 1 50  ? -2.87044  -8.56650  11.12542  1.000 26.83423 ? 50  PRO A CG  1 
ATOM   311  C CD  . PRO A 1 50  ? -3.71211  -7.49241  11.71348  1.000 24.91312 ? 50  PRO A CD  1 
ATOM   312  N N   . GLY A 1 51  ? -7.01196  -10.10098 9.63558   1.000 18.16028 ? 51  GLY A N   1 
ATOM   313  C CA  . GLY A 1 51  ? -8.26434  -10.77622 9.89807   1.000 18.50093 ? 51  GLY A CA  1 
ATOM   314  C C   . GLY A 1 51  ? -9.45395  -9.87174  10.12223  1.000 17.15414 ? 51  GLY A C   1 
ATOM   315  O O   . GLY A 1 51  ? -10.54844 -10.38108 10.39672  1.000 19.68442 ? 51  GLY A O   1 
ATOM   316  N N   . ALA A 1 52  ? -9.28932  -8.55102  10.01442  1.000 14.70386 ? 52  ALA A N   1 
ATOM   317  C CA  . ALA A 1 52  ? -10.36996 -7.61179  10.28123  1.000 13.64028 ? 52  ALA A CA  1 
ATOM   318  C C   . ALA A 1 52  ? -11.10257 -7.15613  9.02853   1.000 14.36388 ? 52  ALA A C   1 
ATOM   319  O O   . ALA A 1 52  ? -12.04029 -6.35995  9.13824   1.000 20.92545 ? 52  ALA A O   1 
ATOM   320  C CB  . ALA A 1 52  ? -9.84603  -6.39266  11.04941  1.000 14.00324 ? 52  ALA A CB  1 
ATOM   321  N N   . GLY A 1 53  ? -10.71081 -7.63728  7.85751   1.000 14.89383 ? 53  GLY A N   1 
ATOM   322  C CA  . GLY A 1 53  ? -11.34123 -7.21253  6.62522   1.000 16.62272 ? 53  GLY A CA  1 
ATOM   323  C C   . GLY A 1 53  ? -10.69490 -5.98110  6.01867   1.000 12.38946 ? 53  GLY A C   1 
ATOM   324  O O   . GLY A 1 53  ? -9.53697  -5.63882  6.26417   1.000 12.27991 ? 53  GLY A O   1 
ATOM   325  N N   . ALA A 1 54  ? -11.48776 -5.29753  5.20598   1.000 11.08609 ? 54  ALA A N   1 
ATOM   326  C CA  . ALA A 1 54  ? -10.99982 -4.16413  4.43679   1.000 9.66166  ? 54  ALA A CA  1 
ATOM   327  C C   . ALA A 1 54  ? -10.82613 -2.94114  5.32941   1.000 11.82898 ? 54  ALA A C   1 
ATOM   328  O O   . ALA A 1 54  ? -11.70371 -2.62991  6.13910   1.000 16.12884 ? 54  ALA A O   1 
ATOM   329  C CB  . ALA A 1 54  ? -12.00502 -3.85272  3.33088   1.000 11.27166 ? 54  ALA A CB  1 
ATOM   330  N N   . GLY A 1 55  ? -9.69172  -2.25008  5.18947   1.000 8.07067  ? 55  GLY A N   1 
ATOM   331  C CA  . GLY A 1 55  ? -9.50919  -0.93837  5.76611   1.000 8.48111  ? 55  GLY A CA  1 
ATOM   332  C C   . GLY A 1 55  ? -9.75633  0.15745   4.74100   1.000 7.76942  ? 55  GLY A C   1 
ATOM   333  O O   . GLY A 1 55  ? -10.00531 -0.09206  3.56895   1.000 6.96974  ? 55  GLY A O   1 
ATOM   334  N N   . ASP A 1 56  ? -9.65914  1.40556   5.19620   1.000 7.11157  ? 56  ASP A N   1 
ATOM   335  C CA  . ASP A 1 56  ? -10.05368 2.47638   4.29185   1.000 8.22279  ? 56  ASP A CA  1 
ATOM   336  C C   . ASP A 1 56  ? -9.07628  2.70783   3.14894   1.000 6.96710  ? 56  ASP A C   1 
ATOM   337  O O   . ASP A 1 56  ? -9.41590  3.44859   2.22246   1.000 7.03505  ? 56  ASP A O   1 
ATOM   338  C CB  . ASP A 1 56  ? -10.31737 3.78417   5.01464   1.000 8.78701  ? 56  ASP A CB  1 
ATOM   339  C CG  . ASP A 1 56  ? -11.18493 4.71660   4.19736   1.000 8.99171  ? 56  ASP A CG  1 
ATOM   340  O OD1 . ASP A 1 56  ? -12.31293 4.31902   3.80883   1.000 10.44895 ? 56  ASP A OD1 1 
ATOM   341  O OD2 . ASP A 1 56  ? -10.71737 5.83591   3.91211   1.000 9.90584  ? 56  ASP A OD2 1 
ATOM   342  N N   . ALA A 1 57  ? -7.88483  2.10751   3.17435   1.000 6.12939  ? 57  ALA A N   1 
ATOM   343  C CA  . ALA A 1 57  ? -7.01068  2.20639   2.00890   1.000 5.99113  ? 57  ALA A CA  1 
ATOM   344  C C   . ALA A 1 57  ? -7.52081  1.39412   0.82425   1.000 6.21126  ? 57  ALA A C   1 
ATOM   345  O O   . ALA A 1 57  ? -7.08945  1.63233   -0.30718  1.000 6.58454  ? 57  ALA A O   1 
ATOM   346  C CB  . ALA A 1 57  ? -5.59031  1.76597   2.35547   1.000 7.17588  ? 57  ALA A CB  1 
ATOM   347  N N   . CYS A 1 58  ? -8.44344  0.45998   1.05384   1.000 4.93372  ? 58  CYS A N   1 
ATOM   348  C CA  . CYS A 1 58  ? -8.81899  -0.52580  0.04268   1.000 6.42648  ? 58  CYS A CA  1 
ATOM   349  C C   . CYS A 1 58  ? -9.39416  0.11970   -1.20433  1.000 6.19098  ? 58  CYS A C   1 
ATOM   350  O O   . CYS A 1 58  ? -10.39124 0.85569   -1.14052  1.000 6.88028  ? 58  CYS A O   1 
ATOM   351  C CB  . CYS A 1 58  ? -9.83096  -1.49846  0.63784   1.000 7.50731  ? 58  CYS A CB  1 
ATOM   352  S SG  . CYS A 1 58  ? -9.03311  -2.65582  1.72019   1.000 7.23474  ? 58  CYS A SG  1 
ATOM   353  N N   . GLY A 1 59  ? -8.78901  -0.19567  -2.34442  1.000 5.23678  ? 59  GLY A N   1 
ATOM   354  C CA  . GLY A 1 59  ? -9.23963  0.29497   -3.62405  1.000 6.79600  ? 59  GLY A CA  1 
ATOM   355  C C   . GLY A 1 59  ? -8.67047  1.63266   -4.03768  1.000 6.89598  ? 59  GLY A C   1 
ATOM   356  O O   . GLY A 1 59  ? -8.79012  1.99805   -5.21021  1.000 6.53065  ? 59  GLY A O   1 
ATOM   357  N N   . ARG A 1 60  ? -8.05743  2.37287   -3.12018  1.000 5.58435  ? 60  ARG A N   1 
ATOM   358  C CA  . ARG A 1 60  ? -7.48899  3.66546   -3.46051  1.000 6.17362  ? 60  ARG A CA  1 
ATOM   359  C C   . ARG A 1 60  ? -6.27324  3.49305   -4.35720  1.000 6.22870  ? 60  ARG A C   1 
ATOM   360  O O   . ARG A 1 60  ? -5.55742  2.48300   -4.29949  1.000 6.36783  ? 60  ARG A O   1 
ATOM   361  C CB  . ARG A 1 60  ? -7.12943  4.43754   -2.19478  1.000 6.13020  ? 60  ARG A CB  1 
ATOM   362  C CG  . ARG A 1 60  ? -8.35979  4.76832   -1.37099  1.000 8.03471  ? 60  ARG A CG  1 
ATOM   363  C CD  . ARG A 1 60  ? -8.00970  5.55527   -0.13383  1.000 6.92599  ? 60  ARG A CD  1 
ATOM   364  N NE  . ARG A 1 60  ? -9.17972  5.85372   0.68389   1.000 8.33342  ? 60  ARG A NE  1 
ATOM   365  C CZ  . ARG A 1 60  ? -9.98725  6.88799   0.48855   1.000 8.48270  ? 60  ARG A CZ  1 
ATOM   366  N NH1 . ARG A 1 60  ? -9.77246  7.74837   -0.49144  1.000 9.12729  ? 60  ARG A NH1 1 
ATOM   367  N NH2 . ARG A 1 60  ? -11.04506 7.04304   1.28386   1.000 10.11426 ? 60  ARG A NH2 1 
ATOM   368  N N   . CYS A 1 61  ? -6.04384  4.49133   -5.20530  1.000 6.42282  ? 61  CYS A N   1 
ATOM   369  C CA  . CYS A 1 61  ? -4.95137  4.46754   -6.15823  1.000 6.85902  ? 61  CYS A CA  1 
ATOM   370  C C   . CYS A 1 61  ? -3.90628  5.49449   -5.76939  1.000 6.08294  ? 61  CYS A C   1 
ATOM   371  O O   . CYS A 1 61  ? -4.23853  6.61563   -5.36692  1.000 6.72980  ? 61  CYS A O   1 
ATOM   372  C CB  . CYS A 1 61  ? -5.45151  4.72949   -7.57829  1.000 7.16668  ? 61  CYS A CB  1 
ATOM   373  S SG  . CYS A 1 61  ? -6.51109  3.40329   -8.19799  1.000 8.69837  ? 61  CYS A SG  1 
ATOM   374  N N   . PHE A 1 62  ? -2.64792  5.09797   -5.88229  1.000 6.32727  ? 62  PHE A N   1 
ATOM   375  C CA  . PHE A 1 62  ? -1.54693  5.94231   -5.46623  1.000 5.63215  ? 62  PHE A CA  1 
ATOM   376  C C   . PHE A 1 62  ? -0.45245  5.90711   -6.51766  1.000 5.74740  ? 62  PHE A C   1 
ATOM   377  O O   . PHE A 1 62  ? -0.09845  4.83705   -7.02729  1.000 6.59175  ? 62  PHE A O   1 
ATOM   378  C CB  . PHE A 1 62  ? -0.94377  5.45816   -4.13578  1.000 6.37889  ? 62  PHE A CB  1 
ATOM   379  C CG  . PHE A 1 62  ? -1.88803  5.49254   -2.97780  1.000 6.20727  ? 62  PHE A CG  1 
ATOM   380  C CD1 . PHE A 1 62  ? -2.70551  4.41467   -2.68775  1.000 7.13063  ? 62  PHE A CD1 1 
ATOM   381  C CD2 . PHE A 1 62  ? -1.95151  6.61382   -2.15901  1.000 7.94721  ? 62  PHE A CD2 1 
ATOM   382  C CE1 . PHE A 1 62  ? -3.56155  4.46372   -1.61521  1.000 8.26639  ? 62  PHE A CE1 1 
ATOM   383  C CE2 . PHE A 1 62  ? -2.81240  6.66303   -1.09053  1.000 9.33675  ? 62  PHE A CE2 1 
ATOM   384  C CZ  . PHE A 1 62  ? -3.61874  5.59648   -0.81693  1.000 8.95432  ? 62  PHE A CZ  1 
ATOM   385  N N   . ALA A 1 63  ? 0.10905   7.07829   -6.81786  1.000 5.73948  ? 63  ALA A N   1 
ATOM   386  C CA  . ALA A 1 63  ? 1.31666   7.18099   -7.62760  1.000 6.32517  ? 63  ALA A CA  1 
ATOM   387  C C   . ALA A 1 63  ? 2.51426   7.02617   -6.69970  1.000 7.19420  ? 63  ALA A C   1 
ATOM   388  O O   . ALA A 1 63  ? 2.65401   7.78408   -5.73472  1.000 6.80368  ? 63  ALA A O   1 
ATOM   389  C CB  . ALA A 1 63  ? 1.36864   8.52148   -8.36149  1.000 7.94159  ? 63  ALA A CB  1 
ATOM   390  N N   . LEU A 1 64  ? 3.35174   6.02703   -6.96572  1.000 5.83280  ? 64  LEU A N   1 
ATOM   391  C CA  . LEU A 1 64  ? 4.51713   5.71688   -6.14432  1.000 6.34146  ? 64  LEU A CA  1 
ATOM   392  C C   . LEU A 1 64  ? 5.75056   6.09628   -6.93045  1.000 7.23100  ? 64  LEU A C   1 
ATOM   393  O O   . LEU A 1 64  ? 5.86153   5.73404   -8.10128  1.000 7.13805  ? 64  LEU A O   1 
ATOM   394  C CB  . LEU A 1 64  ? 4.57941   4.21633   -5.86775  1.000 6.41394  ? 64  LEU A CB  1 
ATOM   395  C CG  . LEU A 1 64  ? 3.31489   3.57030   -5.30847  1.000 5.73474  ? 64  LEU A CG  1 
ATOM   396  C CD1 . LEU A 1 64  ? 3.62805   2.12096   -4.96346  1.000 6.82196  ? 64  LEU A CD1 1 
ATOM   397  C CD2 . LEU A 1 64  ? 2.76055   4.31362   -4.09452  1.000 8.12475  ? 64  LEU A CD2 1 
ATOM   398  N N   . THR A 1 65  ? 6.66640   6.82489   -6.29567  1.000 6.13163  ? 65  THR A N   1 
ATOM   399  C CA  . THR A 1 65  ? 7.86972   7.30136   -6.97332  1.000 9.12102  ? 65  THR A CA  1 
ATOM   400  C C   . THR A 1 65  ? 9.09586   6.93531   -6.15168  1.000 7.43995  ? 65  THR A C   1 
ATOM   401  O O   . THR A 1 65  ? 9.20381   7.35262   -4.99600  1.000 8.04676  ? 65  THR A O   1 
ATOM   402  C CB  . THR A 1 65  ? 7.81095   8.82164   -7.13822  1.000 9.31594  ? 65  THR A CB  1 
ATOM   403  O OG1 . THR A 1 65  ? 6.65350   9.17152   -7.91300  1.000 11.49703 ? 65  THR A OG1 1 
ATOM   404  C CG2 . THR A 1 65  ? 9.06479   9.32842   -7.83176  1.000 12.46939 ? 65  THR A CG2 1 
ATOM   405  N N   . GLY A 1 66  ? 10.02982  6.19520   -6.74638  1.000 7.81540  ? 66  GLY A N   1 
ATOM   406  C CA  . GLY A 1 66  ? 11.26294  5.88398   -6.04800  1.000 8.44246  ? 66  GLY A CA  1 
ATOM   407  C C   . GLY A 1 66  ? 12.22193  7.05332   -6.14185  1.000 7.98325  ? 66  GLY A C   1 
ATOM   408  O O   . GLY A 1 66  ? 12.29714  7.73565   -7.16102  1.000 9.96241  ? 66  GLY A O   1 
ATOM   409  N N   . THR A 1 67  ? 12.93472  7.31429   -5.04926  1.000 8.60064  ? 67  THR A N   1 
ATOM   410  C CA  . THR A 1 67  ? 13.94786  8.36682   -5.05976  1.000 9.32145  ? 67  THR A CA  1 
ATOM   411  C C   . THR A 1 67  ? 15.27668  7.97189   -4.43482  1.000 9.77550  ? 67  THR A C   1 
ATOM   412  O O   . THR A 1 67  ? 16.24470  8.72465   -4.59386  1.000 9.84443  ? 67  THR A O   1 
ATOM   413  C CB  . THR A 1 67  ? 13.45591  9.66010   -4.37377  1.000 10.31610 ? 67  THR A CB  1 
ATOM   414  O OG1 . THR A 1 67  ? 13.28758  9.42482   -2.97335  1.000 11.83745 ? 67  THR A OG1 1 
ATOM   415  C CG2 . THR A 1 67  ? 12.14844  10.17046  -4.95872  1.000 12.30161 ? 67  THR A CG2 1 
ATOM   416  N N   . ALA A 1 68  ? 15.36500  6.85131   -3.72107  1.000 8.20282  ? 68  ALA A N   1 
ATOM   417  C CA  . ALA A 1 68  ? 16.62530  6.47534   -3.09657  1.000 8.74618  ? 68  ALA A CA  1 
ATOM   418  C C   . ALA A 1 68  ? 16.65386  4.97392   -2.89065  1.000 8.72870  ? 68  ALA A C   1 
ATOM   419  O O   . ALA A 1 68  ? 15.61216  4.33904   -2.72442  1.000 8.83692  ? 68  ALA A O   1 
ATOM   420  C CB  . ALA A 1 68  ? 16.81520  7.17339   -1.74502  1.000 12.14480 ? 68  ALA A CB  1 
ATOM   421  N N   . ASP A 1 69  ? 17.86413  4.41261   -2.91177  1.000 8.85107  ? 69  ASP A N   1 
ATOM   422  C CA  . ASP A 1 69  ? 18.11188  3.02427   -2.55617  1.000 9.46888  ? 69  ASP A CA  1 
ATOM   423  C C   . ASP A 1 69  ? 18.70119  3.00018   -1.15099  1.000 9.53560  ? 69  ASP A C   1 
ATOM   424  O O   . ASP A 1 69  ? 19.83941  3.46788   -0.96047  1.000 9.63590  ? 69  ASP A O   1 
ATOM   425  C CB  . ASP A 1 69  ? 19.08935  2.41074   -3.56141  1.000 11.14199 ? 69  ASP A CB  1 
ATOM   426  C CG  . ASP A 1 69  ? 19.41942  0.95479   -3.27993  1.000 16.14983 ? 69  ASP A CG  1 
ATOM   427  O OD1 . ASP A 1 69  ? 19.15571  0.44558   -2.17361  1.000 13.97453 ? 69  ASP A OD1 1 
ATOM   428  O OD2 . ASP A 1 69  ? 19.99072  0.31254   -4.18808  1.000 21.40716 ? 69  ASP A OD2 1 
ATOM   429  N N   . PRO A 1 70  ? 18.00396  2.44831   -0.14908  1.000 10.55697 ? 70  PRO A N   1 
ATOM   430  C CA  . PRO A 1 70  ? 18.53874  2.47219   1.22555   1.000 10.50691 ? 70  PRO A CA  1 
ATOM   431  C C   . PRO A 1 70  ? 19.78431  1.63033   1.41518   1.000 12.41465 ? 70  PRO A C   1 
ATOM   432  O O   . PRO A 1 70  ? 20.43297  1.74953   2.46323   1.000 15.55033 ? 70  PRO A O   1 
ATOM   433  C CB  . PRO A 1 70  ? 17.37434  1.93720   2.06779   1.000 12.64637 ? 70  PRO A CB  1 
ATOM   434  C CG  . PRO A 1 70  ? 16.58294  1.10230   1.13245   1.000 14.74494 ? 70  PRO A CG  1 
ATOM   435  C CD  . PRO A 1 70  ? 16.69782  1.77184   -0.21999  1.000 9.31007  ? 70  PRO A CD  1 
ATOM   436  N N   . TYR A 1 71  ? 20.12374  0.77193   0.46570   1.000 11.29339 ? 71  TYR A N   1 
ATOM   437  C CA  . TYR A 1 71  ? 21.32019  -0.04923  0.56236   1.000 13.16870 ? 71  TYR A CA  1 
ATOM   438  C C   . TYR A 1 71  ? 22.45358  0.49704   -0.28835  1.000 11.08376 ? 71  TYR A C   1 
ATOM   439  O O   . TYR A 1 71  ? 23.55431  -0.06648  -0.27533  1.000 15.52233 ? 71  TYR A O   1 
ATOM   440  C CB  . TYR A 1 71  ? 20.98515  -1.49438  0.17505   1.000 15.71898 ? 71  TYR A CB  1 
ATOM   441  C CG  . TYR A 1 71  ? 19.96934  -2.11911  1.11389   1.000 16.62745 ? 71  TYR A CG  1 
ATOM   442  C CD1 . TYR A 1 71  ? 20.04593  -1.89563  2.48215   1.000 17.99716 ? 71  TYR A CD1 1 
ATOM   443  C CD2 . TYR A 1 71  ? 18.90624  -2.88095  0.63534   1.000 25.29924 ? 71  TYR A CD2 1 
ATOM   444  C CE1 . TYR A 1 71  ? 19.12298  -2.44445  3.36087   1.000 23.25797 ? 71  TYR A CE1 1 
ATOM   445  C CE2 . TYR A 1 71  ? 17.96757  -3.43595  1.51197   1.000 21.55230 ? 71  TYR A CE2 1 
ATOM   446  C CZ  . TYR A 1 71  ? 18.08900  -3.20630  2.87107   1.000 21.32032 ? 71  TYR A CZ  1 
ATOM   447  O OH  . TYR A 1 71  ? 17.17486  -3.74294  3.75517   1.000 28.91516 ? 71  TYR A OH  1 
ATOM   448  N N   . SER A 1 72  ? 22.22351  1.58276   -1.01901  1.000 11.56997 ? 72  SER A N   1 
ATOM   449  C CA  . SER A 1 72  ? 23.25107  2.17642   -1.87408  1.000 13.96945 ? 72  SER A CA  1 
ATOM   450  C C   . SER A 1 72  ? 22.94767  3.65552   -2.02076  1.000 12.72551 ? 72  SER A C   1 
ATOM   451  O O   . SER A 1 72  ? 22.33164  4.08994   -3.00082  1.000 12.64172 ? 72  SER A O   1 
ATOM   452  C CB  . SER A 1 72  ? 23.29824  1.48032   -3.23503  1.000 16.98816 ? 72  SER A CB  1 
ATOM   453  O OG  . SER A 1 72  ? 24.45845  1.85599   -3.95954  1.000 19.80058 ? 72  SER A OG  1 
ATOM   454  N N   . PRO A 1 73  ? 23.36236  4.46780   -1.04917  1.000 12.77301 ? 73  PRO A N   1 
ATOM   455  C CA  . PRO A 1 73  ? 23.06698  5.90927   -1.10029  1.000 17.39906 ? 73  PRO A CA  1 
ATOM   456  C C   . PRO A 1 73  ? 23.54422  6.59526   -2.36074  1.000 17.90465 ? 73  PRO A C   1 
ATOM   457  O O   . PRO A 1 73  ? 22.95914  7.61160   -2.75758  1.000 19.84811 ? 73  PRO A O   1 
ATOM   458  C CB  . PRO A 1 73  ? 23.80861  6.45676   0.12598   1.000 20.19308 ? 73  PRO A CB  1 
ATOM   459  C CG  . PRO A 1 73  ? 23.89159  5.30373   1.05418   1.000 17.19227 ? 73  PRO A CG  1 
ATOM   460  C CD  . PRO A 1 73  ? 24.05661  4.08829   0.19241   1.000 16.04588 ? 73  PRO A CD  1 
ATOM   461  N N   . SER A 1 74  ? 24.60007  6.08596   -2.99458  1.000 16.19454 ? 74  SER A N   1 
ATOM   462  C CA  . SER A 1 74  ? 25.13407  6.74567   -4.17755  1.000 17.94086 ? 74  SER A CA  1 
ATOM   463  C C   . SER A 1 74  ? 24.26671  6.52354   -5.40707  1.000 21.40761 ? 74  SER A C   1 
ATOM   464  O O   . SER A 1 74  ? 24.39881  7.27465   -6.37991  1.000 19.25052 ? 74  SER A O   1 
ATOM   465  C CB  . SER A 1 74  ? 26.56980  6.28618   -4.44467  1.000 18.02675 ? 74  SER A CB  1 
ATOM   466  O OG  . SER A 1 74  ? 26.63269  4.88302   -4.61609  1.000 19.84508 ? 74  SER A OG  1 
ATOM   467  N N   . TYR A 1 75  ? 23.38125  5.52662   -5.38096  1.000 15.87764 ? 75  TYR A N   1 
ATOM   468  C CA  . TYR A 1 75  ? 22.52688  5.24508   -6.52787  1.000 14.46146 ? 75  TYR A CA  1 
ATOM   469  C C   . TYR A 1 75  ? 21.59023  6.42485   -6.77465  1.000 15.04918 ? 75  TYR A C   1 
ATOM   470  O O   . TYR A 1 75  ? 20.79974  6.80617   -5.90639  1.000 17.62588 ? 75  TYR A O   1 
ATOM   471  C CB  . TYR A 1 75  ? 21.75140  3.94869   -6.27750  1.000 15.32945 ? 75  TYR A CB  1 
ATOM   472  C CG  . TYR A 1 75  ? 20.90309  3.50194   -7.43997  1.000 13.81196 ? 75  TYR A CG  1 
ATOM   473  C CD1 . TYR A 1 75  ? 21.45986  2.79786   -8.49896  1.000 17.54599 ? 75  TYR A CD1 1 
ATOM   474  C CD2 . TYR A 1 75  ? 19.53999  3.75998   -7.46816  1.000 12.59762 ? 75  TYR A CD2 1 
ATOM   475  C CE1 . TYR A 1 75  ? 20.68705  2.38132   -9.56882  1.000 17.74267 ? 75  TYR A CE1 1 
ATOM   476  C CE2 . TYR A 1 75  ? 18.75596  3.34678   -8.53433  1.000 14.48170 ? 75  TYR A CE2 1 
ATOM   477  C CZ  . TYR A 1 75  ? 19.33286  2.65816   -9.57947  1.000 15.14329 ? 75  TYR A CZ  1 
ATOM   478  O OH  . TYR A 1 75  ? 18.56242  2.24239   -10.64432 1.000 15.03178 ? 75  TYR A OH  1 
ATOM   479  N N   . THR A 1 76  ? 21.71924  7.04544   -7.94114  1.000 16.12668 ? 76  THR A N   1 
ATOM   480  C CA  . THR A 1 76  ? 20.92016  8.21487   -8.26832  1.000 17.19451 ? 76  THR A CA  1 
ATOM   481  C C   . THR A 1 76  ? 19.87792  7.93019   -9.33273  1.000 17.09048 ? 76  THR A C   1 
ATOM   482  O O   . THR A 1 76  ? 19.18381  8.85465   -9.76642  1.000 22.14570 ? 76  THR A O   1 
ATOM   483  C CB  . THR A 1 76  ? 21.81647  9.37568   -8.71569  1.000 22.89557 ? 76  THR A CB  1 
ATOM   484  O OG1 . THR A 1 76  ? 22.55358  8.98295   -9.88048  1.000 21.90787 ? 76  THR A OG1 1 
ATOM   485  C CG2 . THR A 1 76  ? 22.77592  9.77169   -7.60375  1.000 28.07111 ? 76  THR A CG2 1 
ATOM   486  N N   . GLY A 1 77  ? 19.75078  6.68404   -9.76276  1.000 15.00464 ? 77  GLY A N   1 
ATOM   487  C CA  . GLY A 1 77  ? 18.78902  6.33239   -10.76992 1.000 16.38272 ? 77  GLY A CA  1 
ATOM   488  C C   . GLY A 1 77  ? 19.33754  5.27934   -11.70517 1.000 16.53306 ? 77  GLY A C   1 
ATOM   489  O O   . GLY A 1 77  ? 20.52535  4.94237   -11.66295 1.000 19.33860 ? 77  GLY A O   1 
ATOM   490  N N   . PRO A 1 78  ? 18.48447  4.75539   -12.59582 1.000 17.40426 ? 78  PRO A N   1 
ATOM   491  C CA  . PRO A 1 78  ? 17.10149  5.22670   -12.73953 1.000 14.34015 ? 78  PRO A CA  1 
ATOM   492  C C   . PRO A 1 78  ? 16.13859  4.72718   -11.65777 1.000 14.23880 ? 78  PRO A C   1 
ATOM   493  O O   . PRO A 1 78  ? 16.33577  3.66960   -11.05548 1.000 14.48126 ? 78  PRO A O   1 
ATOM   494  C CB  . PRO A 1 78  ? 16.68841  4.64339   -14.09175 1.000 16.00072 ? 78  PRO A CB  1 
ATOM   495  C CG  . PRO A 1 78  ? 17.48530  3.38623   -14.18521 1.000 17.18555 ? 78  PRO A CG  1 
ATOM   496  C CD  . PRO A 1 78  ? 18.82868  3.75880   -13.62482 1.000 19.26837 ? 78  PRO A CD  1 
ATOM   497  N N   . PHE A 1 79  ? 15.11192  5.52986   -11.42006 1.000 13.06063 ? 79  PHE A N   1 
ATOM   498  C CA  . PHE A 1 79  ? 13.95769  5.18260   -10.60466 1.000 13.56482 ? 79  PHE A CA  1 
ATOM   499  C C   . PHE A 1 79  ? 12.71830  5.27586   -11.48291 1.000 14.25243 ? 79  PHE A C   1 
ATOM   500  O O   . PHE A 1 79  ? 12.77185  5.75204   -12.62324 1.000 16.33363 ? 79  PHE A O   1 
ATOM   501  C CB  . PHE A 1 79  ? 13.80600  6.15962   -9.43507  1.000 13.09529 ? 79  PHE A CB  1 
ATOM   502  C CG  . PHE A 1 79  ? 14.97270  6.17572   -8.49545  1.000 11.47281 ? 79  PHE A CG  1 
ATOM   503  C CD1 . PHE A 1 79  ? 15.17751  5.14324   -7.60860  1.000 11.73551 ? 79  PHE A CD1 1 
ATOM   504  C CD2 . PHE A 1 79  ? 15.86159  7.23643   -8.50175  1.000 15.17177 ? 79  PHE A CD2 1 
ATOM   505  C CE1 . PHE A 1 79  ? 16.25386  5.17484   -6.73635  1.000 12.78391 ? 79  PHE A CE1 1 
ATOM   506  C CE2 . PHE A 1 79  ? 16.93133  7.26554   -7.64644  1.000 14.18912 ? 79  PHE A CE2 1 
ATOM   507  C CZ  . PHE A 1 79  ? 17.13268  6.23602   -6.76599  1.000 13.50114 ? 79  PHE A CZ  1 
ATOM   508  N N   . HIS A 1 80  ? 11.57937  4.84774   -10.94243 1.000 12.00997 ? 80  HIS A N   1 
ATOM   509  C CA  . HIS A 1 80  ? 10.34295  4.85127   -11.70851 1.000 10.97381 ? 80  HIS A CA  1 
ATOM   510  C C   . HIS A 1 80  ? 9.17755   5.33246   -10.86011 1.000 12.34219 ? 80  HIS A C   1 
ATOM   511  O O   . HIS A 1 80  ? 9.23821   5.37464   -9.62801  1.000 10.34051 ? 80  HIS A O   1 
ATOM   512  C CB  . HIS A 1 80  ? 10.02532  3.46237   -12.26768 1.000 15.43682 ? 80  HIS A CB  1 
ATOM   513  C CG  . HIS A 1 80  ? 11.13654  2.87432   -13.07969 1.000 15.45397 ? 80  HIS A CG  1 
ATOM   514  N ND1 . HIS A 1 80  ? 11.55440  3.42906   -14.27212 1.000 20.34780 ? 80  HIS A ND1 1 
ATOM   515  C CD2 . HIS A 1 80  ? 11.93867  1.80615   -12.86045 1.000 17.15033 ? 80  HIS A CD2 1 
ATOM   516  C CE1 . HIS A 1 80  ? 12.55142  2.71441   -14.76282 1.000 22.49607 ? 80  HIS A CE1 1 
ATOM   517  N NE2 . HIS A 1 80  ? 12.80541  1.72421   -13.92624 1.000 19.99058 ? 80  HIS A NE2 1 
ATOM   518  N N   . THR A 1 81  ? 8.11526   5.72099   -11.55701 1.000 11.14755 ? 81  THR A N   1 
ATOM   519  C CA  . THR A 1 81  ? 6.81460   5.99077   -10.96649 1.000 10.90440 ? 81  THR A CA  1 
ATOM   520  C C   . THR A 1 81  ? 5.80890   5.01846   -11.56558 1.000 10.07930 ? 81  THR A C   1 
ATOM   521  O O   . THR A 1 81  ? 5.76230   4.84703   -12.78954 1.000 12.68299 ? 81  THR A O   1 
ATOM   522  C CB  . THR A 1 81  ? 6.36316   7.43217   -11.24762 1.000 11.96823 ? 81  THR A CB  1 
ATOM   523  O OG1 . THR A 1 81  ? 7.25697   8.35324   -10.60486 1.000 15.35080 ? 81  THR A OG1 1 
ATOM   524  C CG2 . THR A 1 81  ? 4.94473   7.66896   -10.73446 1.000 16.06970 ? 81  THR A CG2 1 
ATOM   525  N N   . ILE A 1 82  ? 5.02591   4.36457   -10.70698 1.000 8.88570  ? 82  ILE A N   1 
ATOM   526  C CA  . ILE A 1 82  ? 3.88706   3.55760   -11.13352 1.000 6.80842  ? 82  ILE A CA  1 
ATOM   527  C C   . ILE A 1 82  ? 2.67051   3.97470   -10.32426 1.000 7.54786  ? 82  ILE A C   1 
ATOM   528  O O   . ILE A 1 82  ? 2.78501   4.59182   -9.26291  1.000 7.43438  ? 82  ILE A O   1 
ATOM   529  C CB  . ILE A 1 82  ? 4.10594   2.02989   -11.02262 1.000 8.43264  ? 82  ILE A CB  1 
ATOM   530  C CG1 . ILE A 1 82  ? 4.16288   1.56742   -9.56929  1.000 9.11317  ? 82  ILE A CG1 1 
ATOM   531  C CG2 . ILE A 1 82  ? 5.37332   1.59882   -11.74558 1.000 10.15347 ? 82  ILE A CG2 1 
ATOM   532  C CD1 . ILE A 1 82  ? 4.12497   0.06725   -9.41952  1.000 10.23985 ? 82  ILE A CD1 1 
ATOM   533  N N   . VAL A 1 83  ? 1.49516   3.65219   -10.84344 1.000 7.25697  ? 83  VAL A N   1 
ATOM   534  C CA  . VAL A 1 83  ? 0.25059   3.84333   -10.11632 1.000 6.57462  ? 83  VAL A CA  1 
ATOM   535  C C   . VAL A 1 83  ? -0.26486  2.47218   -9.71151  1.000 6.02313  ? 83  VAL A C   1 
ATOM   536  O O   . VAL A 1 83  ? -0.45308  1.59480   -10.56582 1.000 7.02486  ? 83  VAL A O   1 
ATOM   537  C CB  . VAL A 1 83  ? -0.79264  4.57296   -10.96965 1.000 7.20910  ? 83  VAL A CB  1 
ATOM   538  C CG1 . VAL A 1 83  ? -2.11862  4.67260   -10.22425 1.000 8.67026  ? 83  VAL A CG1 1 
ATOM   539  C CG2 . VAL A 1 83  ? -0.28069  5.93656   -11.36919 1.000 9.85223  ? 83  VAL A CG2 1 
ATOM   540  N N   . VAL A 1 84  ? -0.49603  2.28918   -8.41703  1.000 6.15742  ? 84  VAL A N   1 
ATOM   541  C CA  . VAL A 1 84  ? -1.00118  1.04080   -7.86648  1.000 6.26122  ? 84  VAL A CA  1 
ATOM   542  C C   . VAL A 1 84  ? -2.39425  1.25909   -7.30597  1.000 6.08302  ? 84  VAL A C   1 
ATOM   543  O O   . VAL A 1 84  ? -2.79094  2.37233   -6.94687  1.000 7.16466  ? 84  VAL A O   1 
ATOM   544  C CB  . VAL A 1 84  ? -0.09186  0.47228   -6.75341  1.000 5.88707  ? 84  VAL A CB  1 
ATOM   545  C CG1 . VAL A 1 84  ? 1.29845   0.20052   -7.26050  1.000 7.53174  ? 84  VAL A CG1 1 
ATOM   546  C CG2 . VAL A 1 84  ? -0.07099  1.40779   -5.54363  1.000 7.66244  ? 84  VAL A CG2 1 
ATOM   547  N N   . LYS A 1 85  ? -3.14441  0.16894   -7.21899  1.000 5.68087  ? 85  LYS A N   1 
ATOM   548  C CA  . LYS A 1 85  ? -4.36620  0.11432   -6.43444  1.000 5.51706  ? 85  LYS A CA  1 
ATOM   549  C C   . LYS A 1 85  ? -4.07211  -0.70805  -5.18497  1.000 5.34767  ? 85  LYS A C   1 
ATOM   550  O O   . LYS A 1 85  ? -3.50965  -1.80024  -5.28213  1.000 6.82932  ? 85  LYS A O   1 
ATOM   551  C CB  . LYS A 1 85  ? -5.50820  -0.50891  -7.24729  1.000 6.88080  ? 85  LYS A CB  1 
ATOM   552  C CG  . LYS A 1 85  ? -6.79901  -0.58178  -6.46924  1.000 6.55621  ? 85  LYS A CG  1 
ATOM   553  C CD  . LYS A 1 85  ? -7.99175  -1.05181  -7.29371  1.000 8.06121  ? 85  LYS A CD  1 
ATOM   554  C CE  . LYS A 1 85  ? -8.41054  0.00223   -8.28845  1.000 9.39626  ? 85  LYS A CE  1 
ATOM   555  N NZ  . LYS A 1 85  ? -9.67804  -0.35688  -9.01082  1.000 10.05509 ? 85  LYS A NZ  1 
ATOM   556  N N   . VAL A 1 86  ? -4.43820  -0.19698  -4.01151  1.000 5.81891  ? 86  VAL A N   1 
ATOM   557  C CA  . VAL A 1 86  ? -4.19724  -0.93735  -2.77617  1.000 6.32339  ? 86  VAL A CA  1 
ATOM   558  C C   . VAL A 1 86  ? -5.26614  -2.01210  -2.62907  1.000 6.03204  ? 86  VAL A C   1 
ATOM   559  O O   . VAL A 1 86  ? -6.46639  -1.71555  -2.59027  1.000 6.63112  ? 86  VAL A O   1 
ATOM   560  C CB  . VAL A 1 86  ? -4.15975  -0.00745  -1.55271  1.000 6.01205  ? 86  VAL A CB  1 
ATOM   561  C CG1 . VAL A 1 86  ? -4.15914  -0.81393  -0.26586  1.000 6.89226  ? 86  VAL A CG1 1 
ATOM   562  C CG2 . VAL A 1 86  ? -2.92689  0.86597   -1.59493  1.000 8.12954  ? 86  VAL A CG2 1 
ATOM   563  N N   . THR A 1 87  ? -4.83471  -3.26809  -2.53106  1.000 5.44762  ? 87  THR A N   1 
ATOM   564  C CA  . THR A 1 87  ? -5.75244  -4.38390  -2.30736  1.000 6.46418  ? 87  THR A CA  1 
ATOM   565  C C   . THR A 1 87  ? -5.44809  -5.14292  -1.03025  1.000 6.38579  ? 87  THR A C   1 
ATOM   566  O O   . THR A 1 87  ? -6.19136  -6.07626  -0.69037  1.000 6.78647  ? 87  THR A O   1 
ATOM   567  C CB  . THR A 1 87  ? -5.71128  -5.38206  -3.47018  1.000 8.17179  ? 87  THR A CB  1 
ATOM   568  O OG1 . THR A 1 87  ? -4.38790  -5.93607  -3.54898  1.000 8.26656  ? 87  THR A OG1 1 
ATOM   569  C CG2 . THR A 1 87  ? -6.07691  -4.71149  -4.77277  1.000 9.27899  ? 87  THR A CG2 1 
ATOM   570  N N   . ASP A 1 88  ? -4.38410  -4.78952  -0.31791  1.000 5.81140  ? 88  ASP A N   1 
ATOM   571  C CA  . ASP A 1 88  ? -3.85905  -5.71932  0.66338   1.000 6.92256  ? 88  ASP A CA  1 
ATOM   572  C C   . ASP A 1 88  ? -3.20979  -4.96892  1.81705   1.000 5.85949  ? 88  ASP A C   1 
ATOM   573  O O   . ASP A 1 88  ? -2.88876  -3.77161  1.73449   1.000 6.17912  ? 88  ASP A O   1 
ATOM   574  C CB  . ASP A 1 88  ? -2.90647  -6.70498  -0.01760  1.000 6.71046  ? 88  ASP A CB  1 
ATOM   575  C CG  . ASP A 1 88  ? -2.67252  -7.99095  0.77301   1.000 7.52048  ? 88  ASP A CG  1 
ATOM   576  O OD1 . ASP A 1 88  ? -3.36468  -8.27843  1.77846   1.000 7.56416  ? 88  ASP A OD1 1 
ATOM   577  O OD2 . ASP A 1 88  ? -1.78154  -8.74103  0.30331   1.000 10.53297 ? 88  ASP A OD2 1 
ATOM   578  N N   . LEU A 1 89  ? -2.98554  -5.72224  2.88473   1.000 7.17940  ? 89  LEU A N   1 
ATOM   579  C CA  . LEU A 1 89  ? -2.42873  -5.23834  4.13563   1.000 7.67562  ? 89  LEU A CA  1 
ATOM   580  C C   . LEU A 1 89  ? -1.02447  -5.79760  4.29810   1.000 9.81393  ? 89  LEU A C   1 
ATOM   581  O O   . LEU A 1 89  ? -0.80421  -6.99153  4.07926   1.000 8.77816  ? 89  LEU A O   1 
ATOM   582  C CB  . LEU A 1 89  ? -3.29512  -5.74415  5.28796   1.000 8.02775  ? 89  LEU A CB  1 
ATOM   583  C CG  . LEU A 1 89  ? -2.67133  -5.74640  6.67299   1.000 8.96829  ? 89  LEU A CG  1 
ATOM   584  C CD1 . LEU A 1 89  ? -2.40580  -4.33850  7.14353   1.000 9.41204  ? 89  LEU A CD1 1 
ATOM   585  C CD2 . LEU A 1 89  ? -3.57503  -6.51282  7.63856   1.000 11.50566 ? 89  LEU A CD2 1 
ATOM   586  N N   . CYS A 1 90  ? -0.08254  -4.92753  4.66760   1.000 7.70630  ? 90  CYS A N   1 
ATOM   587  C CA  . CYS A 1 90  ? 1.25752   -5.32182  5.08542   1.000 8.57082  ? 90  CYS A CA  1 
ATOM   588  C C   . CYS A 1 90  ? 1.28840   -5.21943  6.60914   1.000 7.49372  ? 90  CYS A C   1 
ATOM   589  O O   . CYS A 1 90  ? 1.39617   -4.11214  7.14379   1.000 7.83587  ? 90  CYS A O   1 
ATOM   590  C CB  . CYS A 1 90  ? 2.30196   -4.38449  4.45780   1.000 9.48333  ? 90  CYS A CB  1 
ATOM   591  S SG  . CYS A 1 90  ? 4.03757   -4.79896  4.76841   1.000 11.81734 ? 90  CYS A SG  1 
ATOM   592  N N   . PRO A 1 91  ? 1.16883   -6.32638  7.34236   1.000 9.27312  ? 91  PRO A N   1 
ATOM   593  C CA  . PRO A 1 91  ? 0.90024   -6.24593  8.78385   1.000 9.56921  ? 91  PRO A CA  1 
ATOM   594  C C   . PRO A 1 91  ? 2.13606   -5.98047  9.62921   1.000 10.07019 ? 91  PRO A C   1 
ATOM   595  O O   . PRO A 1 91  ? 3.25708   -6.32669  9.25631   1.000 12.34102 ? 91  PRO A O   1 
ATOM   596  C CB  . PRO A 1 91  ? 0.32600   -7.63246  9.10602   1.000 12.97308 ? 91  PRO A CB  1 
ATOM   597  C CG  . PRO A 1 91  ? 0.98456   -8.52927  8.12542   1.000 16.42772 ? 91  PRO A CG  1 
ATOM   598  C CD  . PRO A 1 91  ? 1.18707   -7.71656  6.85897   1.000 12.71976 ? 91  PRO A CD  1 
ATOM   599  N N   . VAL A 1 92  ? 1.90436   -5.37712  10.80290  1.000 8.77698  ? 92  VAL A N   1 
ATOM   600  C CA  . VAL A 1 92  ? 2.97952   -5.17648  11.77836  1.000 11.63042 ? 92  VAL A CA  1 
ATOM   601  C C   . VAL A 1 92  ? 3.59115   -6.51111  12.17855  1.000 14.39925 ? 92  VAL A C   1 
ATOM   602  O O   . VAL A 1 92  ? 4.81857   -6.67011  12.21802  1.000 16.27076 ? 92  VAL A O   1 
ATOM   603  C CB  . VAL A 1 92  ? 2.44624   -4.43715  13.01683  1.000 12.27803 ? 92  VAL A CB  1 
ATOM   604  C CG1 . VAL A 1 92  ? 3.46531   -4.47982  14.16647  1.000 13.97539 ? 92  VAL A CG1 1 
ATOM   605  C CG2 . VAL A 1 92  ? 2.07834   -3.03446  12.67060  1.000 11.63448 ? 92  VAL A CG2 1 
ATOM   606  N N   . ALA A 1 93  ? 2.73648   -7.49207  12.48817  1.000 13.88473 ? 93  ALA A N   1 
ATOM   607  C CA  . ALA A 1 93  ? 3.19850   -8.74999  13.05860  1.000 15.03978 ? 93  ALA A CA  1 
ATOM   608  C C   . ALA A 1 93  ? 3.96648   -9.60212  12.06071  1.000 22.72907 ? 93  ALA A C   1 
ATOM   609  O O   . ALA A 1 93  ? 4.72963   -10.47896 12.47875  1.000 28.44313 ? 93  ALA A O   1 
ATOM   610  C CB  . ALA A 1 93  ? 2.01278   -9.52906  13.63243  1.000 18.79024 ? 93  ALA A CB  1 
ATOM   611  N N   . GLY A 1 94  ? 3.80528   -9.36395  10.76495  1.000 19.67182 ? 94  GLY A N   1 
ATOM   612  C CA  . GLY A 1 94  ? 4.49377   -10.17137 9.77751   1.000 19.94880 ? 94  GLY A CA  1 
ATOM   613  C C   . GLY A 1 94  ? 5.69331   -9.50778  9.12932   1.000 21.14644 ? 94  GLY A C   1 
ATOM   614  O O   . GLY A 1 94  ? 6.49582   -10.16771 8.46427   1.000 18.20178 ? 94  GLY A O   1 
ATOM   615  N N   . ASN A 1 95  ? 5.83641   -8.20142  9.31605   1.000 16.60646 ? 95  ASN A N   1 
ATOM   616  C CA  . ASN A 1 95  ? 6.87815   -7.46824  8.61405   1.000 14.57073 ? 95  ASN A CA  1 
ATOM   617  C C   . ASN A 1 95  ? 7.21004   -6.23489  9.43011   1.000 12.36453 ? 95  ASN A C   1 
ATOM   618  O O   . ASN A 1 95  ? 6.88923   -5.11579  9.02301   1.000 13.08161 ? 95  ASN A O   1 
ATOM   619  C CB  . ASN A 1 95  ? 6.36653   -7.07262  7.22556   1.000 17.02152 ? 95  ASN A CB  1 
ATOM   620  C CG  . ASN A 1 95  ? 7.46142   -6.52355  6.32663   1.000 16.29210 ? 95  ASN A CG  1 
ATOM   621  O OD1 . ASN A 1 95  ? 8.54331   -6.15179  6.79380   1.000 16.43485 ? 95  ASN A OD1 1 
ATOM   622  N ND2 . ASN A 1 95  ? 7.18341   -6.47253  5.02179   1.000 18.39385 ? 95  ASN A ND2 1 
ATOM   623  N N   . GLN A 1 96  ? 7.84280   -6.41774  10.58397  1.000 11.73690 ? 96  GLN A N   1 
ATOM   624  C CA  . GLN A 1 96  ? 8.09625   -5.26622  11.43916  1.000 11.21919 ? 96  GLN A CA  1 
ATOM   625  C C   . GLN A 1 96  ? 9.09356   -4.30491  10.80142  1.000 10.54618 ? 96  GLN A C   1 
ATOM   626  O O   . GLN A 1 96  ? 8.96596   -3.08451  10.95741  1.000 10.70672 ? 96  GLN A O   1 
ATOM   627  C CB  . GLN A 1 96  ? 8.58466   -5.71524  12.81514  1.000 13.45318 ? 96  GLN A CB  1 
ATOM   628  C CG  . GLN A 1 96  ? 8.72127   -4.55764  13.79370  1.000 15.94578 ? 96  GLN A CG  1 
ATOM   629  C CD  . GLN A 1 96  ? 9.02979   -5.01292  15.19675  1.000 19.01826 ? 96  GLN A CD  1 
ATOM   630  O OE1 . GLN A 1 96  ? 9.55823   -6.10401  15.40121  1.000 17.77630 ? 96  GLN A OE1 1 
ATOM   631  N NE2 . GLN A 1 96  ? 8.69892   -4.18245  16.17497  1.000 22.30819 ? 96  GLN A NE2 1 
ATOM   632  N N   . GLU A 1 97  ? 10.09133  -4.83387  10.08550  1.000 9.65699  ? 97  GLU A N   1 
ATOM   633  C CA  . GLU A 1 97  ? 11.13928  -3.98972  9.52012   1.000 10.83628 ? 97  GLU A CA  1 
ATOM   634  C C   . GLU A 1 97  ? 10.55784  -2.86952  8.66423   1.000 8.63952  ? 97  GLU A C   1 
ATOM   635  O O   . GLU A 1 97  ? 10.97024  -1.70753  8.77048   1.000 8.98972  ? 97  GLU A O   1 
ATOM   636  C CB  . GLU A 1 97  ? 12.09034  -4.83467  8.67462   1.000 13.48432 ? 97  GLU A CB  1 
ATOM   637  C CG  . GLU A 1 97  ? 13.13689  -3.96793  7.99788   1.000 13.55299 ? 97  GLU A CG  1 
ATOM   638  C CD  . GLU A 1 97  ? 14.27308  -4.75827  7.38013   1.000 15.44098 ? 97  GLU A CD  1 
ATOM   639  O OE1 . GLU A 1 97  ? 14.37299  -5.97692  7.61706   1.000 20.60276 ? 97  GLU A OE1 1 
ATOM   640  O OE2 . GLU A 1 97  ? 15.07988  -4.14398  6.65482   1.000 14.84225 ? 97  GLU A OE2 1 
ATOM   641  N N   . TRP A 1 98  ? 9.61528   -3.21079  7.78871   1.000 6.95207  ? 98  TRP A N   1 
ATOM   642  C CA  . TRP A 1 98  ? 9.07590   -2.25476  6.83428   1.000 6.33229  ? 98  TRP A CA  1 
ATOM   643  C C   . TRP A 1 98  ? 7.68343   -1.76636  7.19478   1.000 5.96770  ? 98  TRP A C   1 
ATOM   644  O O   . TRP A 1 98  ? 7.32745   -0.63687  6.84555   1.000 6.95739  ? 98  TRP A O   1 
ATOM   645  C CB  . TRP A 1 98  ? 9.02597   -2.88842  5.44184   1.000 7.73260  ? 98  TRP A CB  1 
ATOM   646  C CG  . TRP A 1 98  ? 10.38804  -3.26034  4.91418   1.000 7.72521  ? 98  TRP A CG  1 
ATOM   647  C CD1 . TRP A 1 98  ? 10.92889  -4.51626  4.86803   1.000 8.92939  ? 98  TRP A CD1 1 
ATOM   648  C CD2 . TRP A 1 98  ? 11.38594  -2.37477  4.36890   1.000 7.72734  ? 98  TRP A CD2 1 
ATOM   649  N NE1 . TRP A 1 98  ? 12.18603  -4.46243  4.32867   1.000 8.68431  ? 98  TRP A NE1 1 
ATOM   650  C CE2 . TRP A 1 98  ? 12.48960  -3.16938  4.00730   1.000 8.34706  ? 98  TRP A CE2 1 
ATOM   651  C CE3 . TRP A 1 98  ? 11.44667  -0.99780  4.13541   1.000 8.46212  ? 98  TRP A CE3 1 
ATOM   652  C CZ2 . TRP A 1 98  ? 13.63813  -2.64309  3.43120   1.000 9.83769  ? 98  TRP A CZ2 1 
ATOM   653  C CZ3 . TRP A 1 98  ? 12.59212  -0.47543  3.56037   1.000 10.66213 ? 98  TRP A CZ3 1 
ATOM   654  C CH2 . TRP A 1 98  ? 13.67766  -1.30420  3.22594   1.000 8.92314  ? 98  TRP A CH2 1 
ATOM   655  N N   . CYS A 1 99  ? 6.89975   -2.57773  7.91458   1.000 6.83975  ? 99  CYS A N   1 
ATOM   656  C CA  . CYS A 1 99  ? 5.49174   -2.27762  8.14882   1.000 7.58188  ? 99  CYS A CA  1 
ATOM   657  C C   . CYS A 1 99  ? 5.15049   -2.20307  9.62468   1.000 8.13851  ? 99  CYS A C   1 
ATOM   658  O O   . CYS A 1 99  ? 3.96785   -2.24869  9.99314   1.000 7.73515  ? 99  CYS A O   1 
ATOM   659  C CB  . CYS A 1 99  ? 4.61278   -3.28635  7.42325   1.000 7.25365  ? 99  CYS A CB  1 
ATOM   660  S SG  . CYS A 1 99  ? 4.84563   -3.13029  5.65002   1.000 8.91826  ? 99  CYS A SG  1 
ATOM   661  N N   . GLY A 1 100 ? 6.15953   -2.03679  10.46921  1.000 8.07758  ? 100 GLY A N   1 
ATOM   662  C CA  . GLY A 1 100 ? 5.96110   -2.02858  11.89775  1.000 8.40556  ? 100 GLY A CA  1 
ATOM   663  C C   . GLY A 1 100 ? 5.54018   -0.71616  12.49934  1.000 7.71478  ? 100 GLY A C   1 
ATOM   664  O O   . GLY A 1 100 ? 5.60125   -0.57554  13.72500  1.000 9.31946  ? 100 GLY A O   1 
ATOM   665  N N   . GLN A 1 101 ? 5.10727   0.24613   11.68845  1.000 8.27657  ? 101 GLN A N   1 
ATOM   666  C CA  . GLN A 1 101 ? 4.65795   1.52523   12.22070  1.000 8.31460  ? 101 GLN A CA  1 
ATOM   667  C C   . GLN A 1 101 ? 3.48266   1.32684   13.17118  1.000 8.34709  ? 101 GLN A C   1 
ATOM   668  O O   . GLN A 1 101 ? 2.53165   0.59730   12.87322  1.000 8.43361  ? 101 GLN A O   1 
ATOM   669  C CB  . GLN A 1 101 ? 4.23853   2.44691   11.07598  1.000 7.69083  ? 101 GLN A CB  1 
ATOM   670  C CG  . GLN A 1 101 ? 5.36955   2.78833   10.08777  1.000 7.75682  ? 101 GLN A CG  1 
ATOM   671  C CD  . GLN A 1 101 ? 5.45763   1.84633   8.89967   1.000 6.34150  ? 101 GLN A CD  1 
ATOM   672  O OE1 . GLN A 1 101 ? 4.94281   0.73328   8.94250   1.000 6.83698  ? 101 GLN A OE1 1 
ATOM   673  N NE2 . GLN A 1 101 ? 6.10877   2.29009   7.82723   1.000 7.07855  ? 101 GLN A NE2 1 
ATOM   674  N N   . THR A 1 102 ? 3.55894   1.96801   14.33525  1.000 8.16315  ? 102 THR A N   1 
ATOM   675  C CA  . THR A 1 102 ? 2.47344   1.92740   15.30697  1.000 10.96994 ? 102 THR A CA  1 
ATOM   676  C C   . THR A 1 102 ? 2.27572   3.32658   15.85673  1.000 11.28571 ? 102 THR A C   1 
ATOM   677  O O   . THR A 1 102 ? 3.08588   4.22116   15.62980  1.000 9.86789  ? 102 THR A O   1 
ATOM   678  C CB  . THR A 1 102 ? 2.78050   1.00516   16.48964  1.000 15.21714 ? 102 THR A CB  1 
ATOM   679  O OG1 . THR A 1 102 ? 3.85506   1.57215   17.24317  1.000 13.48097 ? 102 THR A OG1 1 
ATOM   680  C CG2 . THR A 1 102 ? 3.14606   -0.40081  16.03246  1.000 11.05968 ? 102 THR A CG2 1 
ATOM   681  N N   . THR A 1 103 ? 1.20141   3.50464   16.62917  1.000 10.47106 ? 103 THR A N   1 
ATOM   682  C CA  . THR A 1 103 ? 0.97622   4.81946   17.22619  1.000 13.64807 ? 103 THR A CA  1 
ATOM   683  C C   . THR A 1 103 ? 2.09824   5.20830   18.18113  1.000 13.50812 ? 103 THR A C   1 
ATOM   684  O O   . THR A 1 103 ? 2.39244   6.39722   18.33627  1.000 16.29467 ? 103 THR A O   1 
ATOM   685  C CB  . THR A 1 103 ? -0.39060  4.89967   17.91079  1.000 14.56349 ? 103 THR A CB  1 
ATOM   686  O OG1 . THR A 1 103 ? -0.48471  3.89577   18.92186  1.000 18.20134 ? 103 THR A OG1 1 
ATOM   687  C CG2 . THR A 1 103 ? -1.50811  4.70205   16.90352  1.000 19.58845 ? 103 THR A CG2 1 
ATOM   688  N N   . SER A 1 104 ? 2.76720   4.23582   18.79214  1.000 12.81772 ? 104 SER A N   1 
ATOM   689  C CA  . SER A 1 104 ? 3.88171   4.56453   19.67405  1.000 15.63955 ? 104 SER A CA  1 
ATOM   690  C C   . SER A 1 104 ? 5.21165   4.71453   18.94772  1.000 15.37198 ? 104 SER A C   1 
ATOM   691  O O   . SER A 1 104 ? 6.11358   5.38138   19.47065  1.000 20.34724 ? 104 SER A O   1 
ATOM   692  C CB  . SER A 1 104 ? 3.98439   3.54346   20.80907  1.000 17.83885 ? 104 SER A CB  1 
ATOM   693  O OG  . SER A 1 104 ? 4.38594   2.28260   20.32034  1.000 19.37103 ? 104 SER A OG  1 
ATOM   694  N N   . ASN A 1 105 ? 5.35719   4.12909   17.76212  1.000 13.87173 ? 105 ASN A N   1 
ATOM   695  C CA  . ASN A 1 105 ? 6.57741   4.25989   16.97050  1.000 13.87617 ? 105 ASN A CA  1 
ATOM   696  C C   . ASN A 1 105 ? 6.14100   4.40452   15.52044  1.000 12.09191 ? 105 ASN A C   1 
ATOM   697  O O   . ASN A 1 105 ? 6.06003   3.42031   14.77543  1.000 11.48276 ? 105 ASN A O   1 
ATOM   698  C CB  . ASN A 1 105 ? 7.49667   3.05339   17.15556  1.000 19.73448 ? 105 ASN A CB  1 
ATOM   699  C CG  . ASN A 1 105 ? 8.78375   3.17713   16.35956  1.000 24.52592 ? 105 ASN A CG  1 
ATOM   700  O OD1 . ASN A 1 105 ? 9.49807   2.19766   16.16005  1.000 38.47083 ? 105 ASN A OD1 1 
ATOM   701  N ND2 . ASN A 1 105 ? 9.09505   4.39508   15.91738  1.000 31.06242 ? 105 ASN A ND2 1 
ATOM   702  N N   . PRO A 1 106 ? 5.82042   5.62582   15.08992  1.000 11.98511 ? 106 PRO A N   1 
ATOM   703  C CA  . PRO A 1 106 ? 5.15186   5.78703   13.79112  1.000 11.31290 ? 106 PRO A CA  1 
ATOM   704  C C   . PRO A 1 106 ? 6.04204   5.61035   12.57242  1.000 12.05200 ? 106 PRO A C   1 
ATOM   705  O O   . PRO A 1 106 ? 5.50003   5.58133   11.46817  1.000 10.90474 ? 106 PRO A O   1 
ATOM   706  C CB  . PRO A 1 106 ? 4.57453   7.21009   13.84338  1.000 16.32852 ? 106 PRO A CB  1 
ATOM   707  C CG  . PRO A 1 106 ? 5.18914   7.86508   15.02130  1.000 23.97999 ? 106 PRO A CG  1 
ATOM   708  C CD  . PRO A 1 106 ? 5.69045   6.81507   15.94852  1.000 19.78670 ? 106 PRO A CD  1 
ATOM   709  N N   . ASN A 1 107 ? 7.35967   5.50649   12.70420  1.000 10.08261 ? 107 ASN A N   1 
ATOM   710  C CA  . ASN A 1 107 ? 8.22188   5.25128   11.55963  1.000 10.76665 ? 107 ASN A CA  1 
ATOM   711  C C   . ASN A 1 107 ? 8.73531   3.82264   11.62021  1.000 9.66462  ? 107 ASN A C   1 
ATOM   712  O O   . ASN A 1 107 ? 8.95565   3.27514   12.70534  1.000 11.76714 ? 107 ASN A O   1 
ATOM   713  C CB  . ASN A 1 107 ? 9.43972   6.18299   11.53843  1.000 13.77720 ? 107 ASN A CB  1 
ATOM   714  C CG  . ASN A 1 107 ? 9.08741   7.60157   11.17714  1.000 15.83977 ? 107 ASN A CG  1 
ATOM   715  O OD1 . ASN A 1 107 ? 8.17647   7.84957   10.39810  1.000 16.36367 ? 107 ASN A OD1 1 
ATOM   716  N ND2 . ASN A 1 107 ? 9.84294   8.54965   11.72017  1.000 19.30117 ? 107 ASN A ND2 1 
ATOM   717  N N   . ASN A 1 108 ? 8.93778   3.21767   10.44828  1.000 8.11378  ? 108 ASN A N   1 
ATOM   718  C CA  . ASN A 1 108 ? 9.57584   1.91204   10.40516  1.000 9.16722  ? 108 ASN A CA  1 
ATOM   719  C C   . ASN A 1 108 ? 11.07696  2.06634   10.67963  1.000 9.86102  ? 108 ASN A C   1 
ATOM   720  O O   . ASN A 1 108 ? 11.59874  3.16982   10.87081  1.000 10.34758 ? 108 ASN A O   1 
ATOM   721  C CB  . ASN A 1 108 ? 9.23042   1.16617   9.10790   1.000 7.96726  ? 108 ASN A CB  1 
ATOM   722  C CG  . ASN A 1 108 ? 9.83715   1.79352   7.87115   1.000 7.72750  ? 108 ASN A CG  1 
ATOM   723  O OD1 . ASN A 1 108 ? 10.77528  2.59982   7.94349   1.000 7.78325  ? 108 ASN A OD1 1 
ATOM   724  N ND2 . ASN A 1 108 ? 9.30246   1.43094   6.71730   1.000 7.12148  ? 108 ASN A ND2 1 
ATOM   725  N N   . GLN A 1 109 ? 11.78548  0.94132   10.69302  1.000 10.48794 ? 109 GLN A N   1 
ATOM   726  C CA  . GLN A 1 109 ? 13.20111  0.96250   11.04207  1.000 11.21663 ? 109 GLN A CA  1 
ATOM   727  C C   . GLN A 1 109 ? 14.00845  1.75275   10.03358  1.000 13.44359 ? 109 GLN A C   1 
ATOM   728  O O   . GLN A 1 109 ? 15.09311  2.24268   10.36526  1.000 13.64828 ? 109 GLN A O   1 
ATOM   729  C CB  . GLN A 1 109 ? 13.72323  -0.47483  11.12618  1.000 12.94918 ? 109 GLN A CB  1 
ATOM   730  C CG  . GLN A 1 109 ? 13.11132  -1.25533  12.27000  1.000 15.22515 ? 109 GLN A CG  1 
ATOM   731  C CD  . GLN A 1 109 ? 13.41851  -2.74217  12.22627  1.000 16.88254 ? 109 GLN A CD  1 
ATOM   732  O OE1 . GLN A 1 109 ? 14.19216  -3.21748  11.38983  1.000 12.73536 ? 109 GLN A OE1 1 
ATOM   733  N NE2 . GLN A 1 109 ? 12.81809  -3.48342  13.15013  1.000 19.03010 ? 109 GLN A NE2 1 
ATOM   734  N N   . HIS A 1 110 ? 13.50766  1.88062   8.81092   1.000 11.96586 ? 110 HIS A N   1 
ATOM   735  C CA  . HIS A 1 110 ? 14.13726  2.68221   7.77619   1.000 13.18402 ? 110 HIS A CA  1 
ATOM   736  C C   . HIS A 1 110 ? 13.69994  4.13202   7.79968   1.000 11.84019 ? 110 HIS A C   1 
ATOM   737  O O   . HIS A 1 110 ? 14.01699  4.88107   6.86762   1.000 16.31772 ? 110 HIS A O   1 
ATOM   738  C CB  . HIS A 1 110 ? 13.92755  2.04481   6.40637   1.000 15.16389 ? 110 HIS A CB  1 
ATOM   739  C CG  . HIS A 1 110 ? 14.50066  0.66852   6.31540   1.000 15.54169 ? 110 HIS A CG  1 
ATOM   740  N ND1 . HIS A 1 110 ? 15.80465  0.43868   5.93301   1.000 16.82635 ? 110 HIS A ND1 1 
ATOM   741  C CD2 . HIS A 1 110 ? 13.96303  -0.54638  6.57436   1.000 13.60759 ? 110 HIS A CD2 1 
ATOM   742  C CE1 . HIS A 1 110 ? 16.04529  -0.86022  5.96426   1.000 15.41430 ? 110 HIS A CE1 1 
ATOM   743  N NE2 . HIS A 1 110 ? 14.94435  -1.48183  6.34954   1.000 14.96075 ? 110 HIS A NE2 1 
ATOM   744  N N   . GLY A 1 111 ? 13.00325  4.54466   8.84899   1.000 11.14982 ? 111 GLY A N   1 
ATOM   745  C CA  . GLY A 1 111 ? 12.65801  5.92934   9.05144   1.000 11.27602 ? 111 GLY A CA  1 
ATOM   746  C C   . GLY A 1 111 ? 11.46534  6.42369   8.26864   1.000 11.54607 ? 111 GLY A C   1 
ATOM   747  O O   . GLY A 1 111 ? 11.26703  7.63588   8.19646   1.000 12.74644 ? 111 GLY A O   1 
ATOM   748  N N   . GLU A 1 112 ? 10.63959  5.52790   7.69557   1.000 9.06450  ? 112 GLU A N   1 
ATOM   749  C CA  . GLU A 1 112 ? 9.53917   5.97755   6.85416   1.000 7.69998  ? 112 GLU A CA  1 
ATOM   750  C C   . GLU A 1 112 ? 8.20009   5.72550   7.52940   1.000 7.49020  ? 112 GLU A C   1 
ATOM   751  O O   . GLU A 1 112 ? 8.00044   4.67018   8.14449   1.000 7.51097  ? 112 GLU A O   1 
ATOM   752  C CB  . GLU A 1 112 ? 9.58176   5.23518   5.52063   1.000 8.50301  ? 112 GLU A CB  1 
ATOM   753  C CG  . GLU A 1 112 ? 10.78183  5.57714   4.61954   1.000 11.59825 ? 112 GLU A CG  1 
ATOM   754  C CD  . GLU A 1 112 ? 10.84468  7.04114   4.19202   1.000 12.44582 ? 112 GLU A CD  1 
ATOM   755  O OE1 . GLU A 1 112 ? 9.82808   7.75837   4.31664   1.000 13.06235 ? 112 GLU A OE1 1 
ATOM   756  O OE2 . GLU A 1 112 ? 11.89960  7.46733   3.66361   1.000 15.56491 ? 112 GLU A OE2 1 
ATOM   757  N N   . PRO A 1 113 ? 7.26769   6.67541   7.41746   1.000 7.78372  ? 113 PRO A N   1 
ATOM   758  C CA  . PRO A 1 113 ? 5.97856   6.53035   8.10181   1.000 7.86507  ? 113 PRO A CA  1 
ATOM   759  C C   . PRO A 1 113 ? 4.97968   5.64927   7.37983   1.000 6.41597  ? 113 PRO A C   1 
ATOM   760  O O   . PRO A 1 113 ? 3.97504   5.26856   7.99592   1.000 8.43299  ? 113 PRO A O   1 
ATOM   761  C CB  . PRO A 1 113 ? 5.44895   7.96411   8.14610   1.000 8.87776  ? 113 PRO A CB  1 
ATOM   762  C CG  . PRO A 1 113 ? 6.04161   8.60962   6.95629   1.000 9.67384  ? 113 PRO A CG  1 
ATOM   763  C CD  . PRO A 1 113 ? 7.41252   7.99917   6.79251   1.000 8.69264  ? 113 PRO A CD  1 
ATOM   764  N N   . VAL A 1 114 ? 5.21132   5.35251   6.09894   1.000 6.68917  ? 114 VAL A N   1 
ATOM   765  C CA  . VAL A 1 114 ? 4.29701   4.59145   5.25972   1.000 6.50269  ? 114 VAL A CA  1 
ATOM   766  C C   . VAL A 1 114 ? 5.14254   3.61388   4.46798   1.000 6.74073  ? 114 VAL A C   1 
ATOM   767  O O   . VAL A 1 114 ? 6.28791   3.90662   4.12406   1.000 6.46976  ? 114 VAL A O   1 
ATOM   768  C CB  . VAL A 1 114 ? 3.48772   5.52477   4.32344   1.000 7.46598  ? 114 VAL A CB  1 
ATOM   769  C CG1 . VAL A 1 114 ? 2.63902   4.73656   3.32738   1.000 9.12471  ? 114 VAL A CG1 1 
ATOM   770  C CG2 . VAL A 1 114 ? 2.61318   6.47742   5.12942   1.000 7.78681  ? 114 VAL A CG2 1 
ATOM   771  N N   . HIS A 1 115 ? 4.58319   2.44654   4.18922   1.000 4.62003  ? 115 HIS A N   1 
ATOM   772  C CA  . HIS A 1 115 ? 5.23906   1.44145   3.36881   1.000 5.62470  ? 115 HIS A CA  1 
ATOM   773  C C   . HIS A 1 115 ? 4.23906   0.86579   2.37967   1.000 4.77626  ? 115 HIS A C   1 
ATOM   774  O O   . HIS A 1 115 ? 3.10470   0.55795   2.75761   1.000 5.68053  ? 115 HIS A O   1 
ATOM   775  C CB  . HIS A 1 115 ? 5.81667   0.29564   4.21031   1.000 5.78090  ? 115 HIS A CB  1 
ATOM   776  C CG  . HIS A 1 115 ? 6.68630   -0.62645  3.42093   1.000 5.59918  ? 115 HIS A CG  1 
ATOM   777  N ND1 . HIS A 1 115 ? 7.99145   -0.30840  3.11137   1.000 6.45881  ? 115 HIS A ND1 1 
ATOM   778  C CD2 . HIS A 1 115 ? 6.43666   -1.82483  2.84269   1.000 6.27902  ? 115 HIS A CD2 1 
ATOM   779  C CE1 . HIS A 1 115 ? 8.51173   -1.28505  2.38649   1.000 6.97479  ? 115 HIS A CE1 1 
ATOM   780  N NE2 . HIS A 1 115 ? 7.59119   -2.21496  2.21120   1.000 6.17797  ? 115 HIS A NE2 1 
ATOM   781  N N   . PHE A 1 116 ? 4.66629   0.71789   1.12025   1.000 4.97070  ? 116 PHE A N   1 
ATOM   782  C CA  . PHE A 1 116 ? 3.93162   -0.03839  0.11413   1.000 4.52812  ? 116 PHE A CA  1 
ATOM   783  C C   . PHE A 1 116 ? 4.74251   -1.27597  -0.25080  1.000 5.58471  ? 116 PHE A C   1 
ATOM   784  O O   . PHE A 1 116 ? 5.90390   -1.16975  -0.66370  1.000 6.22817  ? 116 PHE A O   1 
ATOM   785  C CB  . PHE A 1 116 ? 3.69919   0.79081   -1.14474  1.000 5.54653  ? 116 PHE A CB  1 
ATOM   786  C CG  . PHE A 1 116 ? 2.73858   1.91852   -0.97087  1.000 5.73332  ? 116 PHE A CG  1 
ATOM   787  C CD1 . PHE A 1 116 ? 3.16366   3.14006   -0.46954  1.000 6.17352  ? 116 PHE A CD1 1 
ATOM   788  C CD2 . PHE A 1 116 ? 1.41534   1.77338   -1.33915  1.000 7.15623  ? 116 PHE A CD2 1 
ATOM   789  C CE1 . PHE A 1 116 ? 2.29104   4.20333   -0.33946  1.000 7.66916  ? 116 PHE A CE1 1 
ATOM   790  C CE2 . PHE A 1 116 ? 0.53242   2.83694   -1.19439  1.000 7.92380  ? 116 PHE A CE2 1 
ATOM   791  C CZ  . PHE A 1 116 ? 0.98125   4.04888   -0.69235  1.000 8.30689  ? 116 PHE A CZ  1 
ATOM   792  N N   . ASP A 1 117 ? 4.13068   -2.44337  -0.09220  1.000 5.53007  ? 117 ASP A N   1 
ATOM   793  C CA  . ASP A 1 117 ? 4.69263   -3.70224  -0.56615  1.000 6.19068  ? 117 ASP A CA  1 
ATOM   794  C C   . ASP A 1 117 ? 4.01228   -3.98555  -1.89962  1.000 5.43523  ? 117 ASP A C   1 
ATOM   795  O O   . ASP A 1 117 ? 2.80784   -4.24939  -1.94205  1.000 6.54854  ? 117 ASP A O   1 
ATOM   796  C CB  . ASP A 1 117 ? 4.39535   -4.81026  0.44438   1.000 7.63755  ? 117 ASP A CB  1 
ATOM   797  C CG  . ASP A 1 117 ? 5.39931   -5.94092  0.39852   1.000 9.86569  ? 117 ASP A CG  1 
ATOM   798  O OD1 . ASP A 1 117 ? 5.36794   -6.79272  1.31113   1.000 11.71615 ? 117 ASP A OD1 1 
ATOM   799  O OD2 . ASP A 1 117 ? 6.26523   -5.95003  -0.48983  1.000 11.34644 ? 117 ASP A OD2 1 
ATOM   800  N N   . ILE A 1 118 ? 4.75370   -3.85776  -2.98600  1.000 5.08079  ? 118 ILE A N   1 
ATOM   801  C CA  . ILE A 1 118 ? 4.16802   -3.92295  -4.31880  1.000 6.64430  ? 118 ILE A CA  1 
ATOM   802  C C   . ILE A 1 118 ? 4.09871   -5.37873  -4.75170  1.000 5.83585  ? 118 ILE A C   1 
ATOM   803  O O   . ILE A 1 118 ? 5.08185   -6.11736  -4.65824  1.000 7.06776  ? 118 ILE A O   1 
ATOM   804  C CB  . ILE A 1 118 ? 4.97323   -3.07265  -5.31438  1.000 6.74438  ? 118 ILE A CB  1 
ATOM   805  C CG1 . ILE A 1 118 ? 5.04664   -1.60757  -4.83988  1.000 7.47443  ? 118 ILE A CG1 1 
ATOM   806  C CG2 . ILE A 1 118 ? 4.37417   -3.16595  -6.69428  1.000 7.33365  ? 118 ILE A CG2 1 
ATOM   807  C CD1 . ILE A 1 118 ? 6.05778   -0.76933  -5.58716  1.000 8.28058  ? 118 ILE A CD1 1 
ATOM   808  N N   . CYS A 1 119 ? 2.94113   -5.80295  -5.22264  1.000 6.23455  ? 119 CYS A N   1 
ATOM   809  C CA  . CYS A 1 119 ? 2.76941   -7.21135  -5.54726  1.000 7.81845  ? 119 CYS A CA  1 
ATOM   810  C C   . CYS A 1 119 ? 3.39304   -7.57728  -6.89090  1.000 8.57879  ? 119 CYS A C   1 
ATOM   811  O O   . CYS A 1 119 ? 3.26628   -6.85504  -7.88208  1.000 9.09261  ? 119 CYS A O   1 
ATOM   812  C CB  . CYS A 1 119 ? 1.29819   -7.60199  -5.51412  1.000 9.33712  ? 119 CYS A CB  1 
ATOM   813  S SG  . CYS A 1 119 ? 1.04164   -9.39750  -5.50418  1.000 13.83903 ? 119 CYS A SG  1 
ATOM   814  N N   . GLU A 1 120 ? 4.08754   -8.71597  -6.90228  1.000 9.84912  ? 120 GLU A N   1 
ATOM   815  C CA  . GLU A 1 120 ? 4.70408   -9.23184  -8.11590  1.000 8.87761  ? 120 GLU A CA  1 
ATOM   816  C C   . GLU A 1 120 ? 3.70549   -9.90787  -9.03817  1.000 10.01646 ? 120 GLU A C   1 
ATOM   817  O O   . GLU A 1 120 ? 3.95654   -9.97370  -10.24624 1.000 11.83416 ? 120 GLU A O   1 
ATOM   818  C CB  . GLU A 1 120 ? 5.77859   -10.24423 -7.74167  1.000 10.31788 ? 120 GLU A CB  1 
ATOM   819  C CG  . GLU A 1 120 ? 6.91237   -9.67756  -6.92429  1.000 11.99080 ? 120 GLU A CG  1 
ATOM   820  C CD  . GLU A 1 120 ? 8.05652   -10.65959 -6.79334  1.000 16.61309 ? 120 GLU A CD  1 
ATOM   821  O OE1 . GLU A 1 120 ? 8.82610   -10.82990 -7.77095  1.000 17.85889 ? 120 GLU A OE1 1 
ATOM   822  O OE2 . GLU A 1 120 ? 8.20070   -11.25463 -5.70726  1.000 21.30226 ? 120 GLU A OE2 1 
ATOM   823  N N   . ASP A 1 121 ? 2.56871   -10.36426 -8.49665  1.000 9.41608  ? 121 ASP A N   1 
ATOM   824  C CA  . ASP A 1 121 ? 1.65248   -11.23579 -9.23543  1.000 13.08651 ? 121 ASP A CA  1 
ATOM   825  C C   . ASP A 1 121 ? 1.17522   -10.58918 -10.52776 1.000 12.87475 ? 121 ASP A C   1 
ATOM   826  O O   . ASP A 1 121 ? 0.93762   -11.27921 -11.52437 1.000 15.72642 ? 121 ASP A O   1 
ATOM   827  C CB  . ASP A 1 121 ? 0.41819   -11.58291 -8.39031  1.000 14.76967 ? 121 ASP A CB  1 
ATOM   828  C CG  . ASP A 1 121 ? 0.73192   -12.37447 -7.12975  1.000 15.75866 ? 121 ASP A CG  1 
ATOM   829  O OD1 . ASP A 1 121 ? 1.90911   -12.47723 -6.72273  1.000 14.96674 ? 121 ASP A OD1 1 
ATOM   830  O OD2 . ASP A 1 121 ? -0.24384  -12.90292 -6.53791  1.000 17.22398 ? 121 ASP A OD2 1 
ATOM   831  N N   . THR A 1 122 ? 0.98448   -9.27057  -10.52364 1.000 10.32004 ? 122 THR A N   1 
ATOM   832  C CA  . THR A 1 122 ? 0.43050   -8.56306  -11.67080 1.000 12.10759 ? 122 THR A CA  1 
ATOM   833  C C   . THR A 1 122 ? 1.40984   -7.55500  -12.25997 1.000 10.74278 ? 122 THR A C   1 
ATOM   834  O O   . THR A 1 122 ? 0.99400   -6.66215  -13.00309 1.000 11.24962 ? 122 THR A O   1 
ATOM   835  C CB  . THR A 1 122 ? -0.90258  -7.89467  -11.33561 1.000 12.55760 ? 122 THR A CB  1 
ATOM   836  O OG1 . THR A 1 122 ? -0.71699  -6.97241  -10.25442 1.000 12.64496 ? 122 THR A OG1 1 
ATOM   837  C CG2 . THR A 1 122 ? -1.93421  -8.93776  -10.94865 1.000 12.89301 ? 122 THR A CG2 1 
ATOM   838  N N   . GLY A 1 123 ? 2.69350   -7.65843  -11.92723 1.000 8.69936  ? 123 GLY A N   1 
ATOM   839  C CA  . GLY A 1 123 ? 3.73048   -6.95656  -12.66227 1.000 8.61680  ? 123 GLY A CA  1 
ATOM   840  C C   . GLY A 1 123 ? 4.17192   -5.61266  -12.10533 1.000 7.16434  ? 123 GLY A C   1 
ATOM   841  O O   . GLY A 1 123 ? 5.13721   -5.03322  -12.62685 1.000 9.01252  ? 123 GLY A O   1 
ATOM   842  N N   . GLY A 1 124 ? 3.52278   -5.10448  -11.05546 1.000 8.13013  ? 124 GLY A N   1 
ATOM   843  C CA  . GLY A 1 124 ? 3.87557   -3.78557  -10.55503 1.000 8.22236  ? 124 GLY A CA  1 
ATOM   844  C C   . GLY A 1 124 ? 5.29035   -3.72397  -10.01790 1.000 8.04699  ? 124 GLY A C   1 
ATOM   845  O O   . GLY A 1 124 ? 5.97288   -2.70695  -10.16403 1.000 9.06214  ? 124 GLY A O   1 
ATOM   846  N N   . ALA A 1 125 ? 5.74285   -4.80053  -9.37178  1.000 8.58004  ? 125 ALA A N   1 
ATOM   847  C CA  . ALA A 1 125 ? 7.07886   -4.79494  -8.78192  1.000 9.71753  ? 125 ALA A CA  1 
ATOM   848  C C   . ALA A 1 125 ? 8.15370   -4.67985  -9.85372  1.000 9.23328  ? 125 ALA A C   1 
ATOM   849  O O   . ALA A 1 125 ? 9.12009   -3.93183  -9.68787  1.000 11.09549 ? 125 ALA A O   1 
ATOM   850  C CB  . ALA A 1 125 ? 7.29599   -6.05397  -7.94591  1.000 11.20052 ? 125 ALA A CB  1 
ATOM   851  N N   . GLY A 1 126 ? 8.00605   -5.41115  -10.96054 1.000 9.25144  ? 126 GLY A N   1 
ATOM   852  C CA  . GLY A 1 126 ? 8.97215   -5.29656  -12.03870 1.000 11.44347 ? 126 GLY A CA  1 
ATOM   853  C C   . GLY A 1 126 ? 8.93126   -3.95012  -12.72944 1.000 10.07702 ? 126 GLY A C   1 
ATOM   854  O O   . GLY A 1 126 ? 9.95552   -3.46948  -13.22480 1.000 12.30749 ? 126 GLY A O   1 
ATOM   855  N N   . ALA A 1 127 ? 7.75463   -3.32904  -12.78389 1.000 10.04689 ? 127 ALA A N   1 
ATOM   856  C CA  . ALA A 1 127 ? 7.64209   -1.99733  -13.36323 1.000 11.91151 ? 127 ALA A CA  1 
ATOM   857  C C   . ALA A 1 127 ? 8.29612   -0.94015  -12.48057 1.000 10.46751 ? 127 ALA A C   1 
ATOM   858  O O   . ALA A 1 127 ? 8.75086   0.08783   -12.98147 1.000 12.65441 ? 127 ALA A O   1 
ATOM   859  C CB  . ALA A 1 127 ? 6.16863   -1.66531  -13.59216 1.000 11.31262 ? 127 ALA A CB  1 
ATOM   860  N N   . PHE A 1 128 ? 8.36704   -1.16856  -11.17299 1.000 10.22474 ? 128 PHE A N   1 
ATOM   861  C CA  . PHE A 1 128 ? 8.86796   -0.16168  -10.24354 1.000 9.75206  ? 128 PHE A CA  1 
ATOM   862  C C   . PHE A 1 128 ? 10.33166  -0.34734  -9.84941  1.000 8.42061  ? 128 PHE A C   1 
ATOM   863  O O   . PHE A 1 128 ? 11.06541  0.63900   -9.75456  1.000 9.95199  ? 128 PHE A O   1 
ATOM   864  C CB  . PHE A 1 128 ? 7.98898   -0.17265  -8.99538  1.000 7.33025  ? 128 PHE A CB  1 
ATOM   865  C CG  . PHE A 1 128 ? 8.28178   0.91961   -8.02086  1.000 6.45841  ? 128 PHE A CG  1 
ATOM   866  C CD1 . PHE A 1 128 ? 7.84370   2.22122   -8.24274  1.000 6.67294  ? 128 PHE A CD1 1 
ATOM   867  C CD2 . PHE A 1 128 ? 8.96391   0.63764   -6.85611  1.000 7.21413  ? 128 PHE A CD2 1 
ATOM   868  C CE1 . PHE A 1 128 ? 8.09463   3.22520   -7.30620  1.000 7.35268  ? 128 PHE A CE1 1 
ATOM   869  C CE2 . PHE A 1 128 ? 9.19893   1.62813   -5.92747  1.000 6.70008  ? 128 PHE A CE2 1 
ATOM   870  C CZ  . PHE A 1 128 ? 8.76240   2.91570   -6.14780  1.000 7.04942  ? 128 PHE A CZ  1 
ATOM   871  N N   . PHE A 1 129 ? 10.76641  -1.57724  -9.58861  1.000 9.08027  ? 129 PHE A N   1 
ATOM   872  C CA  . PHE A 1 129 ? 12.09759  -1.84150  -9.04638  1.000 9.88630  ? 129 PHE A CA  1 
ATOM   873  C C   . PHE A 1 129 ? 13.04607  -2.23582  -10.16230 1.000 11.79891 ? 129 PHE A C   1 
ATOM   874  O O   . PHE A 1 129 ? 12.82462  -3.27454  -10.80530 1.000 14.19497 ? 129 PHE A O   1 
ATOM   875  C CB  . PHE A 1 129 ? 12.05475  -2.98707  -8.04940  1.000 9.96569  ? 129 PHE A CB  1 
ATOM   876  C CG  . PHE A 1 129 ? 11.31030  -2.68725  -6.80468  1.000 7.99272  ? 129 PHE A CG  1 
ATOM   877  C CD1 . PHE A 1 129 ? 11.87039  -1.91587  -5.80313  1.000 8.92015  ? 129 PHE A CD1 1 
ATOM   878  C CD2 . PHE A 1 129 ? 10.03927  -3.17760  -6.63792  1.000 8.35898  ? 129 PHE A CD2 1 
ATOM   879  C CE1 . PHE A 1 129 ? 11.17032  -1.65258  -4.64157  1.000 8.29883  ? 129 PHE A CE1 1 
ATOM   880  C CE2 . PHE A 1 129 ? 9.33385   -2.92839  -5.47501  1.000 7.85668  ? 129 PHE A CE2 1 
ATOM   881  C CZ  . PHE A 1 129 ? 9.90338   -2.15535  -4.47745  1.000 7.78025  ? 129 PHE A CZ  1 
ATOM   882  N N   . PRO A 1 130 ? 14.13823  -1.51614  -10.38189 1.000 13.97052 ? 130 PRO A N   1 
ATOM   883  C CA  . PRO A 1 130 ? 15.19199  -2.04283  -11.25817 1.000 15.83832 ? 130 PRO A CA  1 
ATOM   884  C C   . PRO A 1 130 ? 15.73719  -3.34727  -10.69720 1.000 16.77791 ? 130 PRO A C   1 
ATOM   885  O O   . PRO A 1 130 ? 15.79396  -3.54627  -9.48045  1.000 15.46972 ? 130 PRO A O   1 
ATOM   886  C CB  . PRO A 1 130 ? 16.26001  -0.94388  -11.23386 1.000 20.33689 ? 130 PRO A CB  1 
ATOM   887  C CG  . PRO A 1 130 ? 15.57720  0.27812   -10.69453 1.000 18.05621 ? 130 PRO A CG  1 
ATOM   888  C CD  . PRO A 1 130 ? 14.47953  -0.21686  -9.79595  1.000 16.43334 ? 130 PRO A CD  1 
ATOM   889  N N   . SER A 1 131 ? 16.11867  -4.25744  -11.59776 1.000 15.79805 ? 131 SER A N   1 
ATOM   890  C CA  . SER A 1 131 ? 16.71599  -5.50851  -11.14975 1.000 14.78404 ? 131 SER A CA  1 
ATOM   891  C C   . SER A 1 131 ? 17.94075  -5.19443  -10.30284 1.000 15.92613 ? 131 SER A C   1 
ATOM   892  O O   . SER A 1 131 ? 18.68119  -4.25017  -10.58426 1.000 16.95956 ? 131 SER A O   1 
ATOM   893  C CB  . SER A 1 131 ? 17.08053  -6.40837  -12.33782 1.000 20.00859 ? 131 SER A CB  1 
ATOM   894  O OG  . SER A 1 131 ? 17.91895  -5.73821  -13.25814 1.000 22.42585 ? 131 SER A OG  1 
ATOM   895  N N   . GLY A 1 132 ? 18.11658  -5.95332  -9.22547  1.000 18.61567 ? 132 GLY A N   1 
ATOM   896  C CA  . GLY A 1 132 ? 19.17215  -5.66759  -8.27841  1.000 21.61631 ? 132 GLY A CA  1 
ATOM   897  C C   . GLY A 1 132 ? 18.84872  -4.61446  -7.23786  1.000 23.56702 ? 132 GLY A C   1 
ATOM   898  O O   . GLY A 1 132 ? 19.68742  -4.36150  -6.36289  1.000 27.68675 ? 132 GLY A O   1 
ATOM   899  N N   . HIS A 1 133 ? 17.65123  -3.98322  -7.29551  1.000 21.08926 ? 133 HIS A N   1 
ATOM   900  C CA  . HIS A 1 133 ? 17.25212  -2.95236  -6.31964  1.000 20.36275 ? 133 HIS A CA  1 
ATOM   901  C C   . HIS A 1 133 ? 15.80235  -3.20518  -5.89910  1.000 25.27764 ? 133 HIS A C   1 
ATOM   902  O O   . HIS A 1 133 ? 14.88206  -2.52501  -6.35753  1.000 25.57210 ? 133 HIS A O   1 
ATOM   903  C CB  . HIS A 1 133 ? 17.43886  -1.53996  -6.87556  1.000 20.16764 ? 133 HIS A CB  1 
ATOM   904  C CG  . HIS A 1 133 ? 18.82011  -1.26764  -7.38113  1.000 28.02315 ? 133 HIS A CG  1 
ATOM   905  N ND1 . HIS A 1 133 ? 19.77343  -0.61891  -6.62731  1.000 21.48724 ? 133 HIS A ND1 1 
ATOM   906  C CD2 . HIS A 1 133 ? 19.40697  -1.54863  -8.56830  1.000 23.55847 ? 133 HIS A CD2 1 
ATOM   907  C CE1 . HIS A 1 133 ? 20.89177  -0.52303  -7.32299  1.000 24.86146 ? 133 HIS A CE1 1 
ATOM   908  N NE2 . HIS A 1 133 ? 20.69508  -1.07733  -8.50568  1.000 31.50869 ? 133 HIS A NE2 1 
ATOM   909  N N   . GLY A 1 134 ? 15.61094  -4.16928  -5.00074  1.000 17.86001 ? 134 GLY A N   1 
ATOM   910  C CA  . GLY A 1 134 ? 14.30319  -4.60423  -4.54734  1.000 17.22103 ? 134 GLY A CA  1 
ATOM   911  C C   . GLY A 1 134 ? 13.74677  -3.92927  -3.30565  1.000 14.17105 ? 134 GLY A C   1 
ATOM   912  O O   . GLY A 1 134 ? 12.71632  -4.37019  -2.78241  1.000 16.74878 ? 134 GLY A O   1 
ATOM   913  N N   . ALA A 1 135 ? 14.39740  -2.88145  -2.80969  1.000 11.25167 ? 135 ALA A N   1 
ATOM   914  C CA  . ALA A 1 135 ? 13.89890  -2.06117  -1.71234  1.000 9.40748  ? 135 ALA A CA  1 
ATOM   915  C C   . ALA A 1 135 ? 14.28754  -0.63191  -2.03807  1.000 8.72823  ? 135 ALA A C   1 
ATOM   916  O O   . ALA A 1 135 ? 15.43057  -0.37923  -2.42767  1.000 10.46745 ? 135 ALA A O   1 
ATOM   917  C CB  . ALA A 1 135 ? 14.52082  -2.47256  -0.37345  1.000 13.17927 ? 135 ALA A CB  1 
ATOM   918  N N   . LEU A 1 136 ? 13.33846  0.29052   -1.91648  1.000 7.23022  ? 136 LEU A N   1 
ATOM   919  C CA  . LEU A 1 136 ? 13.56973  1.68728   -2.23635  1.000 6.77327  ? 136 LEU A CA  1 
ATOM   920  C C   . LEU A 1 136 ? 12.83057  2.55999   -1.23330  1.000 6.24386  ? 136 LEU A C   1 
ATOM   921  O O   . LEU A 1 136 ? 11.94279  2.09885   -0.51109  1.000 6.71443  ? 136 LEU A O   1 
ATOM   922  C CB  . LEU A 1 136 ? 13.08657  2.03947   -3.65874  1.000 8.39042  ? 136 LEU A CB  1 
ATOM   923  C CG  . LEU A 1 136 ? 13.77347  1.34223   -4.84063  1.000 8.54541  ? 136 LEU A CG  1 
ATOM   924  C CD1 . LEU A 1 136 ? 13.04806  1.62399   -6.13973  1.000 11.96571 ? 136 LEU A CD1 1 
ATOM   925  C CD2 . LEU A 1 136 ? 15.22478  1.79033   -4.95644  1.000 11.15822 ? 136 LEU A CD2 1 
ATOM   926  N N   . THR A 1 137 ? 13.19949  3.82471   -1.18359  1.000 6.97570  ? 137 THR A N   1 
ATOM   927  C CA  . THR A 1 137 ? 12.39156  4.83172   -0.51632  1.000 8.43404  ? 137 THR A CA  1 
ATOM   928  C C   . THR A 1 137 ? 12.03651  5.90625   -1.53084  1.000 7.07002  ? 137 THR A C   1 
ATOM   929  O O   . THR A 1 137 ? 12.64502  6.00408   -2.59872  1.000 7.63369  ? 137 THR A O   1 
ATOM   930  C CB  . THR A 1 137 ? 13.08603  5.42833   0.72030   1.000 9.17216  ? 137 THR A CB  1 
ATOM   931  O OG1 . THR A 1 137 ? 14.29638  6.06854   0.31896   1.000 11.43078 ? 137 THR A OG1 1 
ATOM   932  C CG2 . THR A 1 137 ? 13.40974  4.34152   1.75877   1.000 10.63470 ? 137 THR A CG2 1 
ATOM   933  N N   . GLY A 1 138 ? 11.01755  6.68759   -1.20903  1.000 7.09307  ? 138 GLY A N   1 
ATOM   934  C CA  . GLY A 1 138 ? 10.58115  7.73181   -2.10719  1.000 7.58486  ? 138 GLY A CA  1 
ATOM   935  C C   . GLY A 1 138 ? 9.30980   8.36752   -1.60073  1.000 8.40614  ? 138 GLY A C   1 
ATOM   936  O O   . GLY A 1 138 ? 9.14980   8.59815   -0.39836  1.000 7.11221  ? 138 GLY A O   1 
ATOM   937  N N   . THR A 1 139 ? 8.36665   8.61176   -2.50553  1.000 7.19930  ? 139 THR A N   1 
ATOM   938  C CA  . THR A 1 139 ? 7.17331   9.37752   -2.18896  1.000 8.48280  ? 139 THR A CA  1 
ATOM   939  C C   . THR A 1 139 ? 5.94017   8.67571   -2.73965  1.000 7.18447  ? 139 THR A C   1 
ATOM   940  O O   . THR A 1 139 ? 6.02414   7.85393   -3.64914  1.000 7.02325  ? 139 THR A O   1 
ATOM   941  C CB  . THR A 1 139 ? 7.25020   10.79962  -2.77783  1.000 11.71808 ? 139 THR A CB  1 
ATOM   942  O OG1 . THR A 1 139 ? 7.33124   10.73226  -4.20541  1.000 13.50144 ? 139 THR A OG1 1 
ATOM   943  C CG2 . THR A 1 139 ? 8.46618   11.55363  -2.24610  1.000 16.43609 ? 139 THR A CG2 1 
ATOM   944  N N   . TYR A 1 140 ? 4.78470   9.04664   -2.19528  1.000 7.26402  ? 140 TYR A N   1 
ATOM   945  C CA  . TYR A 1 140 ? 3.50891   8.56355   -2.69512  1.000 6.72083  ? 140 TYR A CA  1 
ATOM   946  C C   . TYR A 1 140 ? 2.51834   9.71938   -2.71612  1.000 7.86855  ? 140 TYR A C   1 
ATOM   947  O O   . TYR A 1 140 ? 2.62733   10.67015  -1.92632  1.000 6.43345  ? 140 TYR A O   1 
ATOM   948  C CB  . TYR A 1 140 ? 2.92465   7.40939   -1.84067  1.000 8.93337  ? 140 TYR A CB  1 
ATOM   949  C CG  . TYR A 1 140 ? 2.37316   7.85274   -0.50348  1.000 7.05504  ? 140 TYR A CG  1 
ATOM   950  C CD1 . TYR A 1 140 ? 3.19062   7.99776   0.60924   1.000 7.03238  ? 140 TYR A CD1 1 
ATOM   951  C CD2 . TYR A 1 140 ? 1.02688   8.12801   -0.35095  1.000 8.66714  ? 140 TYR A CD2 1 
ATOM   952  C CE1 . TYR A 1 140 ? 2.66855   8.41646   1.82347   1.000 8.93233  ? 140 TYR A CE1 1 
ATOM   953  C CE2 . TYR A 1 140 ? 0.51283   8.52682   0.85333   1.000 8.12864  ? 140 TYR A CE2 1 
ATOM   954  C CZ  . TYR A 1 140 ? 1.33242   8.67900   1.93103   1.000 8.87417  ? 140 TYR A CZ  1 
ATOM   955  O OH  . TYR A 1 140 ? 0.79470   9.09579   3.13616   1.000 11.30571 ? 140 TYR A OH  1 
ATOM   956  N N   . ARG A 1 141 ? 1.55044   9.64154   -3.62696  1.000 7.05535  ? 141 ARG A N   1 
ATOM   957  C CA  . ARG A 1 141 ? 0.43259   10.56825  -3.57858  1.000 7.31306  ? 141 ARG A CA  1 
ATOM   958  C C   . ARG A 1 141 ? -0.80279  9.85824   -4.09547  1.000 8.22631  ? 141 ARG A C   1 
ATOM   959  O O   . ARG A 1 141 ? -0.74559  9.12608   -5.09428  1.000 7.75044  ? 141 ARG A O   1 
ATOM   960  C CB  . ARG A 1 141 ? 0.69496   11.88118  -4.32514  1.000 16.21114 ? 141 ARG A CB  1 
ATOM   961  C CG  . ARG A 1 141 ? 0.95617   11.75728  -5.78398  1.000 16.93109 ? 141 ARG A CG  1 
ATOM   962  C CD  . ARG A 1 141 ? 0.84763   13.13197  -6.44696  1.000 22.03045 ? 141 ARG A CD  1 
ATOM   963  N NE  . ARG A 1 141 ? 0.89407   13.01726  -7.89741  1.000 20.01851 ? 141 ARG A NE  1 
ATOM   964  C CZ  . ARG A 1 141 ? -0.02090  13.50422  -8.72550  1.000 21.48195 ? 141 ARG A CZ  1 
ATOM   965  N NH1 . ARG A 1 141 ? -1.05414  14.20374  -8.28293  1.000 21.20136 ? 141 ARG A NH1 1 
ATOM   966  N NH2 . ARG A 1 141 ? 0.11040   13.29140  -10.03235 1.000 24.07821 ? 141 ARG A NH2 1 
ATOM   967  N N   . GLU A 1 142 ? -1.90948  10.05350  -3.39930  1.000 6.41709  ? 142 GLU A N   1 
ATOM   968  C CA  . GLU A 1 142 ? -3.15287  9.48069   -3.87399  1.000 6.65381  ? 142 GLU A CA  1 
ATOM   969  C C   . GLU A 1 142 ? -3.56755  10.20698  -5.14321  1.000 6.92560  ? 142 GLU A C   1 
ATOM   970  O O   . GLU A 1 142 ? -3.43482  11.43517  -5.24187  1.000 8.77734  ? 142 GLU A O   1 
ATOM   971  C CB  . GLU A 1 142 ? -4.24829  9.61290   -2.82596  1.000 7.13424  ? 142 GLU A CB  1 
ATOM   972  C CG  . GLU A 1 142 ? -5.44244  8.75795   -3.21647  1.000 9.83795  ? 142 GLU A CG  1 
ATOM   973  C CD  . GLU A 1 142 ? -6.55584  8.67784   -2.19015  1.000 7.31906  ? 142 GLU A CD  1 
ATOM   974  O OE1 . GLU A 1 142 ? -6.41238  9.21619   -1.07449  1.000 9.02981  ? 142 GLU A OE1 1 
ATOM   975  O OE2 . GLU A 1 142 ? -7.59125  8.03278   -2.50891  1.000 8.30151  ? 142 GLU A OE2 1 
ATOM   976  N N   . VAL A 1 143 ? -4.04272  9.44403   -6.13006  1.000 7.06185  ? 143 VAL A N   1 
ATOM   977  C CA  . VAL A 1 143 ? -4.45624  9.96271   -7.42453  1.000 7.36610  ? 143 VAL A CA  1 
ATOM   978  C C   . VAL A 1 143 ? -5.78612  9.33387   -7.80969  1.000 7.50875  ? 143 VAL A C   1 
ATOM   979  O O   . VAL A 1 143 ? -6.26301  8.38038   -7.19091  1.000 7.96151  ? 143 VAL A O   1 
ATOM   980  C CB  . VAL A 1 143 ? -3.40612  9.70112   -8.52442  1.000 8.78728  ? 143 VAL A CB  1 
ATOM   981  C CG1 . VAL A 1 143 ? -2.09741  10.40859  -8.20567  1.000 9.77665  ? 143 VAL A CG1 1 
ATOM   982  C CG2 . VAL A 1 143 ? -3.18539  8.19983   -8.70766  1.000 9.24046  ? 143 VAL A CG2 1 
ATOM   983  N N   . SER A 1 144 ? -6.37595  9.88999   -8.86108  1.000 7.88860  ? 144 SER A N   1 
ATOM   984  C CA  . SER A 1 144 ? -7.56167  9.30385   -9.45464  1.000 8.34669  ? 144 SER A CA  1 
ATOM   985  C C   . SER A 1 144 ? -7.24694  7.91107   -9.97036  1.000 7.72056  ? 144 SER A C   1 
ATOM   986  O O   . SER A 1 144 ? -6.21105  7.67903   -10.59496 1.000 7.63643  ? 144 SER A O   1 
ATOM   987  C CB  . SER A 1 144 ? -8.02742  10.16913  -10.62614 1.000 9.38504  ? 144 SER A CB  1 
ATOM   988  O OG  . SER A 1 144 ? -9.05197  9.49572   -11.32452 1.000 10.59203 ? 144 SER A OG  1 
ATOM   989  N N   . CYS A 1 145 ? -8.19054  6.99660   -9.75826  1.000 7.97391  ? 145 CYS A N   1 
ATOM   990  C CA  . CYS A 1 145 ? -8.01852  5.68920   -10.36134 1.000 8.96574  ? 145 CYS A CA  1 
ATOM   991  C C   . CYS A 1 145 ? -8.13319  5.72376   -11.87893 1.000 9.39378  ? 145 CYS A C   1 
ATOM   992  O O   . CYS A 1 145 ? -7.81775  4.72784   -12.52700 1.000 9.53026  ? 145 CYS A O   1 
ATOM   993  C CB  . CYS A 1 145 ? -8.93410  4.64719   -9.72231  1.000 10.92529 ? 145 CYS A CB  1 
ATOM   994  S SG  . CYS A 1 145 ? -8.43974  4.13877   -8.02589  1.000 11.34366 ? 145 CYS A SG  1 
ATOM   995  N N   . SER A 1 146 ? -8.49461  6.86557   -12.47202 1.000 8.21257  ? 146 SER A N   1 
ATOM   996  C CA  . SER A 1 146 ? -8.35321  7.00417   -13.91890 1.000 9.75276  ? 146 SER A CA  1 
ATOM   997  C C   . SER A 1 146 ? -6.91516  6.80649   -14.36546 1.000 12.04696 ? 146 SER A C   1 
ATOM   998  O O   . SER A 1 146 ? -6.68117  6.44236   -15.52276 1.000 13.21710 ? 146 SER A O   1 
ATOM   999  C CB  . SER A 1 146 ? -8.82794  8.37792   -14.39468 1.000 11.94998 ? 146 SER A CB  1 
ATOM   1000 O OG  . SER A 1 146 ? -7.95519  9.39593   -13.94156 1.000 16.31802 ? 146 SER A OG  1 
ATOM   1001 N N   . GLN A 1 147 ? -5.94598  7.02534   -13.47298 1.000 8.74811  ? 147 GLN A N   1 
ATOM   1002 C CA  . GLN A 1 147 ? -4.54683  6.82906   -13.82658 1.000 10.03237 ? 147 GLN A CA  1 
ATOM   1003 C C   . GLN A 1 147 ? -4.09097  5.38783   -13.69486 1.000 9.89386  ? 147 GLN A C   1 
ATOM   1004 O O   . GLN A 1 147 ? -2.93368  5.09661   -14.00016 1.000 11.26709 ? 147 GLN A O   1 
ATOM   1005 C CB  . GLN A 1 147 ? -3.62266  7.72525   -13.00194 1.000 11.46496 ? 147 GLN A CB  1 
ATOM   1006 C CG  . GLN A 1 147 ? -3.95410  9.20837   -13.01248 1.000 14.38649 ? 147 GLN A CG  1 
ATOM   1007 C CD  . GLN A 1 147 ? -2.79832  10.04127  -12.48212 1.000 20.03704 ? 147 GLN A CD  1 
ATOM   1008 O OE1 . GLN A 1 147 ? -3.00085  11.04682  -11.79585 1.000 23.96811 ? 147 GLN A OE1 1 
ATOM   1009 N NE2 . GLN A 1 147 ? -1.57387  9.62151   -12.79880 1.000 24.89782 ? 147 GLN A NE2 1 
ATOM   1010 N N   . TRP A 1 148 ? -4.96439  4.49108   -13.26000 1.000 9.24523  ? 148 TRP A N   1 
ATOM   1011 C CA  . TRP A 1 148 ? -4.63975  3.09115   -13.03788 1.000 8.21905  ? 148 TRP A CA  1 
ATOM   1012 C C   . TRP A 1 148 ? -5.27858  2.23326   -14.12098 1.000 8.74489  ? 148 TRP A C   1 
ATOM   1013 O O   . TRP A 1 148 ? -6.45870  2.39984   -14.44016 1.000 13.58974 ? 148 TRP A O   1 
ATOM   1014 C CB  . TRP A 1 148 ? -5.19785  2.67558   -11.68462 1.000 9.14935  ? 148 TRP A CB  1 
ATOM   1015 C CG  . TRP A 1 148 ? -4.98823  1.24605   -11.30511 1.000 7.24643  ? 148 TRP A CG  1 
ATOM   1016 C CD1 . TRP A 1 148 ? -3.85194  0.68790   -10.80070 1.000 6.41000  ? 148 TRP A CD1 1 
ATOM   1017 C CD2 . TRP A 1 148 ? -5.95221  0.18758   -11.38845 1.000 7.46379  ? 148 TRP A CD2 1 
ATOM   1018 N NE1 . TRP A 1 148 ? -4.05027  -0.64926  -10.55759 1.000 6.90791  ? 148 TRP A NE1 1 
ATOM   1019 C CE2 . TRP A 1 148 ? -5.33067  -0.98047  -10.91099 1.000 7.77728  ? 148 TRP A CE2 1 
ATOM   1020 C CE3 . TRP A 1 148 ? -7.27947  0.11757   -11.82529 1.000 9.06647  ? 148 TRP A CE3 1 
ATOM   1021 C CZ2 . TRP A 1 148 ? -5.99485  -2.20200  -10.84927 1.000 8.46301  ? 148 TRP A CZ2 1 
ATOM   1022 C CZ3 . TRP A 1 148 ? -7.93172  -1.09531  -11.77073 1.000 9.56103  ? 148 TRP A CZ3 1 
ATOM   1023 C CH2 . TRP A 1 148 ? -7.29134  -2.23752  -11.28752 1.000 9.53490  ? 148 TRP A CH2 1 
ATOM   1024 N N   . SER A 1 149 ? -4.51452  1.29879   -14.66290 1.000 10.23150 ? 149 SER A N   1 
ATOM   1025 C CA  . SER A 1 149 ? -5.02132  0.36856   -15.66216 1.000 11.43650 ? 149 SER A CA  1 
ATOM   1026 C C   . SER A 1 149 ? -5.35556  -0.95811  -14.99760 1.000 10.40141 ? 149 SER A C   1 
ATOM   1027 O O   . SER A 1 149 ? -4.63453  -1.41719  -14.11009 1.000 10.31122 ? 149 SER A O   1 
ATOM   1028 C CB  . SER A 1 149 ? -3.96577  0.12151   -16.73801 1.000 15.48797 ? 149 SER A CB  1 
ATOM   1029 O OG  . SER A 1 149 ? -3.52332  1.33630   -17.32300 1.000 24.39272 ? 149 SER A OG  1 
ATOM   1030 N N   . GLY A 1 150 ? -6.44701  -1.57574  -15.43014 1.000 10.20093 ? 150 GLY A N   1 
ATOM   1031 C CA  . GLY A 1 150 ? -6.79988  -2.91030  -14.99489 1.000 11.94109 ? 150 GLY A CA  1 
ATOM   1032 C C   . GLY A 1 150 ? -8.25237  -3.00211  -14.59469 1.000 10.87101 ? 150 GLY A C   1 
ATOM   1033 O O   . GLY A 1 150 ? -9.03168  -2.05933  -14.74113 1.000 12.73864 ? 150 GLY A O   1 
ATOM   1034 N N   A SER A 1 151 ? -8.63199  -4.16650  -14.06774 0.667 11.16382 ? 151 SER A N   1 
ATOM   1035 N N   B SER A 1 151 ? -8.61820  -4.17373  -14.08128 0.333 11.20342 ? 151 SER A N   1 
ATOM   1036 C CA  A SER A 1 151 ? -10.00294 -4.38781  -13.62610 0.667 13.41820 ? 151 SER A CA  1 
ATOM   1037 C CA  B SER A 1 151 ? -9.97934  -4.42277  -13.63139 0.333 13.45532 ? 151 SER A CA  1 
ATOM   1038 C C   A SER A 1 151 ? -10.00771 -5.24626  -12.36985 0.667 12.41285 ? 151 SER A C   1 
ATOM   1039 C C   B SER A 1 151 ? -9.93604  -5.13009  -12.28580 0.333 12.52094 ? 151 SER A C   1 
ATOM   1040 O O   A SER A 1 151 ? -9.10792  -6.05720  -12.14406 0.667 13.10103 ? 151 SER A O   1 
ATOM   1041 O O   B SER A 1 151 ? -8.91609  -5.69985  -11.89397 0.333 13.24251 ? 151 SER A O   1 
ATOM   1042 C CB  A SER A 1 151 ? -10.85556 -5.08772  -14.69345 0.667 17.30102 ? 151 SER A CB  1 
ATOM   1043 C CB  B SER A 1 151 ? -10.76837 -5.26247  -14.64676 0.333 16.72221 ? 151 SER A CB  1 
ATOM   1044 O OG  A SER A 1 151 ? -10.37043 -6.39205  -14.93997 0.667 16.56933 ? 151 SER A OG  1 
ATOM   1045 O OG  B SER A 1 151 ? -10.88428 -4.58086  -15.88381 0.333 18.01872 ? 151 SER A OG  1 
ATOM   1046 N N   . ASP A 1 152 ? -11.05512 -5.08352  -11.57385 1.000 11.87418 ? 152 ASP A N   1 
ATOM   1047 C CA  . ASP A 1 152 ? -11.14161 -5.74141  -10.28283 1.000 12.57145 ? 152 ASP A CA  1 
ATOM   1048 C C   . ASP A 1 152 ? -11.59891 -7.18543  -10.42370 1.000 12.01688 ? 152 ASP A C   1 
ATOM   1049 O O   . ASP A 1 152 ? -12.37043 -7.53302  -11.32168 1.000 13.11495 ? 152 ASP A O   1 
ATOM   1050 C CB  . ASP A 1 152 ? -12.15214 -5.03181  -9.39470  1.000 12.20701 ? 152 ASP A CB  1 
ATOM   1051 C CG  . ASP A 1 152 ? -11.74130 -3.62664  -9.03253  1.000 14.16374 ? 152 ASP A CG  1 
ATOM   1052 O OD1 . ASP A 1 152 ? -10.57960 -3.21673  -9.28176  1.000 12.91040 ? 152 ASP A OD1 1 
ATOM   1053 O OD2 . ASP A 1 152 ? -12.61553 -2.93735  -8.47447  1.000 14.20089 ? 152 ASP A OD2 1 
ATOM   1054 N N   . GLY A 1 153 ? -11.13608 -8.01599  -9.49970  1.000 12.76636 ? 153 GLY A N   1 
ATOM   1055 C CA  . GLY A 1 153 ? -11.62655 -9.36809  -9.36024  1.000 13.43107 ? 153 GLY A CA  1 
ATOM   1056 C C   . GLY A 1 153 ? -12.95404 -9.40114  -8.62682  1.000 13.05895 ? 153 GLY A C   1 
ATOM   1057 O O   . GLY A 1 153 ? -13.57183 -8.37637  -8.33166  1.000 14.20220 ? 153 GLY A O   1 
ATOM   1058 N N   . SER A 1 154 ? -13.38938 -10.60344 -8.33089  1.000 11.72598 ? 154 SER A N   1 
ATOM   1059 C CA  . SER A 1 154 ? -14.64459 -10.91141 -7.67504  1.000 11.30055 ? 154 SER A CA  1 
ATOM   1060 C C   . SER A 1 154 ? -14.42993 -11.04148 -6.16748  1.000 10.03767 ? 154 SER A C   1 
ATOM   1061 O O   . SER A 1 154 ? -13.37539 -11.50854 -5.72714  1.000 10.96826 ? 154 SER A O   1 
ATOM   1062 C CB  . SER A 1 154 ? -15.18875 -12.22713 -8.23048  1.000 13.48846 ? 154 SER A CB  1 
ATOM   1063 O OG  . SER A 1 154 ? -16.45517 -12.52382 -7.68684  1.000 16.48513 ? 154 SER A OG  1 
ATOM   1064 N N   . PRO A 1 155 ? -15.40225 -10.63332 -5.34482  1.000 10.15610 ? 155 PRO A N   1 
ATOM   1065 C CA  . PRO A 1 155 ? -15.17180 -10.60577 -3.89089  1.000 12.34543 ? 155 PRO A CA  1 
ATOM   1066 C C   . PRO A 1 155 ? -15.01866 -12.00584 -3.31332  1.000 12.97122 ? 155 PRO A C   1 
ATOM   1067 O O   . PRO A 1 155 ? -15.81670 -12.90301 -3.60247  1.000 15.22781 ? 155 PRO A O   1 
ATOM   1068 C CB  . PRO A 1 155 ? -16.42961 -9.92581  -3.32962  1.000 14.31418 ? 155 PRO A CB  1 
ATOM   1069 C CG  . PRO A 1 155 ? -17.39007 -9.81806  -4.43519  1.000 17.51273 ? 155 PRO A CG  1 
ATOM   1070 C CD  . PRO A 1 155 ? -16.69016 -10.03109 -5.72946  1.000 13.12145 ? 155 PRO A CD  1 
ATOM   1071 N N   . LEU A 1 156 ? -14.02839 -12.16265 -2.42700  1.000 11.66345 ? 156 LEU A N   1 
ATOM   1072 C CA  . LEU A 1 156 ? -13.64261 -13.46133 -1.88379  1.000 13.52101 ? 156 LEU A CA  1 
ATOM   1073 C C   . LEU A 1 156 ? -14.48205 -13.87559 -0.68748  1.000 11.85537 ? 156 LEU A C   1 
ATOM   1074 O O   . LEU A 1 156 ? -14.48802 -15.06047 -0.32300  1.000 14.41342 ? 156 LEU A O   1 
ATOM   1075 C CB  . LEU A 1 156 ? -12.18415 -13.39013 -1.44090  1.000 13.02028 ? 156 LEU A CB  1 
ATOM   1076 C CG  . LEU A 1 156 ? -11.22652 -13.22557 -2.61215  1.000 14.53643 ? 156 LEU A CG  1 
ATOM   1077 C CD1 . LEU A 1 156 ? -9.81831  -13.02517 -2.09518  1.000 15.39201 ? 156 LEU A CD1 1 
ATOM   1078 C CD2 . LEU A 1 156 ? -11.28830 -14.45285 -3.47001  1.000 18.93271 ? 156 LEU A CD2 1 
ATOM   1079 N N   . TRP A 1 157 ? -15.16450 -12.93068 -0.06166  1.000 12.37387 ? 157 TRP A N   1 
ATOM   1080 C CA  . TRP A 1 157 ? -15.96388 -13.21919 1.11262   1.000 14.07267 ? 157 TRP A CA  1 
ATOM   1081 C C   . TRP A 1 157 ? -16.84108 -12.00412 1.33563   1.000 17.90514 ? 157 TRP A C   1 
ATOM   1082 O O   . TRP A 1 157 ? -16.58080 -10.92795 0.78852   1.000 16.34164 ? 157 TRP A O   1 
ATOM   1083 C CB  . TRP A 1 157 ? -15.08708 -13.53217 2.33643   1.000 15.27082 ? 157 TRP A CB  1 
ATOM   1084 C CG  . TRP A 1 157 ? -13.72394 -12.85664 2.36942   1.000 14.25111 ? 157 TRP A CG  1 
ATOM   1085 C CD1 . TRP A 1 157 ? -12.51339 -13.45675 2.17590   1.000 16.67817 ? 157 TRP A CD1 1 
ATOM   1086 C CD2 . TRP A 1 157 ? -13.43822 -11.50244 2.74402   1.000 17.05860 ? 157 TRP A CD2 1 
ATOM   1087 N NE1 . TRP A 1 157 ? -11.49808 -12.54276 2.32948   1.000 16.21537 ? 157 TRP A NE1 1 
ATOM   1088 C CE2 . TRP A 1 157 ? -12.03936 -11.33860 2.68966   1.000 12.74946 ? 157 TRP A CE2 1 
ATOM   1089 C CE3 . TRP A 1 157 ? -14.22545 -10.40648 3.08507   1.000 18.03307 ? 157 TRP A CE3 1 
ATOM   1090 C CZ2 . TRP A 1 157 ? -11.41148 -10.12460 2.98214   1.000 18.85616 ? 157 TRP A CZ2 1 
ATOM   1091 C CZ3 . TRP A 1 157 ? -13.59655 -9.19513  3.36367   1.000 19.31701 ? 157 TRP A CZ3 1 
ATOM   1092 C CH2 . TRP A 1 157 ? -12.20788 -9.06475  3.30229   1.000 21.03929 ? 157 TRP A CH2 1 
ATOM   1093 N N   . THR A 1 158 ? -17.91562 -12.19684 2.09107   1.000 23.58871 ? 158 THR A N   1 
ATOM   1094 C CA  . THR A 1 158 ? -18.79500 -11.07740 2.38460   1.000 25.80962 ? 158 THR A CA  1 
ATOM   1095 C C   . THR A 1 158 ? -18.01924 -10.02731 3.17157   1.000 23.98509 ? 158 THR A C   1 
ATOM   1096 O O   . THR A 1 158 ? -17.22661 -10.35317 4.05835   1.000 28.57228 ? 158 THR A O   1 
ATOM   1097 C CB  . THR A 1 158 ? -20.01344 -11.56195 3.17149   1.000 29.02811 ? 158 THR A CB  1 
ATOM   1098 O OG1 . THR A 1 158 ? -20.72490 -12.53581 2.39496   1.000 32.34723 ? 158 THR A OG1 1 
ATOM   1099 C CG2 . THR A 1 158 ? -20.94367 -10.40616 3.44911   1.000 27.89753 ? 158 THR A CG2 1 
ATOM   1100 N N   . GLY A 1 159 ? -18.21640 -8.76007  2.81221   1.000 21.52523 ? 159 GLY A N   1 
ATOM   1101 C CA  . GLY A 1 159 ? -17.46078 -7.66849  3.38453   1.000 18.76614 ? 159 GLY A CA  1 
ATOM   1102 C C   . GLY A 1 159 ? -16.28242 -7.20246  2.54943   1.000 13.02892 ? 159 GLY A C   1 
ATOM   1103 O O   . GLY A 1 159 ? -15.70700 -6.14975  2.85754   1.000 16.94222 ? 159 GLY A O   1 
ATOM   1104 N N   . ALA A 1 160 ? -15.89536 -7.95744  1.52090   1.000 12.28407 ? 160 ALA A N   1 
ATOM   1105 C CA  . ALA A 1 160 ? -14.82023 -7.51687  0.63836   1.000 9.41188  ? 160 ALA A CA  1 
ATOM   1106 C C   . ALA A 1 160 ? -15.17227 -6.16310  0.02625   1.000 12.06669 ? 160 ALA A C   1 
ATOM   1107 O O   . ALA A 1 160 ? -16.34015 -5.85578  -0.23090  1.000 14.20828 ? 160 ALA A O   1 
ATOM   1108 C CB  . ALA A 1 160 ? -14.59621 -8.55663  -0.45369  1.000 13.22347 ? 160 ALA A CB  1 
ATOM   1109 N N   . CYS A 1 161 ? -14.15214 -5.33349  -0.19472  1.000 11.22110 ? 161 CYS A N   1 
ATOM   1110 C CA  . CYS A 1 161 ? -14.41992 -3.94649  -0.56759  1.000 11.07966 ? 161 CYS A CA  1 
ATOM   1111 C C   . CYS A 1 161 ? -13.20933 -3.35150  -1.26310  1.000 9.29142  ? 161 CYS A C   1 
ATOM   1112 O O   . CYS A 1 161 ? -12.09331 -3.46612  -0.75972  1.000 10.20727 ? 161 CYS A O   1 
ATOM   1113 C CB  . CYS A 1 161 ? -14.74972 -3.12346  0.68871   1.000 12.92123 ? 161 CYS A CB  1 
ATOM   1114 S SG  . CYS A 1 161 ? -15.14617 -1.36912  0.42239   1.000 13.54264 ? 161 CYS A SG  1 
ATOM   1115 N N   . LEU A 1 162 ? -13.43918 -2.73328  -2.42179  1.000 9.09614  ? 162 LEU A N   1 
ATOM   1116 C CA  . LEU A 1 162 ? -12.46509 -1.87906  -3.09269  1.000 8.17714  ? 162 LEU A CA  1 
ATOM   1117 C C   . LEU A 1 162 ? -13.07786 -0.52036  -3.40517  1.000 8.83055  ? 162 LEU A C   1 
ATOM   1118 O O   . LEU A 1 162 ? -12.65107 0.15819   -4.33779  1.000 8.88972  ? 162 LEU A O   1 
ATOM   1119 C CB  . LEU A 1 162 ? -11.91243 -2.52325  -4.36767  1.000 10.47469 ? 162 LEU A CB  1 
ATOM   1120 C CG  . LEU A 1 162 ? -11.02784 -3.76604  -4.23263  1.000 8.64379  ? 162 LEU A CG  1 
ATOM   1121 C CD1 . LEU A 1 162 ? -10.60074 -4.31087  -5.59513  1.000 11.09125 ? 162 LEU A CD1 1 
ATOM   1122 C CD2 . LEU A 1 162 ? -9.81189  -3.50095  -3.36237  1.000 9.48842  ? 162 LEU A CD2 1 
ATOM   1123 N N   . SER A 1 163 ? -14.05899 -0.08913  -2.61453  1.000 8.80102  ? 163 SER A N   1 
ATOM   1124 C CA  A SER A 1 163 ? -14.81476 1.11963   -2.92722  0.308 10.21666 ? 163 SER A CA  1 
ATOM   1125 C CA  B SER A 1 163 ? -14.79893 1.11315   -2.97575  0.692 10.15127 ? 163 SER A CA  1 
ATOM   1126 C C   . SER A 1 163 ? -13.97145 2.38311   -2.86192  1.000 10.49912 ? 163 SER A C   1 
ATOM   1127 O O   . SER A 1 163 ? -14.40672 3.42562   -3.35390  1.000 11.31346 ? 163 SER A O   1 
ATOM   1128 C CB  A SER A 1 163 ? -16.01784 1.25419   -1.99337  0.308 12.24766 ? 163 SER A CB  1 
ATOM   1129 C CB  B SER A 1 163 ? -16.08912 1.22855   -2.16167  0.692 12.12667 ? 163 SER A CB  1 
ATOM   1130 O OG  A SER A 1 163 ? -16.89362 0.15409   -2.14312  0.308 15.64105 ? 163 SER A OG  1 
ATOM   1131 O OG  B SER A 1 163 ? -15.80272 1.48597   -0.80278  0.692 12.12413 ? 163 SER A OG  1 
ATOM   1132 N N   . GLY A 1 164 ? -12.79174 2.32701   -2.24927  1.000 8.54057  ? 164 GLY A N   1 
ATOM   1133 C CA  . GLY A 1 164 ? -11.91464 3.47862   -2.30381  1.000 8.33671  ? 164 GLY A CA  1 
ATOM   1134 C C   . GLY A 1 164 ? -11.52938 3.87611   -3.71092  1.000 8.71072  ? 164 GLY A C   1 
ATOM   1135 O O   . GLY A 1 164 ? -11.06627 4.99928   -3.91785  1.000 9.59424  ? 164 GLY A O   1 
ATOM   1136 N N   . GLU A 1 165 ? -11.73909 2.99149   -4.68949  1.000 8.21123  ? 165 GLU A N   1 
ATOM   1137 C CA  . GLU A 1 165 ? -11.36862 3.27069   -6.07486  1.000 10.31367 ? 165 GLU A CA  1 
ATOM   1138 C C   . GLU A 1 165 ? -12.17279 4.40151   -6.69933  1.000 11.27202 ? 165 GLU A C   1 
ATOM   1139 O O   . GLU A 1 165 ? -11.75908 4.92920   -7.73294  1.000 14.21901 ? 165 GLU A O   1 
ATOM   1140 C CB  . GLU A 1 165 ? -11.52047 2.00577   -6.91948  1.000 9.00210  ? 165 GLU A CB  1 
ATOM   1141 C CG  . GLU A 1 165 ? -12.97228 1.54948   -7.06556  1.000 12.79952 ? 165 GLU A CG  1 
ATOM   1142 C CD  . GLU A 1 165 ? -13.11169 0.11508   -7.54020  1.000 13.29832 ? 165 GLU A CD  1 
ATOM   1143 O OE1 . GLU A 1 165 ? -12.08691 -0.55587  -7.76515  1.000 12.16483 ? 165 GLU A OE1 1 
ATOM   1144 O OE2 . GLU A 1 165 ? -14.26166 -0.35549  -7.65708  1.000 19.35778 ? 165 GLU A OE2 1 
ATOM   1145 N N   . SER A 1 166 ? -13.30990 4.77024   -6.11863  1.000 12.14818 ? 166 SER A N   1 
ATOM   1146 C CA  . SER A 1 166 ? -14.11956 5.85725   -6.65472  1.000 15.38746 ? 166 SER A CA  1 
ATOM   1147 C C   . SER A 1 166 ? -14.35345 6.96027   -5.63683  1.000 18.88421 ? 166 SER A C   1 
ATOM   1148 O O   . SER A 1 166 ? -15.16921 7.85639   -5.88617  1.000 19.67231 ? 166 SER A O   1 
ATOM   1149 C CB  . SER A 1 166 ? -15.45418 5.32967   -7.17739  1.000 20.06345 ? 166 SER A CB  1 
ATOM   1150 O OG  . SER A 1 166 ? -16.21365 4.79646   -6.11671  1.000 20.85304 ? 166 SER A OG  1 
ATOM   1151 N N   . ALA A 1 167 ? -13.65920 6.92557   -4.50734  1.000 14.58070 ? 167 ALA A N   1 
ATOM   1152 C CA  . ALA A 1 167 ? -13.85716 7.88238   -3.43470  1.000 13.00290 ? 167 ALA A CA  1 
ATOM   1153 C C   . ALA A 1 167 ? -12.98373 9.11050   -3.65174  1.000 11.36028 ? 167 ALA A C   1 
ATOM   1154 O O   . ALA A 1 167 ? -11.97060 9.06721   -4.35354  1.000 11.88907 ? 167 ALA A O   1 
ATOM   1155 C CB  . ALA A 1 167 ? -13.47841 7.24501   -2.10099  1.000 12.59992 ? 167 ALA A CB  1 
ATOM   1156 N N   . ALA A 1 168 ? -13.39668 10.21839  -3.04100  1.000 11.73330 ? 168 ALA A N   1 
ATOM   1157 C CA  . ALA A 1 168 ? -12.50418 11.35385  -2.89576  1.000 10.98792 ? 168 ALA A CA  1 
ATOM   1158 C C   . ALA A 1 168 ? -11.26591 10.93153  -2.10959  1.000 12.36916 ? 168 ALA A C   1 
ATOM   1159 O O   . ALA A 1 168 ? -11.29453 9.98542   -1.31856  1.000 11.21368 ? 168 ALA A O   1 
ATOM   1160 C CB  . ALA A 1 168 ? -13.21683 12.47718  -2.14393  1.000 12.59338 ? 168 ALA A CB  1 
ATOM   1161 N N   . ASN A 1 169 ? -10.17233 11.65127  -2.31952  1.000 8.42775  ? 169 ASN A N   1 
ATOM   1162 C CA  . ASN A 1 169 ? -8.94395  11.30531  -1.62992  1.000 9.04474  ? 169 ASN A CA  1 
ATOM   1163 C C   . ASN A 1 169 ? -9.11362  11.49449  -0.13005  1.000 10.69978 ? 169 ASN A C   1 
ATOM   1164 O O   . ASN A 1 169 ? -9.97917  12.24004  0.33874   1.000 10.73733 ? 169 ASN A O   1 
ATOM   1165 C CB  . ASN A 1 169 ? -7.79019  12.17330  -2.13559  1.000 10.43817 ? 169 ASN A CB  1 
ATOM   1166 C CG  . ASN A 1 169 ? -7.48707  11.93752  -3.59827  1.000 11.25543 ? 169 ASN A CG  1 
ATOM   1167 O OD1 . ASN A 1 169 ? -7.90052  10.92986  -4.17864  1.000 13.67073 ? 169 ASN A OD1 1 
ATOM   1168 N ND2 . ASN A 1 169 ? -6.74963  12.85224  -4.20152  1.000 12.75992 ? 169 ASN A ND2 1 
ATOM   1169 N N   . TRP A 1 170 ? -8.28438  10.79314  0.62392   1.000 9.05029  ? 170 TRP A N   1 
ATOM   1170 C CA  . TRP A 1 170 ? -8.19987  11.04861  2.05029   1.000 10.55370 ? 170 TRP A CA  1 
ATOM   1171 C C   . TRP A 1 170 ? -7.98770  12.54421  2.27815   1.000 11.17779 ? 170 TRP A C   1 
ATOM   1172 O O   . TRP A 1 170 ? -7.26329  13.18534  1.50810   1.000 10.78707 ? 170 TRP A O   1 
ATOM   1173 C CB  . TRP A 1 170 ? -6.99533  10.29998  2.61902   1.000 8.66992  ? 170 TRP A CB  1 
ATOM   1174 C CG  . TRP A 1 170 ? -7.20197  8.85297   2.88270   1.000 7.97123  ? 170 TRP A CG  1 
ATOM   1175 C CD1 . TRP A 1 170 ? -8.35994  8.23611   3.24219   1.000 8.15916  ? 170 TRP A CD1 1 
ATOM   1176 C CD2 . TRP A 1 170 ? -6.18392  7.84962   2.89679   1.000 7.88893  ? 170 TRP A CD2 1 
ATOM   1177 N NE1 . TRP A 1 170 ? -8.12789  6.89406   3.45940   1.000 8.05068  ? 170 TRP A NE1 1 
ATOM   1178 C CE2 . TRP A 1 170 ? -6.79810  6.63377   3.25254   1.000 7.58475  ? 170 TRP A CE2 1 
ATOM   1179 C CE3 . TRP A 1 170 ? -4.81423  7.86194   2.63299   1.000 6.96702  ? 170 TRP A CE3 1 
ATOM   1180 C CZ2 . TRP A 1 170 ? -6.07892  5.44174   3.35577   1.000 7.90434  ? 170 TRP A CZ2 1 
ATOM   1181 C CZ3 . TRP A 1 170 ? -4.10870  6.68759   2.75232   1.000 8.58826  ? 170 TRP A CZ3 1 
ATOM   1182 C CH2 . TRP A 1 170 ? -4.74129  5.49495   3.09852   1.000 9.40174  ? 170 TRP A CH2 1 
ATOM   1183 N N   . PRO A 1 171 ? -8.57405  13.13345  3.32876   1.000 12.11072 ? 171 PRO A N   1 
ATOM   1184 C CA  . PRO A 1 171 ? -9.39814  12.53066  4.37674   1.000 13.17338 ? 171 PRO A CA  1 
ATOM   1185 C C   . PRO A 1 171 ? -10.81745 12.30955  3.91237   1.000 15.73020 ? 171 PRO A C   1 
ATOM   1186 O O   . PRO A 1 171 ? -11.45764 13.22427  3.38594   1.000 23.00285 ? 171 PRO A O   1 
ATOM   1187 C CB  . PRO A 1 171 ? -9.39598  13.59639  5.47509   1.000 16.24343 ? 171 PRO A CB  1 
ATOM   1188 C CG  . PRO A 1 171 ? -9.22830  14.87939  4.73727   1.000 22.63208 ? 171 PRO A CG  1 
ATOM   1189 C CD  . PRO A 1 171 ? -8.32468  14.56552  3.58203   1.000 18.61162 ? 171 PRO A CD  1 
ATOM   1190 N N   . SER A 1 172 ? -11.30158 11.09634  4.13352   1.000 18.14978 ? 172 SER A N   1 
ATOM   1191 C CA  . SER A 1 172 ? -12.61326 10.67983  3.66705   1.000 16.76219 ? 172 SER A CA  1 
ATOM   1192 C C   . SER A 1 172 ? -12.79015 9.21334   4.00964   1.000 19.37005 ? 172 SER A C   1 
ATOM   1193 O O   . SER A 1 172 ? -11.84431 8.55151   4.44438   1.000 18.66836 ? 172 SER A O   1 
ATOM   1194 C CB  . SER A 1 172 ? -12.73237 10.85918  2.15610   1.000 16.82918 ? 172 SER A CB  1 
ATOM   1195 O OG  . SER A 1 172 ? -11.99483 9.85300   1.47833   1.000 18.18463 ? 172 SER A OG  1 
ATOM   1196 N N   . THR A 1 173 ? -13.98642 8.68851   3.79234   1.000 17.47350 ? 173 THR A N   1 
ATOM   1197 C CA  . THR A 1 173 ? -14.31634 7.33134   4.19738   1.000 17.29303 ? 173 THR A CA  1 
ATOM   1198 C C   . THR A 1 173 ? -14.93324 6.63560   2.99894   1.000 18.62509 ? 173 THR A C   1 
ATOM   1199 O O   . THR A 1 173 ? -15.93785 7.10735   2.45146   1.000 17.95103 ? 173 THR A O   1 
ATOM   1200 C CB  . THR A 1 173 ? -15.31046 7.34753   5.35991   1.000 20.89439 ? 173 THR A CB  1 
ATOM   1201 O OG1 . THR A 1 173 ? -14.70347 7.96917   6.50000   1.000 25.90701 ? 173 THR A OG1 1 
ATOM   1202 C CG2 . THR A 1 173 ? -15.71143 5.92824   5.73190   1.000 22.82219 ? 173 THR A CG2 1 
ATOM   1203 N N   . ALA A 1 174 ? -14.31557 5.53384   2.57249   1.000 13.08440 ? 174 ALA A N   1 
ATOM   1204 C CA  . ALA A 1 174 ? -14.92473 4.65850   1.59058   1.000 11.52757 ? 174 ALA A CA  1 
ATOM   1205 C C   . ALA A 1 174 ? -15.20196 3.33983   2.28680   1.000 13.03909 ? 174 ALA A C   1 
ATOM   1206 O O   . ALA A 1 174 ? -16.25158 3.19758   2.94187   1.000 14.12719 ? 174 ALA A O   1 
ATOM   1207 C CB  . ALA A 1 174 ? -14.05498 4.54492   0.33305   1.000 12.97082 ? 174 ALA A CB  1 
ATOM   1208 N N   . CYS A 1 175 ? -14.30139 2.35230   2.21495   1.000 10.62949 ? 175 CYS A N   1 
ATOM   1209 C CA  . CYS A 1 175 ? -14.54139 1.08433   2.89494   1.000 12.40445 ? 175 CYS A CA  1 
ATOM   1210 C C   . CYS A 1 175 ? -14.61800 1.27385   4.40657   1.000 11.87393 ? 175 CYS A C   1 
ATOM   1211 O O   . CYS A 1 175 ? -15.33234 0.53177   5.08634   1.000 13.14159 ? 175 CYS A O   1 
ATOM   1212 C CB  . CYS A 1 175 ? -13.43879 0.08733   2.52921   1.000 9.38108  ? 175 CYS A CB  1 
ATOM   1213 S SG  . CYS A 1 175 ? -13.39590 -0.38236  0.77669   1.000 11.86534 ? 175 CYS A SG  1 
ATOM   1214 N N   . GLY A 1 176 ? -13.88082 2.23298   4.94809   1.000 9.65995  ? 176 GLY A N   1 
ATOM   1215 C CA  . GLY A 1 176 ? -13.90340 2.51356   6.37304   1.000 11.45648 ? 176 GLY A CA  1 
ATOM   1216 C C   . GLY A 1 176 ? -12.85844 1.72916   7.13527   1.000 10.09139 ? 176 GLY A C   1 
ATOM   1217 O O   . GLY A 1 176 ? -12.53007 0.59431   6.81462   1.000 11.45703 ? 176 GLY A O   1 
ATOM   1218 N N   . ASN A 1 177 ? -12.32905 2.35467   8.17744   1.000 10.80182 ? 177 ASN A N   1 
ATOM   1219 C CA  . ASN A 1 177 ? -11.34871 1.67794   8.99987   1.000 11.04372 ? 177 ASN A CA  1 
ATOM   1220 C C   . ASN A 1 177 ? -12.03563 0.75175   9.98469   1.000 12.34596 ? 177 ASN A C   1 
ATOM   1221 O O   . ASN A 1 177 ? -13.19187 0.96377   10.37172  1.000 14.96466 ? 177 ASN A O   1 
ATOM   1222 C CB  . ASN A 1 177 ? -10.49638 2.68653   9.75458   1.000 9.92908  ? 177 ASN A CB  1 
ATOM   1223 C CG  . ASN A 1 177 ? -9.62285  3.49811   8.83427   1.000 9.36532  ? 177 ASN A CG  1 
ATOM   1224 O OD1 . ASN A 1 177 ? -9.22964  3.02977   7.76741   1.000 9.56198  ? 177 ASN A OD1 1 
ATOM   1225 N ND2 . ASN A 1 177 ? -9.27388  4.69481   9.25389   1.000 9.21840  ? 177 ASN A ND2 1 
ATOM   1226 N N   . LYS A 1 178 ? -11.32119 -0.28749  10.37613  1.000 11.76526 ? 178 LYS A N   1 
ATOM   1227 C CA  . LYS A 1 178 ? -11.82154 -1.29334  11.29144  1.000 12.76283 ? 178 LYS A CA  1 
ATOM   1228 C C   . LYS A 1 178 ? -10.94796 -1.30484  12.53339  1.000 16.66729 ? 178 LYS A C   1 
ATOM   1229 O O   . LYS A 1 178 ? -9.71748  -1.24213  12.44186  1.000 14.47498 ? 178 LYS A O   1 
ATOM   1230 C CB  . LYS A 1 178 ? -11.80478 -2.67384  10.63944  1.000 14.44598 ? 178 LYS A CB  1 
ATOM   1231 C CG  . LYS A 1 178 ? -12.34402 -2.70132  9.21938   1.000 15.76897 ? 178 LYS A CG  1 
ATOM   1232 C CD  . LYS A 1 178 ? -13.86386 -2.76285  9.21550   1.000 17.81221 ? 178 LYS A CD  1 
ATOM   1233 C CE  . LYS A 1 178 ? -14.43352 -2.89834  7.81054   1.000 19.54478 ? 178 LYS A CE  1 
ATOM   1234 N NZ  . LYS A 1 178 ? -14.21466 -1.68805  6.98015   1.000 17.43642 ? 178 LYS A NZ  1 
ATOM   1235 N N   . GLY A 1 179 ? -11.58946 -1.38244  13.69195  1.000 18.23926 ? 179 GLY A N   1 
ATOM   1236 C CA  . GLY A 1 179 ? -10.87163 -1.46031  14.94284  1.000 22.38511 ? 179 GLY A CA  1 
ATOM   1237 C C   . GLY A 1 179 ? -10.01341 -0.23767  15.20197  1.000 15.13046 ? 179 GLY A C   1 
ATOM   1238 O O   . GLY A 1 179 ? -10.32070 0.88963   14.80106  1.000 19.05165 ? 179 GLY A O   1 
ATOM   1239 N N   . THR A 1 180 ? -8.90406  -0.47326  15.88724  1.000 18.48386 ? 180 THR A N   1 
ATOM   1240 C CA  . THR A 1 180 ? -8.00702  0.58647   16.31002  1.000 19.48200 ? 180 THR A CA  1 
ATOM   1241 C C   . THR A 1 180 ? -6.60348  0.32067   15.78005  1.000 18.86718 ? 180 THR A C   1 
ATOM   1242 O O   . THR A 1 180 ? -6.18954  -0.83085  15.61835  1.000 16.38329 ? 180 THR A O   1 
ATOM   1243 C CB  . THR A 1 180 ? -7.99765  0.70026   17.84578  1.000 21.55849 ? 180 THR A CB  1 
ATOM   1244 O OG1 . THR A 1 180 ? -7.40646  1.94634   18.23773  1.000 26.49448 ? 180 THR A OG1 1 
ATOM   1245 C CG2 . THR A 1 180 ? -7.24047  -0.46376  18.47227  1.000 22.91595 ? 180 THR A CG2 1 
ATOM   1246 N N   . ALA A 1 181 ? -5.88601  1.40458   15.50213  1.000 14.22089 ? 181 ALA A N   1 
ATOM   1247 C CA  . ALA A 1 181 ? -4.54296  1.30716   14.95829  1.000 16.92158 ? 181 ALA A CA  1 
ATOM   1248 C C   . ALA A 1 181 ? -3.64026  0.52361   15.91176  1.000 15.57393 ? 181 ALA A C   1 
ATOM   1249 O O   . ALA A 1 181 ? -3.86336  0.51393   17.12524  1.000 14.89982 ? 181 ALA A O   1 
ATOM   1250 C CB  . ALA A 1 181 ? -3.98629  2.71247   14.76586  1.000 15.01727 ? 181 ALA A CB  1 
ATOM   1251 N N   . PRO A 1 182 ? -2.61187  -0.14476  15.39594  1.000 12.71923 ? 182 PRO A N   1 
ATOM   1252 C CA  . PRO A 1 182 ? -1.69276  -0.86180  16.29000  1.000 15.58951 ? 182 PRO A CA  1 
ATOM   1253 C C   . PRO A 1 182 ? -0.97706  0.11910   17.20428  1.000 13.30150 ? 182 PRO A C   1 
ATOM   1254 O O   . PRO A 1 182 ? -0.57226  1.20232   16.78082  1.000 12.44201 ? 182 PRO A O   1 
ATOM   1255 C CB  . PRO A 1 182 ? -0.71565  -1.54571  15.32849  1.000 16.54911 ? 182 PRO A CB  1 
ATOM   1256 C CG  . PRO A 1 182 ? -0.80975  -0.76902  14.05475  1.000 15.39100 ? 182 PRO A CG  1 
ATOM   1257 C CD  . PRO A 1 182 ? -2.22074  -0.26363  13.97930  1.000 11.67187 ? 182 PRO A CD  1 
ATOM   1258 N N   . SER A 1 183 ? -0.83270  -0.27628  18.46783  1.000 17.02577 ? 183 SER A N   1 
ATOM   1259 C CA  . SER A 1 183 ? -0.31835  0.59444   19.51908  1.000 20.49133 ? 183 SER A CA  1 
ATOM   1260 C C   . SER A 1 183 ? 1.18459   0.45301   19.66135  1.000 21.19888 ? 183 SER A C   1 
ATOM   1261 O O   . SER A 1 183 ? 1.87310   1.38592   20.06579  0.000 17.20400 ? 183 SER A O   1 
ATOM   1262 C CB  . SER A 1 183 ? -0.98519  0.26134   20.85354  1.000 22.74703 ? 183 SER A CB  1 
ATOM   1263 O OG  . SER A 1 183 ? -2.38365  0.48270   20.79629  0.000 20.35759 ? 183 SER A OG  1 
ATOM   1264 O OXT . SER A 1 183 ? 1.74650   -0.60052  19.38093  1.000 22.53822 ? 183 SER A OXT 1 
HETATM 1265 O O   . HOH B 2 .   ? 15.82723  3.45185   12.31516  1.000 30.37969 ? 201 HOH A O   1 
HETATM 1266 O O   . HOH B 2 .   ? 13.99783  8.41524   -0.34074  1.000 19.32922 ? 202 HOH A O   1 
HETATM 1267 O O   . HOH B 2 .   ? -2.25677  7.96086   14.88420  1.000 27.27245 ? 203 HOH A O   1 
HETATM 1268 O O   . HOH B 2 .   ? -15.61349 -1.08106  -9.63969  1.000 31.00754 ? 204 HOH A O   1 
HETATM 1269 O O   . HOH B 2 .   ? 10.65537  -7.97582  14.13962  1.000 26.11468 ? 205 HOH A O   1 
HETATM 1270 O O   . HOH B 2 .   ? -13.24023 -16.91330 -1.49755  1.000 21.31369 ? 206 HOH A O   1 
HETATM 1271 O O   . HOH B 2 .   ? -16.65035 -5.79063  -4.53124  1.000 25.77909 ? 207 HOH A O   1 
HETATM 1272 O O   . HOH B 2 .   ? 16.13599  -2.44762  9.93289   1.000 21.29153 ? 208 HOH A O   1 
HETATM 1273 O O   . HOH B 2 .   ? -13.43165 4.60412   8.68522   1.000 22.27876 ? 209 HOH A O   1 
HETATM 1274 O O   . HOH B 2 .   ? -17.77892 1.26474   0.80607   1.000 28.98914 ? 210 HOH A O   1 
HETATM 1275 O O   . HOH B 2 .   ? 10.84526  10.38263  0.61786   1.000 20.31523 ? 211 HOH A O   1 
HETATM 1276 O O   . HOH B 2 .   ? -17.51248 2.76420   5.14516   1.000 30.20621 ? 212 HOH A O   1 
HETATM 1277 O O   . HOH B 2 .   ? 14.30459  6.96666   4.50347   1.000 24.99629 ? 213 HOH A O   1 
HETATM 1278 O O   . HOH B 2 .   ? -11.16451 14.53541  -0.00045  1.000 27.94570 ? 214 HOH A O   1 
HETATM 1279 O O   . HOH B 2 .   ? 1.23458   8.55386   17.43764  1.000 19.77609 ? 215 HOH A O   1 
HETATM 1280 O O   . HOH B 2 .   ? -5.52233  -8.61511  13.93242  1.000 26.76841 ? 216 HOH A O   1 
HETATM 1281 O O   . HOH B 2 .   ? 4.02757   -13.61885 -7.75352  1.000 18.94070 ? 217 HOH A O   1 
HETATM 1282 O O   . HOH B 2 .   ? -13.65318 4.13476   14.12791  1.000 17.16002 ? 218 HOH A O   1 
HETATM 1283 O O   . HOH B 2 .   ? -2.20990  3.31382   -16.20303 1.000 26.61392 ? 219 HOH A O   1 
HETATM 1284 O O   . HOH B 2 .   ? -14.35993 -5.69487  5.06882   1.000 19.28748 ? 220 HOH A O   1 
HETATM 1285 O O   . HOH B 2 .   ? 19.73120  1.26002   4.94998   1.000 16.66500 ? 221 HOH A O   1 
HETATM 1286 O O   . HOH B 2 .   ? 4.44115   0.00101   -16.67616 1.000 25.06731 ? 222 HOH A O   1 
HETATM 1287 O O   . HOH B 2 .   ? 12.74054  9.78706   -8.75931  1.000 20.27719 ? 223 HOH A O   1 
HETATM 1288 O O   . HOH B 2 .   ? -10.80434 -11.21683 -6.24110  1.000 15.15909 ? 224 HOH A O   1 
HETATM 1289 O O   . HOH B 2 .   ? 12.44866  9.08615   10.06101  1.000 30.85673 ? 225 HOH A O   1 
HETATM 1290 O O   . HOH B 2 .   ? 4.71450   -11.75899 14.80864  1.000 26.45279 ? 226 HOH A O   1 
HETATM 1291 O O   . HOH B 2 .   ? -16.55183 -14.34000 -5.71597  1.000 11.84788 ? 227 HOH A O   1 
HETATM 1292 O O   . HOH B 2 .   ? 7.86943   0.90747   14.49580  1.000 25.15970 ? 228 HOH A O   1 
HETATM 1293 O O   . HOH B 2 .   ? 16.68827  5.29749   1.20340   1.000 23.03882 ? 229 HOH A O   1 
HETATM 1294 O O   . HOH B 2 .   ? -5.84949  -11.85335 3.40620   1.000 17.91960 ? 230 HOH A O   1 
HETATM 1295 O O   . HOH B 2 .   ? -0.96944  -5.67970  -14.52583 1.000 17.09210 ? 231 HOH A O   1 
HETATM 1296 O O   . HOH B 2 .   ? -7.54082  7.09492   -5.01637  1.000 8.40866  ? 232 HOH A O   1 
HETATM 1297 O O   . HOH B 2 .   ? 4.97282   11.76526  -4.94053  1.000 19.27528 ? 233 HOH A O   1 
HETATM 1298 O O   . HOH B 2 .   ? -4.39490  -16.86002 -2.69633  1.000 18.10004 ? 234 HOH A O   1 
HETATM 1299 O O   . HOH B 2 .   ? -15.77560 -7.00319  -9.00349  1.000 28.76427 ? 235 HOH A O   1 
HETATM 1300 O O   . HOH B 2 .   ? -14.29998 -6.32042  -12.73628 1.000 27.40831 ? 236 HOH A O   1 
HETATM 1301 O O   . HOH B 2 .   ? -7.16693  15.61799  0.38040   1.000 25.41377 ? 237 HOH A O   1 
HETATM 1302 O O   . HOH B 2 .   ? 11.51292  -6.55194  -1.77502  1.000 13.17888 ? 238 HOH A O   1 
HETATM 1303 O O   . HOH B 2 .   ? 20.10710  6.04324   -3.41606  1.000 12.56545 ? 239 HOH A O   1 
HETATM 1304 O O   . HOH B 2 .   ? -1.98144  -1.24130  -13.66326 1.000 8.43945  ? 240 HOH A O   1 
HETATM 1305 O O   . HOH B 2 .   ? 17.14213  -8.39067  -8.60658  1.000 27.13544 ? 241 HOH A O   1 
HETATM 1306 O O   . HOH B 2 .   ? -7.30670  -6.83686  7.25346   1.000 14.51112 ? 242 HOH A O   1 
HETATM 1307 O O   . HOH B 2 .   ? -0.88238  -8.28526  -7.89950  1.000 27.02292 ? 243 HOH A O   1 
HETATM 1308 O O   . HOH B 2 .   ? 1.41727   4.51427   8.45784   1.000 10.35980 ? 244 HOH A O   1 
HETATM 1309 O O   . HOH B 2 .   ? 15.52071  7.13759   6.91602   1.000 32.62712 ? 245 HOH A O   1 
HETATM 1310 O O   . HOH B 2 .   ? -5.74418  4.08745   18.36207  1.000 27.91012 ? 246 HOH A O   1 
HETATM 1311 O O   . HOH B 2 .   ? 1.33381   -5.45857  -9.18530  1.000 8.75203  ? 247 HOH A O   1 
HETATM 1312 O O   . HOH B 2 .   ? 7.59236   -8.35059  1.16530   1.000 14.74707 ? 248 HOH A O   1 
HETATM 1313 O O   . HOH B 2 .   ? 12.42787  -4.58835  -13.40641 1.000 20.30573 ? 249 HOH A O   1 
HETATM 1314 O O   . HOH B 2 .   ? 0.50806   -8.48044  2.21916   1.000 14.12663 ? 250 HOH A O   1 
HETATM 1315 O O   . HOH B 2 .   ? -3.37518  2.74382   18.60462  1.000 24.20386 ? 251 HOH A O   1 
HETATM 1316 O O   . HOH B 2 .   ? -0.01577  -12.68392 1.12258   1.000 11.35677 ? 252 HOH A O   1 
HETATM 1317 O O   . HOH B 2 .   ? 16.50885  10.57254  -6.60109  1.000 15.82710 ? 253 HOH A O   1 
HETATM 1318 O O   . HOH B 2 .   ? 11.87988  11.18657  -1.41398  1.000 22.84184 ? 254 HOH A O   1 
HETATM 1319 O O   . HOH B 2 .   ? 2.21966   12.43823  4.96210   1.000 17.66928 ? 255 HOH A O   1 
HETATM 1320 O O   . HOH B 2 .   ? 4.32175   9.79015   -6.60161  1.000 15.90138 ? 256 HOH A O   1 
HETATM 1321 O O   . HOH B 2 .   ? -4.99346  -5.66006  -16.48024 1.000 17.78314 ? 257 HOH A O   1 
HETATM 1322 O O   . HOH B 2 .   ? -7.33644  10.77263  6.79724   1.000 15.91341 ? 258 HOH A O   1 
HETATM 1323 O O   . HOH B 2 .   ? -8.32721  -4.27321  13.09950  1.000 21.21891 ? 259 HOH A O   1 
HETATM 1324 O O   . HOH B 2 .   ? -10.25251 7.08584   -5.51705  1.000 11.32483 ? 260 HOH A O   1 
HETATM 1325 O O   . HOH B 2 .   ? -2.31552  -11.34544 1.02130   1.000 14.08241 ? 261 HOH A O   1 
HETATM 1326 O O   . HOH B 2 .   ? -0.17927  -7.19915  12.59823  1.000 12.94908 ? 262 HOH A O   1 
HETATM 1327 O O   . HOH B 2 .   ? -7.70688  -3.12892  15.70963  1.000 22.66143 ? 263 HOH A O   1 
HETATM 1328 O O   . HOH B 2 .   ? 2.00659   -0.24998  10.30209  1.000 8.24431  ? 264 HOH A O   1 
HETATM 1329 O O   . HOH B 2 .   ? 17.66535  -1.86347  -3.06589  1.000 20.50602 ? 265 HOH A O   1 
HETATM 1330 O O   . HOH B 2 .   ? 12.67891  4.67346   12.92441  1.000 25.76109 ? 266 HOH A O   1 
HETATM 1331 O O   . HOH B 2 .   ? 10.57698  -8.02734  6.84789   1.000 26.39530 ? 267 HOH A O   1 
HETATM 1332 O O   . HOH B 2 .   ? -10.14093 7.05463   6.38241   1.000 11.00642 ? 268 HOH A O   1 
HETATM 1333 O O   . HOH B 2 .   ? -11.97131 2.26471   13.05332  1.000 22.45691 ? 269 HOH A O   1 
HETATM 1334 O O   . HOH B 2 .   ? 22.91331  -0.76049  -10.14233 1.000 32.94149 ? 270 HOH A O   1 
HETATM 1335 O O   . HOH B 2 .   ? -1.44043  -6.18330  -3.62176  1.000 9.38885  ? 271 HOH A O   1 
HETATM 1336 O O   . HOH B 2 .   ? 4.08958   12.88142  -2.76375  1.000 13.80932 ? 272 HOH A O   1 
HETATM 1337 O O   . HOH B 2 .   ? -6.36756  -9.40859  7.02056   1.000 20.97446 ? 273 HOH A O   1 
HETATM 1338 O O   . HOH B 2 .   ? 17.45516  2.65847   5.63654   1.000 15.13774 ? 274 HOH A O   1 
HETATM 1339 O O   . HOH B 2 .   ? -10.52918 1.53805   -10.86242 1.000 14.31899 ? 275 HOH A O   1 
HETATM 1340 O O   . HOH B 2 .   ? 3.02540   -7.16285  2.77234   1.000 16.65406 ? 276 HOH A O   1 
HETATM 1341 O O   . HOH B 2 .   ? 23.02448  5.75958   -10.04091 1.000 25.72509 ? 277 HOH A O   1 
HETATM 1342 O O   . HOH B 2 .   ? -4.54611  -8.31638  -4.99590  1.000 11.89458 ? 278 HOH A O   1 
HETATM 1343 O O   . HOH B 2 .   ? -1.36452  1.38601   -13.19504 1.000 12.09983 ? 279 HOH A O   1 
HETATM 1344 O O   . HOH B 2 .   ? 10.67556  5.78408   -15.49170 1.000 31.44113 ? 280 HOH A O   1 
HETATM 1345 O O   . HOH B 2 .   ? 6.28025   -2.54946  15.58246  1.000 14.29919 ? 281 HOH A O   1 
HETATM 1346 O O   . HOH B 2 .   ? -12.50527 6.91624   7.86688   1.000 19.27925 ? 282 HOH A O   1 
HETATM 1347 O O   . HOH B 2 .   ? 3.11634   6.65907   10.48544  1.000 13.35464 ? 283 HOH A O   1 
HETATM 1348 O O   . HOH B 2 .   ? -7.26266  -14.50422 -6.68440  1.000 21.88007 ? 284 HOH A O   1 
HETATM 1349 O O   . HOH B 2 .   ? -11.63983 2.34463   0.93658   1.000 9.53442  ? 285 HOH A O   1 
HETATM 1350 O O   . HOH B 2 .   ? 8.91702   -6.52990  2.62066   1.000 15.55511 ? 286 HOH A O   1 
HETATM 1351 O O   . HOH B 2 .   ? -0.94568  6.65418   -15.22302 1.000 22.96128 ? 287 HOH A O   1 
HETATM 1352 O O   . HOH B 2 .   ? -11.86929 8.96516   9.77862   1.000 21.18329 ? 288 HOH A O   1 
HETATM 1353 O O   . HOH B 2 .   ? 3.42109   15.25319  0.59664   1.000 19.33741 ? 289 HOH A O   1 
HETATM 1354 O O   . HOH B 2 .   ? 10.49224  -9.87953  -1.44124  1.000 22.99400 ? 290 HOH A O   1 
HETATM 1355 O O   . HOH B 2 .   ? 15.41705  10.62316  -1.57193  1.000 27.23858 ? 291 HOH A O   1 
HETATM 1356 O O   . HOH B 2 .   ? -18.37151 -7.57911  -1.15419  1.000 28.12112 ? 292 HOH A O   1 
HETATM 1357 O O   . HOH B 2 .   ? -2.95670  14.07233  -6.20565  1.000 12.85449 ? 293 HOH A O   1 
HETATM 1358 O O   . HOH B 2 .   ? -12.37726 3.38106   -10.01302 1.000 19.95299 ? 294 HOH A O   1 
HETATM 1359 O O   . HOH B 2 .   ? 14.95940  -5.90459  11.81933  1.000 20.10898 ? 295 HOH A O   1 
HETATM 1360 O O   . HOH B 2 .   ? 6.15173   3.48468   -15.24029 1.000 25.33621 ? 296 HOH A O   1 
HETATM 1361 O O   . HOH B 2 .   ? 11.32065  3.21959   -8.61539  1.000 10.05343 ? 297 HOH A O   1 
HETATM 1362 O O   . HOH B 2 .   ? -3.71229  -8.24222  -7.51300  1.000 21.50577 ? 298 HOH A O   1 
HETATM 1363 O O   . HOH B 2 .   ? 7.86594   1.55128   -15.24248 1.000 20.47868 ? 299 HOH A O   1 
HETATM 1364 O O   . HOH B 2 .   ? -9.50519  2.54909   -13.19548 1.000 14.76266 ? 300 HOH A O   1 
HETATM 1365 O O   . HOH B 2 .   ? -11.21647 11.16443  -10.55890 1.000 25.75024 ? 301 HOH A O   1 
HETATM 1366 O O   . HOH B 2 .   ? -8.22978  -16.58934 -3.52583  1.000 22.46179 ? 302 HOH A O   1 
HETATM 1367 O O   . HOH B 2 .   ? -2.76191  -9.30558  -14.36600 1.000 25.64568 ? 303 HOH A O   1 
HETATM 1368 O O   . HOH B 2 .   ? -2.92918  -13.22582 -0.78333  1.000 12.73698 ? 304 HOH A O   1 
HETATM 1369 O O   . HOH B 2 .   ? -7.71923  -17.80045 0.66565   1.000 27.63601 ? 305 HOH A O   1 
HETATM 1370 O O   . HOH B 2 .   ? 16.93528  10.10992  -10.99284 1.000 27.26393 ? 306 HOH A O   1 
HETATM 1371 O O   . HOH B 2 .   ? -2.29181  -9.24099  5.00917   1.000 27.50805 ? 307 HOH A O   1 
HETATM 1372 O O   . HOH B 2 .   ? -15.94010 9.98580   -1.76790  1.000 24.95431 ? 308 HOH A O   1 
HETATM 1373 O O   . HOH B 2 .   ? -2.92179  13.12977  -2.99792  1.000 19.70613 ? 309 HOH A O   1 
HETATM 1374 O O   . HOH B 2 .   ? 9.60397   11.39648  11.59556  1.000 28.29867 ? 310 HOH A O   1 
HETATM 1375 O O   . HOH B 2 .   ? -8.95680  0.75569   -15.26768 1.000 20.72123 ? 311 HOH A O   1 
HETATM 1376 O O   . HOH B 2 .   ? -0.30735  8.42561   5.69518   1.000 17.35818 ? 312 HOH A O   1 
HETATM 1377 O O   . HOH B 2 .   ? -4.86042  -2.29574  13.38814  1.000 13.02345 ? 313 HOH A O   1 
HETATM 1378 O O   . HOH B 2 .   ? -17.19792 8.99164   7.47666   1.000 29.52108 ? 314 HOH A O   1 
HETATM 1379 O O   . HOH B 2 .   ? 3.82579   -10.70781 -13.02118 1.000 19.94497 ? 315 HOH A O   1 
HETATM 1380 O O   . HOH B 2 .   ? 5.90274   0.03140   18.54595  1.000 28.84348 ? 316 HOH A O   1 
HETATM 1381 O O   . HOH B 2 .   ? -15.27926 -2.64517  4.48643   1.000 21.14014 ? 317 HOH A O   1 
HETATM 1382 O O   . HOH B 2 .   ? 12.39634  -6.07051  -10.28303 1.000 19.54351 ? 318 HOH A O   1 
HETATM 1383 O O   . HOH B 2 .   ? -10.53329 7.60174   -8.20028  1.000 15.49326 ? 319 HOH A O   1 
HETATM 1384 O O   . HOH B 2 .   ? -4.51573  10.59712  9.19704   1.000 21.46770 ? 320 HOH A O   1 
HETATM 1385 O O   . HOH B 2 .   ? 19.64455  5.97106   0.44965   1.000 26.73710 ? 321 HOH A O   1 
HETATM 1386 O O   . HOH B 2 .   ? -3.27092  -10.65107 3.41482   1.000 21.28226 ? 322 HOH A O   1 
HETATM 1387 O O   . HOH B 2 .   ? -2.66795  3.46890   20.75765  1.000 29.76046 ? 323 HOH A O   1 
HETATM 1388 O O   . HOH B 2 .   ? -5.73889  9.87932   -15.72804 1.000 26.58784 ? 324 HOH A O   1 
HETATM 1389 O O   . HOH B 2 .   ? 20.44229  8.14294   -1.44429  1.000 21.38264 ? 325 HOH A O   1 
HETATM 1390 O O   . HOH B 2 .   ? 3.33350   11.55618  -8.44543  1.000 21.90945 ? 326 HOH A O   1 
HETATM 1391 O O   . HOH B 2 .   ? -16.00656 -2.83294  -3.76222  1.000 22.16157 ? 327 HOH A O   1 
HETATM 1392 O O   . HOH B 2 .   ? -6.93341  2.47040   21.04873  1.000 28.66181 ? 328 HOH A O   1 
HETATM 1393 O O   . HOH B 2 .   ? -9.02768  -9.18679  5.75265   1.000 24.52984 ? 329 HOH A O   1 
HETATM 1394 O O   . HOH B 2 .   ? 4.50189   6.09770   -15.08727 1.000 32.93922 ? 330 HOH A O   1 
HETATM 1395 O O   . HOH B 2 .   ? -0.68665  14.53856  2.83329   1.000 15.85944 ? 331 HOH A O   1 
HETATM 1396 O O   . HOH B 2 .   ? 5.62580   11.88890  4.90413   1.000 15.79772 ? 332 HOH A O   1 
HETATM 1397 O O   . HOH B 2 .   ? 15.16094  8.25435   -12.45719 1.000 24.41846 ? 333 HOH A O   1 
HETATM 1398 O O   . HOH B 2 .   ? 15.78623  -3.54625  -14.40972 1.000 26.84696 ? 334 HOH A O   1 
HETATM 1399 O O   . HOH B 2 .   ? 10.89413  -7.63099  9.84911   1.000 19.35926 ? 335 HOH A O   1 
HETATM 1400 O O   . HOH B 2 .   ? -13.19234 -3.23303  -12.30366 1.000 24.27904 ? 336 HOH A O   1 
HETATM 1401 O O   . HOH B 2 .   ? -16.67297 5.12879   -2.64307  1.000 25.52082 ? 337 HOH A O   1 
HETATM 1402 O O   . HOH B 2 .   ? -7.77116  -1.03240  -17.98822 1.000 22.99198 ? 338 HOH A O   1 
HETATM 1403 O O   . HOH B 2 .   ? -16.16126 10.63703  3.48417   1.000 24.03784 ? 339 HOH A O   1 
HETATM 1404 O O   . HOH B 2 .   ? -5.51857  14.99760  -2.60570  1.000 20.23397 ? 340 HOH A O   1 
HETATM 1405 O O   . HOH B 2 .   ? 8.48968   6.08544   -14.45601 1.000 21.99853 ? 341 HOH A O   1 
HETATM 1406 O O   . HOH B 2 .   ? 26.21427  -0.29131  -2.92632  1.000 27.00617 ? 342 HOH A O   1 
HETATM 1407 O O   . HOH B 2 .   ? 1.63548   2.96328   -13.72546 1.000 17.31707 ? 343 HOH A O   1 
HETATM 1408 O O   . HOH B 2 .   ? 17.76575  -4.48987  -2.98504  1.000 28.91163 ? 344 HOH A O   1 
HETATM 1409 O O   . HOH B 2 .   ? -4.85151  4.84891   -17.23241 1.000 28.53778 ? 345 HOH A O   1 
HETATM 1410 O O   . HOH B 2 .   ? -14.58806 -9.50629  -11.45951 1.000 29.50043 ? 346 HOH A O   1 
HETATM 1411 O O   . HOH B 2 .   ? 8.50025   -10.05312 6.26965   1.000 29.63926 ? 347 HOH A O   1 
HETATM 1412 O O   . HOH B 2 .   ? -14.96762 -3.21932  -6.43275  1.000 30.86146 ? 348 HOH A O   1 
HETATM 1413 O O   . HOH B 2 .   ? -1.84293  -15.56525 -3.09072  1.000 18.29311 ? 349 HOH A O   1 
HETATM 1414 O O   . HOH B 2 .   ? -9.89089  9.81809   6.43350   1.000 16.16565 ? 350 HOH A O   1 
HETATM 1415 O O   . HOH B 2 .   ? 14.12058  -6.74869  4.15601   1.000 25.33291 ? 351 HOH A O   1 
HETATM 1416 O O   . HOH B 2 .   ? 11.81809  -1.13819  -13.59958 1.000 27.07830 ? 352 HOH A O   1 
HETATM 1417 O O   . HOH B 2 .   ? 22.61804  10.46440  -3.67412  1.000 30.16313 ? 353 HOH A O   1 
HETATM 1418 O O   . HOH B 2 .   ? 17.23656  4.38869   10.24077  1.000 24.56262 ? 354 HOH A O   1 
HETATM 1419 O O   . HOH B 2 .   ? 6.02023   9.78752   11.29916  1.000 24.09105 ? 355 HOH A O   1 
HETATM 1420 O O   . HOH B 2 .   ? 18.55413  9.94845   -3.04669  1.000 25.39155 ? 356 HOH A O   1 
HETATM 1421 O O   . HOH B 2 .   ? 8.76520   -9.12174  11.66083  1.000 20.19877 ? 357 HOH A O   1 
HETATM 1422 O O   . HOH B 2 .   ? 7.64898   -13.39472 -8.97728  1.000 29.57710 ? 358 HOH A O   1 
HETATM 1423 O O   . HOH B 2 .   ? 14.33211  -6.12773  -8.59554  1.000 24.24222 ? 359 HOH A O   1 
HETATM 1424 O O   . HOH B 2 .   ? -3.99049  9.71385   13.24204  1.000 29.82325 ? 360 HOH A O   1 
HETATM 1425 O O   . HOH B 2 .   ? 3.84307   9.73038   4.72632   1.000 23.01540 ? 361 HOH A O   1 
HETATM 1426 O O   . HOH B 2 .   ? -10.87424 15.89068  1.85977   1.000 30.78546 ? 362 HOH A O   1 
HETATM 1427 O O   . HOH B 2 .   ? -12.52621 6.84464   -10.10298 1.000 26.00849 ? 363 HOH A O   1 
HETATM 1428 O O   . HOH B 2 .   ? 4.08609   -9.49651  6.55625   1.000 26.42030 ? 364 HOH A O   1 
HETATM 1429 O O   . HOH B 2 .   ? -16.66632 7.41085   -0.61153  1.000 29.13411 ? 365 HOH A O   1 
HETATM 1430 O O   . HOH B 2 .   ? 18.59106  -2.97610  -14.83312 1.000 32.10031 ? 366 HOH A O   1 
HETATM 1431 O O   . HOH B 2 .   ? -18.28917 0.17979   -5.07901  1.000 31.26893 ? 367 HOH A O   1 
HETATM 1432 O O   . HOH B 2 .   ? 13.72532  6.86236   -15.56082 1.000 28.07830 ? 368 HOH A O   1 
HETATM 1433 O O   . HOH B 2 .   ? 3.38340   14.39237  -9.60642  1.000 33.42799 ? 369 HOH A O   1 
HETATM 1434 O O   . HOH B 2 .   ? 7.67490   10.98232  9.33469   1.000 23.74926 ? 370 HOH A O   1 
HETATM 1435 O O   . HOH B 2 .   ? -18.37172 7.28303   -7.04044  1.000 29.73964 ? 371 HOH A O   1 
HETATM 1436 O O   . HOH B 2 .   ? 19.01424  11.06953  -7.13350  1.000 25.33180 ? 372 HOH A O   1 
HETATM 1437 O O   . HOH B 2 .   ? -3.43763  -12.06097 -7.60688  1.000 31.00427 ? 373 HOH A O   1 
HETATM 1438 O O   . HOH B 2 .   ? -6.52687  12.57171  13.11879  1.000 35.73810 ? 374 HOH A O   1 
HETATM 1439 O O   . HOH B 2 .   ? 4.48624   -8.62056  4.47464   1.000 27.84810 ? 375 HOH A O   1 
HETATM 1440 O O   . HOH B 2 .   ? -3.02673  -6.93617  -17.00986 1.000 33.38232 ? 376 HOH A O   1 
HETATM 1441 O O   . HOH B 2 .   ? 5.48675   14.06384  -0.78102  1.000 20.71951 ? 377 HOH A O   1 
HETATM 1442 O O   . HOH B 2 .   ? -3.59021  -3.40096  -16.92871 1.000 20.27661 ? 378 HOH A O   1 
HETATM 1443 O O   . HOH B 2 .   ? 0.53675   16.11003  -3.35824  1.000 25.47073 ? 379 HOH A O   1 
HETATM 1444 O O   . HOH B 2 .   ? 2.18710   16.38908  -8.82308  1.000 31.64236 ? 380 HOH A O   1 
HETATM 1445 O O   . HOH B 2 .   ? 14.70666  12.90096  -3.12573  1.000 22.45344 ? 381 HOH A O   1 
HETATM 1446 O O   . HOH B 2 .   ? -13.57432 11.61677  7.11518   1.000 23.77150 ? 382 HOH A O   1 
HETATM 1447 O O   . HOH B 2 .   ? 2.96082   10.96342  8.99559   1.000 22.94751 ? 383 HOH A O   1 
HETATM 1448 O O   . HOH B 2 .   ? 11.16681  -7.66611  2.50661   1.000 31.90422 ? 384 HOH A O   1 
HETATM 1449 O O   . HOH B 2 .   ? -12.73733 -4.36512  15.79521  1.000 28.18564 ? 385 HOH A O   1 
HETATM 1450 O O   . HOH B 2 .   ? 21.86671  12.65404  -10.76462 1.000 36.36935 ? 386 HOH A O   1 
HETATM 1451 O O   . HOH B 2 .   ? 16.66679  4.82581   4.07763   1.000 29.73891 ? 387 HOH A O   1 
HETATM 1452 O O   . HOH B 2 .   ? -6.36253  -13.79211 8.68068   1.000 31.60192 ? 388 HOH A O   1 
HETATM 1453 O O   . HOH B 2 .   ? 6.53267   -10.02349 3.13531   1.000 26.30374 ? 389 HOH A O   1 
HETATM 1454 O O   . HOH B 2 .   ? -15.24593 -2.99540  -11.35443 1.000 30.58439 ? 390 HOH A O   1 
HETATM 1455 O O   . HOH B 2 .   ? -8.42480  15.75619  -2.09482  1.000 23.11699 ? 391 HOH A O   1 
HETATM 1456 O O   . HOH B 2 .   ? -1.20466  -2.96784  -15.51340 1.000 13.65636 ? 392 HOH A O   1 
HETATM 1457 O O   . HOH B 2 .   ? -13.43623 0.37508   17.29626  1.000 29.61642 ? 393 HOH A O   1 
HETATM 1458 O O   . HOH B 2 .   ? 2.80199   15.27010  -3.46599  1.000 27.63172 ? 394 HOH A O   1 
HETATM 1459 O O   . HOH B 2 .   ? -0.10048  2.12549   -15.29470 1.000 25.68581 ? 395 HOH A O   1 
HETATM 1460 O O   . HOH B 2 .   ? 14.91231  -5.79178  1.04596   1.000 28.36051 ? 396 HOH A O   1 
HETATM 1461 O O   . HOH B 2 .   ? 8.21272   -11.43040 0.79959   1.000 28.25254 ? 397 HOH A O   1 
HETATM 1462 O O   . HOH B 2 .   ? -11.46756 10.72165  8.27238   1.000 23.35465 ? 398 HOH A O   1 
HETATM 1463 O O   . HOH B 2 .   ? 3.84280   15.91323  3.00751   1.000 25.79265 ? 399 HOH A O   1 
HETATM 1464 O O   . HOH B 2 .   ? 0.62094   7.86052   14.82214  1.000 22.71687 ? 400 HOH A O   1 
HETATM 1465 O O   . HOH B 2 .   ? 8.81194   12.18804  13.56115  1.000 28.78300 ? 401 HOH A O   1 
HETATM 1466 O O   . HOH B 2 .   ? 17.80592  6.66096   6.39837   1.000 24.16727 ? 402 HOH A O   1 
HETATM 1467 O O   . HOH B 2 .   ? 15.08853  -1.61964  -15.10813 1.000 30.91311 ? 403 HOH A O   1 
HETATM 1468 O O   . HOH B 2 .   ? 3.35100   9.20116   11.01460  1.000 15.67764 ? 404 HOH A O   1 
HETATM 1469 O O   . HOH B 2 .   ? 3.85483   2.17799   -15.48265 1.000 26.51664 ? 405 HOH A O   1 
HETATM 1470 O O   . HOH B 2 .   ? -7.61331  -11.17732 5.49513   1.000 28.40561 ? 406 HOH A O   1 
HETATM 1471 O O   . HOH B 2 .   ? 15.37940  10.74662  -8.93135  1.000 22.85641 ? 407 HOH A O   1 
HETATM 1472 O O   . HOH B 2 .   ? 1.33854   5.25981   -14.87170 1.000 25.67377 ? 408 HOH A O   1 
HETATM 1473 O O   . HOH B 2 .   ? 11.97077  13.55941  -2.70721  1.000 28.92459 ? 409 HOH A O   1 
HETATM 1474 O O   . HOH B 2 .   ? 2.95414   10.65036  17.60214  1.000 29.91117 ? 410 HOH A O   1 
HETATM 1475 O O   . HOH B 2 .   ? -1.09781  8.99539   19.09887  1.000 18.89899 ? 411 HOH A O   1 
HETATM 1476 O O   . HOH B 2 .   ? 12.43252  -7.16585  0.65016   1.000 24.52487 ? 412 HOH A O   1 
HETATM 1477 O O   . HOH B 2 .   ? 18.40144  4.34562   7.62946   1.000 17.74774 ? 413 HOH A O   1 
HETATM 1478 O O   . HOH B 2 .   ? 11.64110  11.99201  -8.43805  1.000 26.14409 ? 414 HOH A O   1 
HETATM 1479 O O   . HOH B 2 .   ? 10.92927  13.50705  -5.19908  1.000 27.60202 ? 415 HOH A O   1 
HETATM 1480 O O   . HOH B 2 .   ? 21.62397  12.45168  -1.72666  1.000 25.12970 ? 416 HOH A O   1 
HETATM 1481 O O   . HOH B 2 .   ? 1.99202   9.76712   13.15625  1.000 18.48876 ? 417 HOH A O   1 
# 
